data_4UO5
#
_entry.id   4UO5
#
_cell.length_a   167.166
_cell.length_b   349.151
_cell.length_c   96.668
_cell.angle_alpha   90.00
_cell.angle_beta   90.00
_cell.angle_gamma   90.00
#
_symmetry.space_group_name_H-M   'C 2 2 21'
#
loop_
_entity.id
_entity.type
_entity.pdbx_description
1 polymer 'H3 HAEMAGGLUTININ HA1 CHAIN'
2 polymer 'H3 HAEMAGGLUTININ HA2 CHAIN'
3 branched 2-acetamido-2-deoxy-beta-D-glucopyranose-(1-4)-2-acetamido-2-deoxy-beta-D-glucopyranose
4 branched beta-D-mannopyranose-(1-4)-2-acetamido-2-deoxy-beta-D-glucopyranose-(1-4)-2-acetamido-2-deoxy-beta-D-glucopyranose
5 branched alpha-D-mannopyranose-(1-3)-[alpha-D-mannopyranose-(1-6)]beta-D-mannopyranose-(1-4)-2-acetamido-2-deoxy-beta-D-glucopyranose-(1-4)-2-acetamido-2-deoxy-beta-D-glucopyranose
6 branched 'N-acetyl-alpha-neuraminic acid-(2-3)-beta-D-galactopyranose-(1-4)-2-acetamido-2-deoxy-beta-D-glucopyranose'
7 branched 2-acetamido-2-deoxy-beta-D-glucopyranose-(1-2)-alpha-D-mannopyranose-(1-3)-beta-D-mannopyranose-(1-4)-2-acetamido-2-deoxy-beta-D-glucopyranose-(1-4)-2-acetamido-2-deoxy-beta-D-glucopyranose
8 non-polymer 2-acetamido-2-deoxy-beta-D-glucopyranose
9 non-polymer 'SULFATE ION'
10 water water
#
loop_
_entity_poly.entity_id
_entity_poly.type
_entity_poly.pdbx_seq_one_letter_code
_entity_poly.pdbx_strand_id
1 'polypeptide(L)'
;QNPISGNNTATLCLGHHAVANGTLVKTMSDDQIEVTNATELVQSISMGKICNKSYRILDGRNCTLIDAMLGDPHCDAFQY
ESWDLFIERSNAFSNCYPYDIPDYASLRSIVASSGTVEFTAEGFTWTGVTQNGRSGACKRGSADSFFSRLNWLTKSGSSY
PTLNVTMPNNKNFDKLYIWGIHHPSSNQEQTKLYIQESGRVTVSTKRSQQTIIPNIGSRPLVRGQSGRISIYWTIVKPGD
ILMINSNGNLVAPRGYFKLNTGKSSVMRSDVPIDICVSECITPNGSISNDKPFQNVNKVTYGKCPKYIRQNTLKLATGMR
NVPEKQTR
;
A,C,E
2 'polypeptide(L)'
;GIFGAIAGFIENGWEGMVDGWYGFRYQNSEGTGQAADLKSTQAAIDQINGKLNRVIERTNEKFHQIEKEFSEVEGRIQDL
EKYVEDTKIDLWSYNAELLVALENQHTIDLTDAEMNKLFEKTRRQLRENAEDMGDGCFKIYHKCDNACIESIRTGTYDHY
IYRDEALNNRFQSGR
;
B,D,F
#
# COMPACT_ATOMS: atom_id res chain seq x y z
N ASN A 7 -19.89 -45.34 -47.05
CA ASN A 7 -19.35 -44.87 -48.36
C ASN A 7 -17.94 -45.41 -48.62
N ASN A 8 -17.23 -44.81 -49.57
CA ASN A 8 -15.82 -45.11 -49.84
C ASN A 8 -14.90 -44.12 -49.09
N THR A 9 -15.49 -43.31 -48.22
CA THR A 9 -14.75 -42.27 -47.50
C THR A 9 -15.12 -42.28 -46.01
N ALA A 10 -14.70 -41.23 -45.31
CA ALA A 10 -15.01 -41.04 -43.89
C ALA A 10 -14.84 -39.57 -43.50
N THR A 11 -15.66 -39.11 -42.57
CA THR A 11 -15.53 -37.74 -42.05
C THR A 11 -15.23 -37.77 -40.55
N LEU A 12 -14.15 -37.10 -40.15
CA LEU A 12 -13.77 -37.03 -38.73
C LEU A 12 -13.81 -35.58 -38.23
N CYS A 13 -14.71 -35.31 -37.29
CA CYS A 13 -14.90 -33.95 -36.80
C CYS A 13 -14.34 -33.78 -35.41
N LEU A 14 -13.73 -32.62 -35.18
CA LEU A 14 -13.22 -32.27 -33.87
C LEU A 14 -14.12 -31.22 -33.24
N GLY A 15 -14.22 -31.26 -31.92
CA GLY A 15 -15.07 -30.33 -31.19
C GLY A 15 -14.80 -30.36 -29.71
N HIS A 16 -15.60 -29.61 -28.97
CA HIS A 16 -15.44 -29.44 -27.53
C HIS A 16 -16.80 -29.42 -26.86
N HIS A 17 -16.82 -29.59 -25.54
CA HIS A 17 -18.10 -29.67 -24.82
C HIS A 17 -18.74 -28.30 -24.59
N ALA A 18 -20.00 -28.34 -24.15
CA ALA A 18 -20.77 -27.15 -23.78
C ALA A 18 -21.81 -27.54 -22.74
N VAL A 19 -22.31 -26.54 -22.01
CA VAL A 19 -23.29 -26.78 -20.95
C VAL A 19 -24.55 -25.94 -21.16
N ALA A 20 -25.61 -26.27 -20.42
CA ALA A 20 -26.86 -25.51 -20.42
C ALA A 20 -26.81 -24.32 -19.45
N ASN A 21 -26.28 -24.54 -18.24
CA ASN A 21 -26.11 -23.45 -17.28
C ASN A 21 -24.77 -22.71 -17.41
N GLY A 22 -24.65 -21.92 -18.47
CA GLY A 22 -23.47 -21.09 -18.67
C GLY A 22 -23.42 -19.95 -17.67
N THR A 23 -22.28 -19.29 -17.57
CA THR A 23 -22.08 -18.17 -16.64
C THR A 23 -21.13 -17.11 -17.20
N LEU A 24 -21.44 -15.84 -16.92
CA LEU A 24 -20.72 -14.70 -17.49
C LEU A 24 -19.54 -14.26 -16.64
N VAL A 25 -18.38 -14.08 -17.29
CA VAL A 25 -17.17 -13.61 -16.61
C VAL A 25 -16.54 -12.42 -17.34
N LYS A 26 -15.55 -11.80 -16.71
CA LYS A 26 -14.87 -10.62 -17.26
C LYS A 26 -13.41 -10.95 -17.58
N THR A 27 -13.00 -10.62 -18.81
CA THR A 27 -11.62 -10.84 -19.24
C THR A 27 -10.95 -9.49 -19.51
N MET A 28 -9.83 -9.50 -20.24
CA MET A 28 -9.19 -8.25 -20.66
C MET A 28 -9.77 -7.79 -21.99
N SER A 29 -10.36 -8.72 -22.73
CA SER A 29 -10.92 -8.46 -24.05
C SER A 29 -12.41 -8.14 -24.01
N ASP A 30 -13.11 -8.71 -23.03
CA ASP A 30 -14.57 -8.64 -22.97
C ASP A 30 -15.10 -8.31 -21.59
N ASP A 31 -16.06 -7.39 -21.54
CA ASP A 31 -16.72 -7.00 -20.29
C ASP A 31 -17.53 -8.16 -19.71
N GLN A 32 -18.21 -8.90 -20.58
CA GLN A 32 -18.96 -10.10 -20.20
C GLN A 32 -18.77 -11.17 -21.27
N ILE A 33 -18.35 -12.37 -20.87
CA ILE A 33 -18.27 -13.51 -21.79
C ILE A 33 -18.70 -14.81 -21.11
N GLU A 34 -19.42 -15.65 -21.85
CA GLU A 34 -19.99 -16.88 -21.30
C GLU A 34 -18.99 -18.03 -21.26
N VAL A 35 -18.70 -18.53 -20.06
CA VAL A 35 -17.90 -19.75 -19.88
C VAL A 35 -18.73 -20.90 -19.30
N THR A 36 -18.19 -22.11 -19.37
CA THR A 36 -18.90 -23.29 -18.88
C THR A 36 -19.05 -23.29 -17.36
N ASN A 37 -18.03 -22.81 -16.65
CA ASN A 37 -18.03 -22.84 -15.20
C ASN A 37 -17.19 -21.71 -14.62
N ALA A 38 -17.60 -21.22 -13.45
CA ALA A 38 -16.87 -20.17 -12.74
C ALA A 38 -17.06 -20.31 -11.24
N THR A 39 -16.22 -19.62 -10.47
CA THR A 39 -16.28 -19.69 -9.01
C THR A 39 -16.20 -18.30 -8.38
N GLU A 40 -16.89 -18.12 -7.25
CA GLU A 40 -16.91 -16.83 -6.58
C GLU A 40 -15.66 -16.66 -5.75
N LEU A 41 -15.02 -15.51 -5.94
CA LEU A 41 -13.77 -15.19 -5.25
C LEU A 41 -13.95 -14.27 -4.04
N VAL A 42 -15.17 -13.76 -3.85
CA VAL A 42 -15.46 -12.86 -2.72
C VAL A 42 -16.50 -13.45 -1.75
N GLN A 43 -16.10 -13.60 -0.49
CA GLN A 43 -16.99 -14.01 0.58
C GLN A 43 -17.88 -12.84 1.01
N SER A 44 -19.19 -13.03 0.94
CA SER A 44 -20.16 -11.96 1.09
C SER A 44 -21.06 -12.14 2.32
N ILE A 45 -21.40 -13.40 2.60
CA ILE A 45 -22.23 -13.77 3.74
C ILE A 45 -21.35 -14.09 4.94
N SER A 46 -21.75 -13.61 6.13
CA SER A 46 -21.15 -14.06 7.38
C SER A 46 -21.99 -15.19 7.98
N MET A 47 -21.59 -15.66 9.15
CA MET A 47 -22.32 -16.74 9.83
C MET A 47 -23.39 -16.22 10.81
N GLY A 48 -23.45 -14.89 10.96
CA GLY A 48 -24.42 -14.26 11.87
C GLY A 48 -24.10 -14.42 13.35
N LYS A 49 -23.02 -15.14 13.63
CA LYS A 49 -22.59 -15.47 14.99
C LYS A 49 -21.07 -15.60 15.05
N ILE A 50 -20.53 -15.52 16.27
CA ILE A 50 -19.09 -15.68 16.49
C ILE A 50 -18.79 -17.09 17.04
N CYS A 51 -17.94 -17.84 16.35
CA CYS A 51 -17.62 -19.20 16.74
C CYS A 51 -16.51 -19.23 17.77
N ASN A 52 -16.70 -19.99 18.84
CA ASN A 52 -15.77 -20.02 19.97
C ASN A 52 -14.75 -21.16 19.99
N LYS A 53 -14.85 -22.07 19.02
CA LYS A 53 -13.79 -23.03 18.75
C LYS A 53 -12.78 -22.38 17.80
N SER A 54 -11.54 -22.89 17.81
CA SER A 54 -10.40 -22.27 17.11
C SER A 54 -9.67 -21.28 18.02
N TYR A 55 -10.37 -20.21 18.43
CA TYR A 55 -9.79 -19.21 19.32
C TYR A 55 -10.56 -19.09 20.61
N ARG A 56 -9.86 -18.82 21.71
CA ARG A 56 -10.51 -18.52 22.98
C ARG A 56 -11.19 -17.16 22.90
N ILE A 57 -12.52 -17.19 22.85
CA ILE A 57 -13.34 -15.99 22.74
C ILE A 57 -13.92 -15.68 24.12
N LEU A 58 -13.80 -14.41 24.53
CA LEU A 58 -14.32 -13.96 25.82
C LEU A 58 -15.36 -12.87 25.64
N ASP A 59 -16.59 -13.17 26.06
CA ASP A 59 -17.66 -12.20 26.06
C ASP A 59 -17.41 -11.20 27.19
N GLY A 60 -17.32 -9.92 26.85
CA GLY A 60 -17.16 -8.88 27.86
C GLY A 60 -18.46 -8.56 28.57
N ARG A 61 -19.58 -8.89 27.92
CA ARG A 61 -20.92 -8.68 28.47
C ARG A 61 -21.17 -7.23 28.87
N ASN A 62 -21.34 -6.98 30.17
CA ASN A 62 -21.57 -5.63 30.66
C ASN A 62 -20.27 -4.84 30.88
N CYS A 63 -19.12 -5.48 30.63
CA CYS A 63 -17.83 -4.92 31.00
C CYS A 63 -16.93 -4.57 29.82
N THR A 64 -16.37 -3.36 29.84
CA THR A 64 -15.31 -3.00 28.90
C THR A 64 -14.03 -3.69 29.37
N LEU A 65 -13.03 -3.73 28.51
CA LEU A 65 -11.75 -4.33 28.88
C LEU A 65 -11.08 -3.59 30.04
N ILE A 66 -11.03 -2.25 29.96
CA ILE A 66 -10.43 -1.41 31.00
C ILE A 66 -11.12 -1.59 32.36
N ASP A 67 -12.46 -1.54 32.36
CA ASP A 67 -13.25 -1.80 33.57
C ASP A 67 -12.86 -3.12 34.24
N ALA A 68 -12.70 -4.15 33.41
CA ALA A 68 -12.35 -5.50 33.85
C ALA A 68 -10.98 -5.57 34.50
N MET A 69 -10.01 -4.82 33.97
CA MET A 69 -8.68 -4.86 34.55
C MET A 69 -8.54 -3.97 35.78
N LEU A 70 -9.30 -2.87 35.84
CA LEU A 70 -9.28 -2.00 37.01
C LEU A 70 -9.91 -2.65 38.24
N GLY A 71 -10.90 -3.51 38.01
CA GLY A 71 -11.57 -4.20 39.10
C GLY A 71 -12.83 -3.50 39.56
N ASP A 72 -13.60 -3.00 38.60
CA ASP A 72 -14.93 -2.47 38.82
C ASP A 72 -15.80 -3.62 39.35
N PRO A 73 -16.54 -3.37 40.44
CA PRO A 73 -17.34 -4.41 41.13
C PRO A 73 -18.22 -5.29 40.24
N HIS A 74 -18.93 -4.71 39.27
CA HIS A 74 -19.77 -5.52 38.39
C HIS A 74 -18.95 -6.32 37.37
N CYS A 75 -17.62 -6.13 37.40
CA CYS A 75 -16.68 -6.86 36.53
C CYS A 75 -15.86 -7.91 37.25
N ASP A 76 -16.19 -8.20 38.50
CA ASP A 76 -15.43 -9.15 39.33
C ASP A 76 -15.16 -10.51 38.69
N ALA A 77 -16.12 -11.05 37.95
CA ALA A 77 -15.96 -12.37 37.32
C ALA A 77 -14.80 -12.47 36.31
N PHE A 78 -14.25 -11.33 35.92
CA PHE A 78 -13.19 -11.31 34.92
C PHE A 78 -11.76 -11.34 35.52
N GLN A 79 -11.67 -11.25 36.84
CA GLN A 79 -10.38 -11.25 37.56
C GLN A 79 -9.30 -12.23 37.08
N TYR A 80 -9.71 -13.43 36.67
CA TYR A 80 -8.78 -14.49 36.29
C TYR A 80 -8.88 -14.87 34.81
N GLU A 81 -9.47 -13.98 34.02
CA GLU A 81 -9.78 -14.29 32.63
C GLU A 81 -8.66 -14.02 31.61
N SER A 82 -8.59 -14.90 30.62
CA SER A 82 -7.66 -14.78 29.50
C SER A 82 -8.41 -15.00 28.20
N TRP A 83 -7.82 -14.53 27.09
CA TRP A 83 -8.51 -14.57 25.80
C TRP A 83 -7.54 -14.51 24.63
N ASP A 84 -8.02 -14.98 23.48
CA ASP A 84 -7.39 -14.66 22.20
C ASP A 84 -8.08 -13.40 21.68
N LEU A 85 -9.40 -13.35 21.85
CA LEU A 85 -10.19 -12.19 21.45
C LEU A 85 -11.24 -11.84 22.51
N PHE A 86 -11.21 -10.59 22.95
CA PHE A 86 -12.16 -10.04 23.91
C PHE A 86 -13.22 -9.25 23.14
N ILE A 87 -14.48 -9.64 23.29
CA ILE A 87 -15.58 -8.95 22.63
C ILE A 87 -16.18 -7.89 23.56
N GLU A 88 -16.03 -6.62 23.20
CA GLU A 88 -16.76 -5.55 23.88
C GLU A 88 -18.13 -5.30 23.23
N ARG A 89 -19.16 -5.19 24.06
CA ARG A 89 -20.54 -4.92 23.63
C ARG A 89 -20.90 -3.45 23.83
N SER A 90 -21.80 -2.93 23.01
CA SER A 90 -22.26 -1.53 23.11
C SER A 90 -22.85 -1.22 24.48
N ASN A 91 -23.60 -2.18 25.02
CA ASN A 91 -24.32 -2.02 26.27
C ASN A 91 -23.43 -1.89 27.48
N ALA A 92 -22.14 -2.20 27.31
CA ALA A 92 -21.18 -2.12 28.42
C ALA A 92 -21.25 -0.75 29.07
N PHE A 93 -21.19 -0.76 30.40
CA PHE A 93 -21.21 0.46 31.19
C PHE A 93 -20.19 0.35 32.33
N SER A 94 -19.78 1.50 32.86
CA SER A 94 -18.93 1.56 34.03
C SER A 94 -19.81 1.75 35.26
N ASN A 95 -19.37 1.26 36.41
CA ASN A 95 -20.20 1.33 37.62
C ASN A 95 -19.38 1.51 38.90
N CYS A 96 -18.20 2.08 38.76
CA CYS A 96 -17.34 2.40 39.90
C CYS A 96 -17.11 3.92 40.00
N TYR A 97 -16.06 4.35 40.69
CA TYR A 97 -15.75 5.78 40.82
C TYR A 97 -15.46 6.39 39.45
N PRO A 98 -16.01 7.60 39.17
CA PRO A 98 -15.80 8.25 37.87
C PRO A 98 -14.32 8.51 37.62
N TYR A 99 -13.87 8.18 36.42
CA TYR A 99 -12.45 8.28 36.07
C TYR A 99 -12.25 8.68 34.62
N ASP A 100 -11.02 9.02 34.29
CA ASP A 100 -10.58 9.12 32.90
C ASP A 100 -9.16 8.61 32.80
N ILE A 101 -8.79 8.12 31.62
CA ILE A 101 -7.44 7.67 31.38
C ILE A 101 -6.88 8.51 30.24
N PRO A 102 -5.92 9.40 30.53
CA PRO A 102 -5.23 10.10 29.42
C PRO A 102 -4.53 9.04 28.57
N ASP A 103 -4.81 9.05 27.27
CA ASP A 103 -4.35 8.01 26.34
C ASP A 103 -5.01 6.65 26.66
N TYR A 104 -6.33 6.69 26.78
CA TYR A 104 -7.16 5.52 27.08
C TYR A 104 -6.96 4.40 26.05
N ALA A 105 -6.95 4.78 24.77
CA ALA A 105 -6.87 3.84 23.65
C ALA A 105 -5.59 3.01 23.66
N SER A 106 -4.48 3.60 24.07
CA SER A 106 -3.22 2.87 24.10
C SER A 106 -3.23 1.82 25.18
N LEU A 107 -3.69 2.18 26.37
CA LEU A 107 -3.75 1.20 27.47
C LEU A 107 -4.67 0.04 27.09
N ARG A 108 -5.80 0.37 26.46
CA ARG A 108 -6.73 -0.64 25.97
C ARG A 108 -6.03 -1.58 24.99
N SER A 109 -5.21 -0.97 24.12
CA SER A 109 -4.44 -1.70 23.13
C SER A 109 -3.37 -2.58 23.78
N ILE A 110 -2.61 -2.01 24.71
CA ILE A 110 -1.57 -2.75 25.42
C ILE A 110 -2.15 -3.96 26.15
N VAL A 111 -3.21 -3.73 26.92
CA VAL A 111 -3.88 -4.80 27.66
C VAL A 111 -4.50 -5.86 26.73
N ALA A 112 -5.14 -5.39 25.66
CA ALA A 112 -5.72 -6.28 24.65
C ALA A 112 -4.69 -7.26 24.10
N SER A 113 -3.51 -6.76 23.75
CA SER A 113 -2.42 -7.58 23.25
C SER A 113 -1.93 -8.60 24.26
N SER A 114 -1.92 -8.19 25.53
CA SER A 114 -1.42 -9.03 26.62
C SER A 114 -2.33 -10.23 26.86
N GLY A 115 -3.61 -10.08 26.55
CA GLY A 115 -4.56 -11.20 26.54
C GLY A 115 -4.98 -11.71 27.91
N THR A 116 -4.78 -10.89 28.94
CA THR A 116 -5.10 -11.27 30.31
C THR A 116 -5.29 -10.05 31.24
N VAL A 117 -6.12 -10.23 32.25
CA VAL A 117 -6.22 -9.25 33.33
C VAL A 117 -5.85 -9.89 34.68
N GLU A 118 -5.23 -11.07 34.63
CA GLU A 118 -4.71 -11.72 35.83
C GLU A 118 -3.77 -10.78 36.57
N PHE A 119 -3.92 -10.74 37.88
CA PHE A 119 -3.27 -9.73 38.71
C PHE A 119 -2.44 -10.42 39.78
N THR A 120 -1.23 -9.90 39.99
CA THR A 120 -0.36 -10.40 41.06
C THR A 120 -0.17 -9.31 42.10
N ALA A 121 -0.66 -9.58 43.30
CA ALA A 121 -0.56 -8.64 44.41
C ALA A 121 0.88 -8.55 44.95
N GLU A 122 1.25 -7.37 45.43
CA GLU A 122 2.57 -7.16 46.03
C GLU A 122 2.45 -6.47 47.38
N GLY A 123 3.40 -6.75 48.26
CA GLY A 123 3.39 -6.19 49.61
C GLY A 123 3.93 -4.76 49.71
N PHE A 124 3.10 -3.80 49.33
CA PHE A 124 3.44 -2.38 49.48
C PHE A 124 3.18 -1.93 50.90
N THR A 125 4.07 -1.10 51.44
CA THR A 125 3.89 -0.56 52.80
C THR A 125 3.57 0.93 52.72
N TRP A 126 2.36 1.28 53.15
CA TRP A 126 1.92 2.67 53.15
C TRP A 126 1.86 3.21 54.58
N THR A 127 3.00 3.72 55.05
CA THR A 127 3.15 4.13 56.45
C THR A 127 2.60 5.53 56.70
N GLY A 128 1.78 5.63 57.75
CA GLY A 128 1.26 6.91 58.24
C GLY A 128 -0.01 7.39 57.57
N VAL A 129 -0.59 6.54 56.72
CA VAL A 129 -1.85 6.86 56.07
C VAL A 129 -2.88 5.77 56.34
N THR A 130 -4.14 6.06 56.03
CA THR A 130 -5.17 5.05 56.08
C THR A 130 -5.47 4.58 54.65
N GLN A 131 -5.58 3.25 54.50
CA GLN A 131 -5.74 2.60 53.21
C GLN A 131 -7.19 2.20 52.92
N ASN A 132 -7.40 1.58 51.76
CA ASN A 132 -8.70 1.02 51.37
C ASN A 132 -9.87 2.01 51.38
N GLY A 133 -9.64 3.21 50.87
CA GLY A 133 -10.70 4.22 50.73
C GLY A 133 -11.85 3.75 49.86
N ARG A 134 -13.08 4.02 50.30
CA ARG A 134 -14.28 3.51 49.66
C ARG A 134 -15.16 4.65 49.13
N SER A 135 -16.10 4.32 48.25
CA SER A 135 -17.03 5.31 47.70
C SER A 135 -18.42 4.72 47.41
N GLY A 136 -19.44 5.53 47.65
CA GLY A 136 -20.82 5.19 47.30
C GLY A 136 -21.06 5.13 45.80
N ALA A 137 -20.13 5.66 45.01
CA ALA A 137 -20.20 5.61 43.54
C ALA A 137 -19.76 4.25 43.01
N CYS A 138 -19.22 3.43 43.91
CA CYS A 138 -18.68 2.13 43.56
C CYS A 138 -19.12 1.10 44.61
N LYS A 139 -20.25 0.44 44.36
CA LYS A 139 -20.82 -0.51 45.31
C LYS A 139 -20.48 -1.96 44.96
N ARG A 140 -19.86 -2.67 45.90
CA ARG A 140 -19.64 -4.10 45.75
C ARG A 140 -20.77 -4.83 46.47
N GLY A 141 -21.72 -5.32 45.67
CA GLY A 141 -22.94 -5.90 46.20
C GLY A 141 -23.76 -4.90 46.99
N SER A 142 -23.42 -4.76 48.27
CA SER A 142 -24.21 -3.95 49.20
C SER A 142 -23.48 -2.68 49.65
N ALA A 143 -22.22 -2.85 50.08
CA ALA A 143 -21.47 -1.77 50.73
C ALA A 143 -20.67 -0.90 49.75
N ASP A 144 -20.29 0.29 50.22
CA ASP A 144 -19.35 1.14 49.50
C ASP A 144 -18.06 0.38 49.26
N SER A 145 -17.43 0.65 48.11
CA SER A 145 -16.21 -0.02 47.71
C SER A 145 -15.42 0.86 46.75
N PHE A 146 -14.54 0.22 45.98
CA PHE A 146 -13.61 0.90 45.10
C PHE A 146 -13.03 -0.15 44.16
N PHE A 147 -12.29 0.29 43.14
CA PHE A 147 -11.59 -0.63 42.23
C PHE A 147 -10.73 -1.61 43.04
N SER A 148 -10.92 -2.91 42.77
CA SER A 148 -10.21 -3.95 43.51
C SER A 148 -8.70 -3.98 43.23
N ARG A 149 -8.27 -3.37 42.12
CA ARG A 149 -6.85 -3.36 41.78
C ARG A 149 -6.12 -2.08 42.19
N LEU A 150 -6.88 -1.12 42.73
CA LEU A 150 -6.33 0.13 43.21
C LEU A 150 -6.53 0.33 44.72
N ASN A 151 -5.70 1.19 45.31
CA ASN A 151 -5.72 1.43 46.74
C ASN A 151 -5.78 2.94 47.02
N TRP A 152 -6.98 3.42 47.34
CA TRP A 152 -7.20 4.83 47.62
C TRP A 152 -6.64 5.15 49.00
N LEU A 153 -5.64 6.03 49.05
CA LEU A 153 -4.99 6.36 50.32
C LEU A 153 -5.43 7.73 50.85
N THR A 154 -5.72 7.79 52.15
CA THR A 154 -6.09 9.03 52.80
C THR A 154 -5.32 9.25 54.11
N LYS A 155 -5.42 10.46 54.65
CA LYS A 155 -4.80 10.88 55.90
C LYS A 155 -5.24 10.04 57.10
N SER A 156 -4.26 9.61 57.90
CA SER A 156 -4.54 8.95 59.18
C SER A 156 -4.23 9.90 60.32
N GLY A 157 -5.14 9.98 61.29
CA GLY A 157 -5.06 11.00 62.34
C GLY A 157 -5.21 12.38 61.72
N SER A 158 -4.15 13.19 61.78
CA SER A 158 -4.12 14.48 61.09
C SER A 158 -2.79 14.65 60.36
N SER A 159 -2.29 13.55 59.79
CA SER A 159 -1.03 13.55 59.06
C SER A 159 -1.13 12.79 57.75
N TYR A 160 -0.47 13.33 56.71
CA TYR A 160 -0.22 12.61 55.49
C TYR A 160 1.27 12.76 55.17
N PRO A 161 2.12 11.87 55.73
CA PRO A 161 3.55 11.95 55.48
C PRO A 161 3.87 11.75 54.01
N THR A 162 4.96 12.39 53.55
CA THR A 162 5.46 12.18 52.20
C THR A 162 5.79 10.70 52.00
N LEU A 163 4.96 10.02 51.22
CA LEU A 163 5.14 8.60 50.98
C LEU A 163 6.31 8.37 50.05
N ASN A 164 7.19 7.47 50.47
CA ASN A 164 8.38 7.14 49.70
C ASN A 164 8.55 5.63 49.68
N VAL A 165 7.92 5.01 48.70
CA VAL A 165 7.82 3.55 48.64
C VAL A 165 8.57 3.03 47.42
N THR A 166 9.17 1.86 47.55
CA THR A 166 9.96 1.26 46.50
C THR A 166 9.52 -0.19 46.20
N MET A 167 9.72 -0.66 44.97
CA MET A 167 9.38 -2.03 44.58
C MET A 167 10.27 -2.53 43.43
N PRO A 168 11.20 -3.45 43.74
CA PRO A 168 12.16 -3.95 42.74
C PRO A 168 11.61 -5.06 41.83
N ASN A 169 11.93 -4.98 40.55
CA ASN A 169 11.56 -6.02 39.58
C ASN A 169 12.69 -7.04 39.39
N ASN A 170 12.59 -8.15 40.11
CA ASN A 170 13.61 -9.20 40.09
C ASN A 170 13.24 -10.39 39.19
N LYS A 171 12.13 -10.26 38.48
CA LYS A 171 11.66 -11.29 37.56
C LYS A 171 12.25 -11.04 36.18
N ASN A 172 12.04 -11.96 35.24
CA ASN A 172 12.60 -11.82 33.89
C ASN A 172 11.64 -11.24 32.83
N PHE A 173 10.51 -10.72 33.26
CA PHE A 173 9.52 -10.11 32.36
C PHE A 173 9.22 -8.66 32.74
N ASP A 174 8.59 -7.93 31.83
CA ASP A 174 8.13 -6.57 32.12
C ASP A 174 6.88 -6.63 32.99
N LYS A 175 6.82 -5.76 34.00
CA LYS A 175 5.62 -5.59 34.82
C LYS A 175 4.89 -4.33 34.39
N LEU A 176 3.56 -4.43 34.28
CA LEU A 176 2.74 -3.25 34.05
C LEU A 176 2.05 -2.84 35.36
N TYR A 177 2.32 -1.61 35.80
CA TYR A 177 1.73 -1.06 37.01
C TYR A 177 0.69 0.00 36.67
N ILE A 178 -0.51 -0.16 37.24
CA ILE A 178 -1.57 0.79 37.05
C ILE A 178 -1.76 1.53 38.34
N TRP A 179 -1.83 2.86 38.25
CA TRP A 179 -2.05 3.71 39.41
C TRP A 179 -2.89 4.91 39.01
N GLY A 180 -3.10 5.83 39.94
CA GLY A 180 -3.88 7.02 39.65
C GLY A 180 -3.75 8.14 40.67
N ILE A 181 -4.50 9.20 40.45
CA ILE A 181 -4.51 10.35 41.34
C ILE A 181 -5.95 10.81 41.53
N HIS A 182 -6.27 11.32 42.70
CA HIS A 182 -7.63 11.80 42.97
C HIS A 182 -7.76 13.32 42.79
N HIS A 183 -8.72 13.75 41.98
CA HIS A 183 -9.05 15.16 41.87
C HIS A 183 -10.26 15.46 42.76
N PRO A 184 -10.05 16.19 43.88
CA PRO A 184 -11.17 16.56 44.76
C PRO A 184 -12.04 17.65 44.15
N SER A 185 -13.22 17.85 44.73
CA SER A 185 -14.18 18.85 44.25
C SER A 185 -13.97 20.26 44.82
N SER A 186 -13.45 20.35 46.04
CA SER A 186 -13.20 21.65 46.68
C SER A 186 -11.91 21.62 47.49
N ASN A 187 -11.36 22.81 47.76
CA ASN A 187 -10.16 22.95 48.61
C ASN A 187 -10.41 22.41 50.00
N GLN A 188 -11.66 22.50 50.44
CA GLN A 188 -12.10 21.95 51.71
C GLN A 188 -11.95 20.43 51.72
N GLU A 189 -12.29 19.80 50.59
CA GLU A 189 -12.18 18.35 50.46
C GLU A 189 -10.73 17.89 50.40
N GLN A 190 -9.90 18.68 49.71
CA GLN A 190 -8.47 18.41 49.55
C GLN A 190 -7.70 18.38 50.88
N THR A 191 -8.12 19.22 51.83
CA THR A 191 -7.47 19.28 53.14
C THR A 191 -8.08 18.29 54.14
N LYS A 192 -9.27 17.79 53.82
CA LYS A 192 -9.98 16.86 54.71
C LYS A 192 -9.49 15.42 54.53
N LEU A 193 -9.19 15.02 53.29
CA LEU A 193 -8.75 13.65 52.98
C LEU A 193 -7.22 13.52 53.00
N TYR A 194 -6.53 14.59 52.63
CA TYR A 194 -5.08 14.65 52.63
C TYR A 194 -4.78 15.91 53.44
N ILE A 195 -3.59 16.05 53.98
CA ILE A 195 -3.35 17.23 54.82
C ILE A 195 -3.01 18.46 53.97
N GLN A 196 -2.08 18.28 53.05
CA GLN A 196 -1.51 19.37 52.27
C GLN A 196 -2.55 20.02 51.34
N GLU A 197 -2.36 21.31 51.07
CA GLU A 197 -3.26 22.08 50.20
C GLU A 197 -3.13 21.65 48.75
N SER A 198 -1.96 21.13 48.40
CA SER A 198 -1.66 20.69 47.05
C SER A 198 -0.86 19.40 47.11
N GLY A 199 -1.45 18.31 46.62
CA GLY A 199 -0.76 17.04 46.54
C GLY A 199 0.09 16.92 45.28
N ARG A 200 0.72 15.74 45.12
CA ARG A 200 1.41 15.37 43.89
C ARG A 200 1.76 13.89 43.98
N VAL A 201 1.94 13.28 42.80
CA VAL A 201 2.42 11.91 42.71
C VAL A 201 3.56 11.86 41.71
N THR A 202 4.70 11.33 42.14
CA THR A 202 5.81 11.08 41.24
C THR A 202 6.12 9.59 41.20
N VAL A 203 5.86 8.97 40.06
CA VAL A 203 6.16 7.55 39.87
C VAL A 203 7.33 7.45 38.90
N SER A 204 8.42 6.85 39.38
CA SER A 204 9.70 6.87 38.69
C SER A 204 10.36 5.52 38.63
N THR A 205 11.21 5.34 37.61
CA THR A 205 12.13 4.21 37.53
C THR A 205 13.52 4.82 37.37
N LYS A 206 14.50 3.98 37.03
CA LYS A 206 15.86 4.47 36.75
C LYS A 206 15.94 5.20 35.41
N ARG A 207 15.00 4.87 34.52
CA ARG A 207 15.05 5.32 33.13
C ARG A 207 13.88 6.22 32.74
N SER A 208 12.86 6.33 33.59
CA SER A 208 11.68 7.12 33.27
C SER A 208 11.07 7.77 34.52
N GLN A 209 10.19 8.74 34.30
CA GLN A 209 9.49 9.41 35.40
C GLN A 209 8.19 10.07 34.95
N GLN A 210 7.20 10.07 35.83
CA GLN A 210 5.96 10.84 35.61
C GLN A 210 5.58 11.54 36.89
N THR A 211 5.26 12.83 36.78
CA THR A 211 4.66 13.55 37.90
C THR A 211 3.34 14.16 37.48
N ILE A 212 2.31 13.89 38.29
CA ILE A 212 0.96 14.39 38.06
C ILE A 212 0.54 15.26 39.24
N ILE A 213 0.02 16.45 38.91
CA ILE A 213 -0.52 17.36 39.92
C ILE A 213 -2.06 17.28 39.88
N PRO A 214 -2.69 17.08 41.05
CA PRO A 214 -4.15 17.03 41.08
C PRO A 214 -4.77 18.42 40.88
N ASN A 215 -5.98 18.45 40.31
CA ASN A 215 -6.66 19.70 40.04
C ASN A 215 -8.00 19.78 40.75
N ILE A 216 -8.12 20.71 41.70
CA ILE A 216 -9.32 20.86 42.50
C ILE A 216 -10.44 21.48 41.66
N GLY A 217 -11.69 21.21 42.03
CA GLY A 217 -12.83 21.76 41.30
C GLY A 217 -14.00 20.82 41.08
N SER A 218 -15.18 21.42 40.89
CA SER A 218 -16.41 20.67 40.67
C SER A 218 -16.48 20.13 39.25
N ARG A 219 -16.89 18.87 39.14
CA ARG A 219 -17.23 18.23 37.87
C ARG A 219 -18.70 17.81 37.88
N PRO A 220 -19.28 17.54 36.70
CA PRO A 220 -20.61 16.93 36.67
C PRO A 220 -20.74 15.72 37.59
N LEU A 221 -21.83 15.68 38.34
CA LEU A 221 -22.12 14.59 39.27
C LEU A 221 -22.32 13.32 38.46
N VAL A 222 -21.49 12.32 38.74
CA VAL A 222 -21.64 11.00 38.15
C VAL A 222 -21.74 9.99 39.29
N ARG A 223 -22.88 9.31 39.38
CA ARG A 223 -23.11 8.25 40.36
C ARG A 223 -22.92 8.81 41.77
N GLY A 224 -23.32 10.06 41.96
CA GLY A 224 -23.25 10.72 43.27
C GLY A 224 -22.06 11.61 43.53
N GLN A 225 -20.92 11.33 42.90
CA GLN A 225 -19.68 12.08 43.18
C GLN A 225 -19.26 13.06 42.09
N SER A 226 -18.72 14.20 42.52
CA SER A 226 -18.23 15.23 41.60
C SER A 226 -16.70 15.26 41.53
N GLY A 227 -16.05 14.50 42.40
CA GLY A 227 -14.61 14.27 42.29
C GLY A 227 -14.28 13.28 41.19
N ARG A 228 -12.99 13.15 40.86
CA ARG A 228 -12.54 12.27 39.78
C ARG A 228 -11.20 11.62 40.10
N ILE A 229 -10.90 10.55 39.39
CA ILE A 229 -9.61 9.90 39.44
C ILE A 229 -9.09 9.81 38.02
N SER A 230 -7.80 10.11 37.83
CA SER A 230 -7.16 9.92 36.54
C SER A 230 -6.16 8.77 36.63
N ILE A 231 -6.20 7.88 35.65
CA ILE A 231 -5.37 6.68 35.67
C ILE A 231 -4.16 6.81 34.78
N TYR A 232 -3.02 6.33 35.29
CA TYR A 232 -1.78 6.29 34.53
C TYR A 232 -1.12 4.91 34.66
N TRP A 233 -0.18 4.60 33.77
CA TRP A 233 0.56 3.34 33.84
C TRP A 233 2.08 3.51 33.75
N THR A 234 2.79 2.48 34.19
CA THR A 234 4.26 2.47 34.17
C THR A 234 4.71 1.04 33.90
N ILE A 235 5.60 0.87 32.94
CA ILE A 235 6.20 -0.43 32.69
C ILE A 235 7.59 -0.47 33.31
N VAL A 236 7.80 -1.42 34.21
CA VAL A 236 9.08 -1.57 34.89
C VAL A 236 9.83 -2.75 34.27
N LYS A 237 11.02 -2.50 33.75
CA LYS A 237 11.81 -3.52 33.06
C LYS A 237 12.53 -4.42 34.06
N PRO A 238 12.85 -5.67 33.66
CA PRO A 238 13.57 -6.55 34.58
C PRO A 238 14.91 -5.93 34.98
N GLY A 239 15.16 -5.85 36.28
CA GLY A 239 16.37 -5.20 36.80
C GLY A 239 16.11 -3.80 37.33
N ASP A 240 15.07 -3.14 36.81
CA ASP A 240 14.72 -1.79 37.23
C ASP A 240 13.90 -1.84 38.52
N ILE A 241 13.43 -0.68 38.96
CA ILE A 241 12.83 -0.54 40.29
C ILE A 241 11.78 0.59 40.33
N LEU A 242 10.54 0.22 40.63
CA LEU A 242 9.47 1.20 40.79
C LEU A 242 9.60 1.99 42.09
N MET A 243 9.54 3.31 41.96
CA MET A 243 9.54 4.20 43.10
C MET A 243 8.33 5.13 43.05
N ILE A 244 7.59 5.19 44.15
CA ILE A 244 6.45 6.07 44.22
C ILE A 244 6.70 7.12 45.28
N ASN A 245 6.56 8.39 44.88
CA ASN A 245 6.66 9.52 45.79
C ASN A 245 5.36 10.33 45.79
N SER A 246 4.80 10.54 46.96
CA SER A 246 3.54 11.28 47.09
C SER A 246 3.39 11.98 48.42
N ASN A 247 2.93 13.24 48.38
CA ASN A 247 2.55 13.96 49.58
C ASN A 247 1.04 14.24 49.64
N GLY A 248 0.26 13.36 49.01
CA GLY A 248 -1.19 13.47 48.99
C GLY A 248 -1.77 13.10 47.65
N ASN A 249 -3.02 12.62 47.66
CA ASN A 249 -3.83 12.38 46.45
C ASN A 249 -3.56 11.08 45.70
N LEU A 250 -2.52 10.35 46.08
CA LEU A 250 -2.15 9.08 45.44
C LEU A 250 -3.26 8.04 45.49
N VAL A 251 -3.54 7.42 44.33
CA VAL A 251 -4.34 6.21 44.27
C VAL A 251 -3.36 5.09 43.88
N ALA A 252 -2.90 4.36 44.89
CA ALA A 252 -1.78 3.43 44.74
C ALA A 252 -2.16 2.09 44.09
N PRO A 253 -1.18 1.44 43.43
CA PRO A 253 -1.40 0.09 42.91
C PRO A 253 -1.36 -0.95 44.03
N ARG A 254 -2.00 -2.10 43.83
CA ARG A 254 -1.96 -3.18 44.79
C ARG A 254 -1.04 -4.31 44.32
N GLY A 255 -0.45 -4.13 43.14
CA GLY A 255 0.39 -5.15 42.54
C GLY A 255 0.64 -4.84 41.07
N TYR A 256 0.97 -5.87 40.30
CA TYR A 256 1.31 -5.68 38.88
C TYR A 256 0.56 -6.62 37.95
N PHE A 257 0.54 -6.24 36.66
CA PHE A 257 0.05 -7.07 35.58
C PHE A 257 1.25 -7.56 34.77
N LYS A 258 1.23 -8.83 34.40
CA LYS A 258 2.29 -9.39 33.57
C LYS A 258 1.96 -9.17 32.09
N LEU A 259 2.89 -8.52 31.39
CA LEU A 259 2.77 -8.30 29.95
C LEU A 259 3.21 -9.54 29.17
N ASN A 260 2.40 -9.93 28.19
CA ASN A 260 2.72 -11.09 27.36
C ASN A 260 2.76 -10.72 25.89
N THR A 261 3.81 -11.15 25.20
CA THR A 261 3.86 -11.03 23.76
C THR A 261 2.98 -12.14 23.20
N GLY A 262 1.83 -11.76 22.66
CA GLY A 262 0.85 -12.73 22.22
C GLY A 262 0.04 -12.34 20.99
N LYS A 263 -0.88 -13.22 20.64
CA LYS A 263 -1.76 -13.05 19.50
C LYS A 263 -3.10 -12.43 19.91
N SER A 264 -3.17 -11.90 21.12
CA SER A 264 -4.43 -11.44 21.67
C SER A 264 -4.86 -10.08 21.14
N SER A 265 -6.17 -9.85 21.15
CA SER A 265 -6.75 -8.60 20.66
C SER A 265 -8.14 -8.36 21.27
N VAL A 266 -8.76 -7.25 20.88
CA VAL A 266 -10.07 -6.87 21.35
C VAL A 266 -10.92 -6.43 20.15
N MET A 267 -12.22 -6.72 20.19
CA MET A 267 -13.11 -6.35 19.10
C MET A 267 -14.49 -5.93 19.58
N ARG A 268 -15.07 -4.95 18.90
CA ARG A 268 -16.41 -4.46 19.22
C ARG A 268 -17.45 -5.17 18.35
N SER A 269 -18.35 -5.89 18.99
CA SER A 269 -19.42 -6.60 18.29
C SER A 269 -20.61 -6.85 19.20
N ASP A 270 -21.81 -6.81 18.61
CA ASP A 270 -23.04 -7.08 19.34
C ASP A 270 -23.68 -8.39 18.91
N VAL A 271 -22.87 -9.24 18.29
CA VAL A 271 -23.33 -10.49 17.71
C VAL A 271 -23.13 -11.65 18.71
N PRO A 272 -24.09 -12.61 18.74
CA PRO A 272 -23.97 -13.73 19.68
C PRO A 272 -22.77 -14.66 19.46
N ILE A 273 -22.33 -15.31 20.53
CA ILE A 273 -21.23 -16.27 20.49
C ILE A 273 -21.81 -17.68 20.55
N ASP A 274 -21.33 -18.56 19.69
CA ASP A 274 -21.96 -19.86 19.51
C ASP A 274 -20.92 -20.95 19.31
N ILE A 275 -21.27 -22.18 19.71
CA ILE A 275 -20.43 -23.34 19.45
C ILE A 275 -20.45 -23.58 17.94
N CYS A 276 -19.27 -23.56 17.35
CA CYS A 276 -19.11 -23.44 15.92
C CYS A 276 -17.61 -23.42 15.63
N VAL A 277 -17.22 -23.76 14.41
CA VAL A 277 -15.81 -23.67 14.02
C VAL A 277 -15.61 -22.73 12.83
N SER A 278 -14.69 -21.79 13.00
CA SER A 278 -14.17 -20.96 11.91
C SER A 278 -12.89 -20.29 12.39
N GLU A 279 -12.01 -19.96 11.47
CA GLU A 279 -10.71 -19.43 11.85
C GLU A 279 -10.59 -17.93 11.63
N CYS A 280 -11.73 -17.27 11.38
CA CYS A 280 -11.78 -15.85 11.06
C CYS A 280 -13.00 -15.18 11.68
N ILE A 281 -12.78 -14.07 12.38
CA ILE A 281 -13.84 -13.36 13.10
C ILE A 281 -13.96 -11.89 12.67
N THR A 282 -15.18 -11.45 12.41
CA THR A 282 -15.48 -10.03 12.11
C THR A 282 -16.59 -9.56 13.05
N PRO A 283 -16.76 -8.22 13.21
CA PRO A 283 -17.85 -7.70 14.04
C PRO A 283 -19.25 -8.21 13.64
N ASN A 284 -19.35 -8.76 12.43
CA ASN A 284 -20.62 -9.32 11.94
C ASN A 284 -20.76 -10.79 12.26
N GLY A 285 -19.70 -11.37 12.81
CA GLY A 285 -19.63 -12.79 13.05
C GLY A 285 -18.45 -13.42 12.35
N SER A 286 -18.33 -14.74 12.52
CA SER A 286 -17.30 -15.50 11.87
C SER A 286 -17.59 -15.62 10.39
N ILE A 287 -16.54 -15.74 9.59
CA ILE A 287 -16.68 -16.00 8.16
C ILE A 287 -15.81 -17.17 7.69
N SER A 288 -16.05 -17.60 6.46
CA SER A 288 -15.33 -18.70 5.86
C SER A 288 -13.97 -18.24 5.29
N ASN A 289 -12.97 -19.12 5.35
CA ASN A 289 -11.60 -18.85 4.86
C ASN A 289 -11.38 -19.21 3.40
N ASP A 290 -12.23 -20.08 2.86
CA ASP A 290 -11.96 -20.72 1.58
C ASP A 290 -11.80 -19.78 0.39
N LYS A 291 -12.29 -18.54 0.51
CA LYS A 291 -12.13 -17.55 -0.55
C LYS A 291 -10.94 -16.61 -0.31
N PRO A 292 -10.32 -16.11 -1.39
CA PRO A 292 -9.19 -15.19 -1.22
C PRO A 292 -9.61 -13.81 -0.70
N PHE A 293 -10.84 -13.39 -1.03
CA PHE A 293 -11.31 -12.06 -0.67
C PHE A 293 -12.65 -12.09 0.04
N GLN A 294 -12.95 -11.01 0.76
CA GLN A 294 -14.25 -10.85 1.41
C GLN A 294 -14.68 -9.40 1.39
N ASN A 295 -15.99 -9.20 1.41
CA ASN A 295 -16.60 -7.89 1.43
C ASN A 295 -17.53 -7.74 2.63
N VAL A 296 -17.20 -8.45 3.71
CA VAL A 296 -18.01 -8.44 4.94
C VAL A 296 -17.61 -7.26 5.84
N ASN A 297 -16.33 -7.21 6.24
CA ASN A 297 -15.84 -6.18 7.16
C ASN A 297 -14.33 -5.94 7.09
N LYS A 298 -13.91 -4.69 7.20
CA LYS A 298 -12.50 -4.36 7.22
C LYS A 298 -11.85 -4.75 8.56
N VAL A 299 -12.67 -4.87 9.60
CA VAL A 299 -12.20 -5.33 10.89
C VAL A 299 -12.23 -6.86 10.89
N THR A 300 -11.06 -7.49 11.02
CA THR A 300 -10.98 -8.95 11.09
C THR A 300 -9.99 -9.41 12.16
N TYR A 301 -10.13 -10.66 12.58
CA TYR A 301 -9.16 -11.31 13.45
C TYR A 301 -9.06 -12.77 13.01
N GLY A 302 -7.83 -13.25 12.85
CA GLY A 302 -7.59 -14.66 12.56
C GLY A 302 -7.02 -14.91 11.18
N LYS A 303 -7.36 -16.06 10.60
CA LYS A 303 -6.90 -16.43 9.27
C LYS A 303 -7.95 -15.96 8.28
N CYS A 304 -7.81 -14.70 7.85
CA CYS A 304 -8.88 -14.06 7.11
C CYS A 304 -8.53 -13.72 5.68
N PRO A 305 -9.51 -13.86 4.76
CA PRO A 305 -9.36 -13.32 3.42
C PRO A 305 -9.21 -11.81 3.46
N LYS A 306 -8.79 -11.24 2.33
CA LYS A 306 -8.46 -9.83 2.26
C LYS A 306 -9.70 -9.02 1.94
N TYR A 307 -9.90 -7.94 2.69
CA TYR A 307 -11.07 -7.10 2.52
C TYR A 307 -10.92 -6.19 1.30
N ILE A 308 -11.92 -6.22 0.42
CA ILE A 308 -11.91 -5.41 -0.81
C ILE A 308 -13.28 -4.75 -1.00
N ARG A 309 -13.35 -3.77 -1.88
CA ARG A 309 -14.57 -2.99 -2.07
C ARG A 309 -15.67 -3.80 -2.75
N GLN A 310 -15.29 -4.69 -3.66
CA GLN A 310 -16.28 -5.32 -4.55
C GLN A 310 -16.99 -6.52 -3.91
N ASN A 311 -18.27 -6.68 -4.20
CA ASN A 311 -19.08 -7.70 -3.52
C ASN A 311 -19.04 -9.06 -4.20
N THR A 312 -18.71 -9.07 -5.49
CA THR A 312 -18.60 -10.30 -6.27
C THR A 312 -17.47 -10.22 -7.30
N LEU A 313 -16.75 -11.34 -7.46
CA LEU A 313 -15.74 -11.50 -8.51
C LEU A 313 -15.71 -12.94 -8.99
N LYS A 314 -15.92 -13.11 -10.29
CA LYS A 314 -16.07 -14.45 -10.86
C LYS A 314 -14.83 -14.92 -11.61
N LEU A 315 -14.20 -15.97 -11.10
CA LEU A 315 -13.05 -16.61 -11.76
C LEU A 315 -13.51 -17.79 -12.61
N ALA A 316 -13.23 -17.71 -13.92
CA ALA A 316 -13.63 -18.74 -14.87
C ALA A 316 -12.84 -20.03 -14.65
N THR A 317 -13.55 -21.16 -14.67
CA THR A 317 -12.93 -22.47 -14.48
C THR A 317 -13.21 -23.43 -15.64
N GLY A 318 -13.55 -22.87 -16.80
CA GLY A 318 -13.80 -23.62 -18.01
C GLY A 318 -13.69 -22.75 -19.25
N MET A 319 -13.72 -23.37 -20.42
CA MET A 319 -13.64 -22.65 -21.69
C MET A 319 -14.90 -21.85 -21.97
N ARG A 320 -14.84 -21.02 -23.02
CA ARG A 320 -16.01 -20.31 -23.52
C ARG A 320 -17.12 -21.32 -23.80
N ASN A 321 -18.34 -20.97 -23.39
CA ASN A 321 -19.50 -21.82 -23.66
C ASN A 321 -20.22 -21.35 -24.93
N VAL A 322 -20.20 -22.19 -25.95
CA VAL A 322 -20.83 -21.84 -27.24
C VAL A 322 -21.91 -22.85 -27.60
N PRO A 323 -23.19 -22.51 -27.36
CA PRO A 323 -24.29 -23.42 -27.64
C PRO A 323 -24.80 -23.31 -29.08
N GLU A 324 -25.84 -24.06 -29.41
CA GLU A 324 -26.41 -24.05 -30.76
C GLU A 324 -27.15 -22.77 -31.07
N LYS A 325 -27.04 -22.33 -32.33
CA LYS A 325 -27.65 -21.09 -32.80
C LYS A 325 -28.72 -21.38 -33.86
N GLY B 1 -11.21 -17.21 -29.41
CA GLY B 1 -10.11 -16.44 -28.77
C GLY B 1 -9.02 -16.10 -29.77
N ILE B 2 -7.76 -16.19 -29.33
CA ILE B 2 -6.64 -15.81 -30.19
C ILE B 2 -6.32 -16.82 -31.29
N PHE B 3 -6.69 -18.08 -31.07
CA PHE B 3 -6.47 -19.13 -32.07
C PHE B 3 -7.63 -19.34 -33.04
N GLY B 4 -8.79 -18.77 -32.71
CA GLY B 4 -9.95 -18.81 -33.60
C GLY B 4 -10.53 -20.19 -33.82
N ALA B 5 -10.32 -21.08 -32.85
CA ALA B 5 -10.88 -22.43 -32.88
C ALA B 5 -12.25 -22.46 -32.19
N ILE B 6 -12.26 -22.32 -30.86
CA ILE B 6 -13.49 -22.24 -30.07
C ILE B 6 -14.26 -20.98 -30.44
N ALA B 7 -15.51 -21.15 -30.85
CA ALA B 7 -16.34 -20.07 -31.41
C ALA B 7 -15.66 -19.42 -32.61
N GLY B 8 -14.99 -20.25 -33.41
CA GLY B 8 -14.30 -19.79 -34.61
C GLY B 8 -14.63 -20.71 -35.76
N PHE B 9 -13.65 -21.49 -36.21
CA PHE B 9 -13.89 -22.44 -37.28
C PHE B 9 -14.66 -23.66 -36.78
N ILE B 10 -14.58 -23.91 -35.48
CA ILE B 10 -15.47 -24.88 -34.85
C ILE B 10 -16.73 -24.12 -34.45
N GLU B 11 -17.82 -24.45 -35.14
CA GLU B 11 -19.07 -23.71 -35.07
C GLU B 11 -19.62 -23.54 -33.67
N ASN B 12 -19.73 -24.64 -32.92
CA ASN B 12 -20.22 -24.62 -31.55
C ASN B 12 -19.74 -25.80 -30.71
N GLY B 13 -20.06 -25.77 -29.41
CA GLY B 13 -19.76 -26.87 -28.51
C GLY B 13 -20.79 -27.98 -28.58
N TRP B 14 -20.40 -29.17 -28.15
CA TRP B 14 -21.29 -30.32 -28.10
C TRP B 14 -21.81 -30.59 -26.69
N GLU B 15 -23.05 -30.20 -26.45
CA GLU B 15 -23.70 -30.37 -25.15
C GLU B 15 -23.83 -31.84 -24.77
N GLY B 16 -23.80 -32.71 -25.77
CA GLY B 16 -23.93 -34.15 -25.57
C GLY B 16 -22.62 -34.87 -25.32
N MET B 17 -21.54 -34.11 -25.10
CA MET B 17 -20.28 -34.70 -24.66
C MET B 17 -20.03 -34.45 -23.17
N VAL B 18 -20.48 -35.39 -22.36
CA VAL B 18 -20.30 -35.34 -20.90
C VAL B 18 -19.00 -36.06 -20.53
N ASP B 19 -18.43 -36.74 -21.53
CA ASP B 19 -17.28 -37.63 -21.39
C ASP B 19 -15.97 -36.89 -21.12
N GLY B 20 -15.82 -35.71 -21.73
CA GLY B 20 -14.60 -34.92 -21.63
C GLY B 20 -14.79 -33.49 -22.10
N TRP B 21 -13.67 -32.77 -22.25
CA TRP B 21 -13.70 -31.37 -22.69
C TRP B 21 -13.50 -31.24 -24.20
N TYR B 22 -12.64 -32.11 -24.75
CA TYR B 22 -12.38 -32.16 -26.18
C TYR B 22 -12.52 -33.60 -26.70
N GLY B 23 -12.83 -33.74 -27.99
CA GLY B 23 -12.97 -35.06 -28.58
C GLY B 23 -13.35 -35.07 -30.05
N PHE B 24 -13.87 -36.21 -30.49
CA PHE B 24 -14.16 -36.46 -31.90
C PHE B 24 -15.58 -37.00 -32.12
N ARG B 25 -16.15 -36.63 -33.26
CA ARG B 25 -17.34 -37.29 -33.81
C ARG B 25 -17.03 -37.72 -35.23
N TYR B 26 -17.66 -38.80 -35.68
CA TYR B 26 -17.30 -39.41 -36.95
C TYR B 26 -18.42 -40.23 -37.59
N GLN B 27 -18.43 -40.22 -38.92
CA GLN B 27 -19.28 -41.12 -39.71
C GLN B 27 -18.42 -41.93 -40.66
N ASN B 28 -18.55 -43.26 -40.60
CA ASN B 28 -17.79 -44.15 -41.46
C ASN B 28 -18.62 -45.33 -41.95
N SER B 29 -17.93 -46.38 -42.40
CA SER B 29 -18.59 -47.57 -42.94
C SER B 29 -19.28 -48.42 -41.87
N GLU B 30 -19.18 -48.01 -40.60
CA GLU B 30 -19.82 -48.72 -39.48
C GLU B 30 -20.87 -47.86 -38.76
N GLY B 31 -21.23 -46.72 -39.35
CA GLY B 31 -22.19 -45.80 -38.74
C GLY B 31 -21.49 -44.59 -38.12
N THR B 32 -22.21 -43.87 -37.26
CA THR B 32 -21.66 -42.69 -36.59
C THR B 32 -21.15 -43.02 -35.18
N GLY B 33 -20.39 -42.12 -34.58
CA GLY B 33 -19.85 -42.33 -33.24
C GLY B 33 -19.26 -41.08 -32.59
N GLN B 34 -18.96 -41.20 -31.30
CA GLN B 34 -18.38 -40.10 -30.52
C GLN B 34 -17.43 -40.63 -29.45
N ALA B 35 -16.29 -39.94 -29.28
CA ALA B 35 -15.33 -40.26 -28.23
C ALA B 35 -14.61 -39.00 -27.76
N ALA B 36 -14.23 -38.99 -26.49
CA ALA B 36 -13.52 -37.85 -25.91
C ALA B 36 -12.01 -38.08 -25.95
N ASP B 37 -11.25 -36.99 -26.05
CA ASP B 37 -9.80 -37.06 -25.94
C ASP B 37 -9.36 -36.67 -24.54
N LEU B 38 -8.80 -37.64 -23.82
CA LEU B 38 -8.46 -37.42 -22.42
C LEU B 38 -7.19 -36.59 -22.20
N LYS B 39 -6.21 -36.70 -23.10
CA LYS B 39 -4.96 -35.93 -22.96
C LYS B 39 -5.16 -34.43 -23.03
N SER B 40 -5.98 -33.98 -24.00
CA SER B 40 -6.30 -32.57 -24.15
C SER B 40 -7.08 -32.07 -22.94
N THR B 41 -8.16 -32.78 -22.62
CA THR B 41 -9.00 -32.49 -21.47
C THR B 41 -8.18 -32.34 -20.20
N GLN B 42 -7.34 -33.32 -19.91
CA GLN B 42 -6.48 -33.27 -18.74
C GLN B 42 -5.50 -32.09 -18.78
N ALA B 43 -4.94 -31.81 -19.95
CA ALA B 43 -3.99 -30.69 -20.10
C ALA B 43 -4.64 -29.34 -19.75
N ALA B 44 -5.90 -29.18 -20.09
CA ALA B 44 -6.65 -27.97 -19.74
C ALA B 44 -6.95 -27.91 -18.24
N ILE B 45 -7.49 -29.00 -17.70
CA ILE B 45 -7.85 -29.07 -16.27
C ILE B 45 -6.65 -28.81 -15.36
N ASP B 46 -5.48 -29.37 -15.70
CA ASP B 46 -4.25 -29.21 -14.94
C ASP B 46 -3.78 -27.75 -14.83
N GLN B 47 -4.08 -26.95 -15.86
CA GLN B 47 -3.71 -25.54 -15.86
C GLN B 47 -4.72 -24.69 -15.10
N ILE B 48 -5.95 -25.18 -15.04
CA ILE B 48 -7.04 -24.45 -14.40
C ILE B 48 -7.16 -24.77 -12.91
N ASN B 49 -6.82 -26.00 -12.52
CA ASN B 49 -6.73 -26.36 -11.11
C ASN B 49 -5.56 -25.66 -10.40
N GLY B 50 -5.82 -25.15 -9.20
CA GLY B 50 -4.80 -24.47 -8.38
C GLY B 50 -4.20 -23.23 -9.04
N LYS B 51 -4.98 -22.63 -9.94
CA LYS B 51 -4.55 -21.50 -10.76
C LYS B 51 -4.25 -20.26 -9.91
N LEU B 52 -5.08 -20.05 -8.89
CA LEU B 52 -5.00 -18.90 -8.02
C LEU B 52 -3.91 -19.09 -6.95
N ASN B 53 -3.63 -20.34 -6.61
CA ASN B 53 -2.59 -20.67 -5.63
C ASN B 53 -1.19 -20.35 -6.12
N ARG B 54 -1.04 -20.18 -7.43
CA ARG B 54 0.23 -19.83 -8.02
C ARG B 54 0.59 -18.36 -7.79
N VAL B 55 -0.43 -17.53 -7.58
CA VAL B 55 -0.22 -16.08 -7.43
C VAL B 55 -0.41 -15.62 -6.00
N ILE B 56 -1.58 -15.89 -5.43
CA ILE B 56 -1.89 -15.39 -4.11
C ILE B 56 -1.72 -16.48 -3.07
N GLU B 57 -0.62 -16.39 -2.32
CA GLU B 57 -0.29 -17.33 -1.25
C GLU B 57 -1.43 -17.47 -0.22
N ARG B 58 -1.63 -18.69 0.27
CA ARG B 58 -2.77 -19.02 1.15
C ARG B 58 -2.98 -18.03 2.31
N THR B 59 -4.24 -17.76 2.64
CA THR B 59 -4.61 -16.72 3.61
C THR B 59 -3.78 -16.77 4.89
N ASN B 60 -3.43 -15.60 5.40
CA ASN B 60 -2.48 -15.51 6.51
C ASN B 60 -3.10 -15.11 7.85
N GLU B 61 -2.62 -15.75 8.92
CA GLU B 61 -3.01 -15.42 10.31
C GLU B 61 -2.61 -14.00 10.71
N LYS B 62 -3.58 -13.18 11.09
CA LYS B 62 -3.33 -11.82 11.57
C LYS B 62 -4.12 -11.53 12.84
N PHE B 63 -3.49 -10.86 13.79
CA PHE B 63 -4.07 -10.70 15.13
C PHE B 63 -4.42 -9.25 15.45
N HIS B 64 -3.82 -8.68 16.50
CA HIS B 64 -4.07 -7.29 16.86
C HIS B 64 -3.55 -6.37 15.76
N GLN B 65 -4.35 -5.38 15.40
CA GLN B 65 -4.01 -4.44 14.34
C GLN B 65 -4.32 -3.01 14.83
N ILE B 66 -4.81 -2.15 13.95
CA ILE B 66 -5.22 -0.81 14.35
C ILE B 66 -6.74 -0.74 14.46
N GLU B 67 -7.24 0.29 15.12
CA GLU B 67 -8.68 0.54 15.19
C GLU B 67 -9.12 1.15 13.87
N LYS B 68 -10.28 0.74 13.39
CA LYS B 68 -10.78 1.16 12.09
C LYS B 68 -12.16 1.82 12.16
N GLU B 69 -12.72 1.90 13.37
CA GLU B 69 -13.96 2.62 13.64
C GLU B 69 -13.84 3.47 14.90
N PHE B 70 -14.47 4.63 14.89
CA PHE B 70 -14.26 5.62 15.93
C PHE B 70 -15.57 6.27 16.40
N SER B 71 -15.64 6.55 17.70
CA SER B 71 -16.77 7.29 18.26
C SER B 71 -16.45 8.78 18.26
N GLU B 72 -15.48 9.17 19.08
CA GLU B 72 -15.07 10.57 19.18
C GLU B 72 -14.27 10.98 17.96
N VAL B 73 -14.46 12.23 17.53
CA VAL B 73 -13.58 12.83 16.53
C VAL B 73 -12.31 13.32 17.24
N GLU B 74 -11.15 13.15 16.61
CA GLU B 74 -9.87 13.39 17.28
C GLU B 74 -8.87 14.21 16.49
N GLY B 75 -9.03 14.23 15.17
CA GLY B 75 -8.14 14.97 14.30
C GLY B 75 -7.00 14.12 13.77
N ARG B 76 -5.79 14.67 13.88
CA ARG B 76 -4.59 14.16 13.21
C ARG B 76 -4.38 12.64 13.21
N ILE B 77 -4.30 12.03 14.40
CA ILE B 77 -3.99 10.60 14.51
C ILE B 77 -5.07 9.74 13.85
N GLN B 78 -6.32 10.10 14.07
CA GLN B 78 -7.44 9.36 13.52
C GLN B 78 -7.50 9.56 12.01
N ASP B 79 -7.19 10.77 11.53
CA ASP B 79 -7.06 11.02 10.08
C ASP B 79 -6.12 10.00 9.45
N LEU B 80 -4.95 9.83 10.10
CA LEU B 80 -3.92 8.94 9.61
C LEU B 80 -4.38 7.49 9.64
N GLU B 81 -4.97 7.07 10.76
CA GLU B 81 -5.47 5.71 10.92
C GLU B 81 -6.46 5.34 9.82
N LYS B 82 -7.35 6.27 9.46
CA LYS B 82 -8.33 6.04 8.39
C LYS B 82 -7.68 5.98 7.01
N TYR B 83 -6.77 6.91 6.74
CA TYR B 83 -6.08 6.96 5.47
C TYR B 83 -5.27 5.69 5.19
N VAL B 84 -4.56 5.22 6.20
CA VAL B 84 -3.81 3.96 6.09
C VAL B 84 -4.74 2.85 5.63
N GLU B 85 -5.86 2.68 6.34
CA GLU B 85 -6.81 1.62 6.02
C GLU B 85 -7.48 1.83 4.68
N ASP B 86 -7.84 3.08 4.38
CA ASP B 86 -8.42 3.43 3.09
C ASP B 86 -7.47 3.08 1.94
N THR B 87 -6.19 3.45 2.10
CA THR B 87 -5.15 3.17 1.13
C THR B 87 -5.00 1.66 0.87
N LYS B 88 -4.89 0.88 1.94
CA LYS B 88 -4.73 -0.57 1.84
C LYS B 88 -5.87 -1.22 1.06
N ILE B 89 -7.11 -0.87 1.42
CA ILE B 89 -8.29 -1.43 0.76
C ILE B 89 -8.37 -1.08 -0.74
N ASP B 90 -8.03 0.15 -1.11
CA ASP B 90 -8.11 0.56 -2.52
C ASP B 90 -7.10 -0.20 -3.35
N LEU B 91 -5.94 -0.49 -2.77
CA LEU B 91 -4.87 -1.21 -3.45
C LEU B 91 -5.14 -2.73 -3.60
N TRP B 92 -5.66 -3.37 -2.55
CA TRP B 92 -6.08 -4.76 -2.66
C TRP B 92 -7.23 -4.90 -3.63
N SER B 93 -8.18 -3.97 -3.58
CA SER B 93 -9.32 -3.99 -4.48
C SER B 93 -8.87 -3.92 -5.93
N TYR B 94 -7.80 -3.18 -6.19
CA TYR B 94 -7.22 -3.12 -7.53
C TYR B 94 -6.54 -4.44 -7.91
N ASN B 95 -5.80 -5.03 -6.97
CA ASN B 95 -5.12 -6.30 -7.23
C ASN B 95 -6.11 -7.36 -7.61
N ALA B 96 -7.23 -7.39 -6.91
CA ALA B 96 -8.28 -8.37 -7.15
C ALA B 96 -8.90 -8.19 -8.53
N GLU B 97 -9.23 -6.94 -8.88
CA GLU B 97 -9.87 -6.66 -10.15
C GLU B 97 -8.96 -7.10 -11.30
N LEU B 98 -7.69 -6.73 -11.20
CA LEU B 98 -6.68 -7.06 -12.21
C LEU B 98 -6.47 -8.56 -12.34
N LEU B 99 -6.40 -9.24 -11.20
CA LEU B 99 -6.12 -10.67 -11.18
C LEU B 99 -7.20 -11.46 -11.88
N VAL B 100 -8.47 -11.07 -11.68
CA VAL B 100 -9.58 -11.81 -12.27
C VAL B 100 -9.63 -11.61 -13.78
N ALA B 101 -9.43 -10.37 -14.22
CA ALA B 101 -9.36 -10.08 -15.65
C ALA B 101 -8.23 -10.88 -16.30
N LEU B 102 -7.09 -10.95 -15.60
CA LEU B 102 -5.86 -11.60 -16.04
C LEU B 102 -6.01 -13.12 -16.18
N GLU B 103 -6.44 -13.76 -15.10
CA GLU B 103 -6.56 -15.20 -15.06
C GLU B 103 -7.63 -15.68 -16.03
N ASN B 104 -8.74 -14.93 -16.13
CA ASN B 104 -9.81 -15.27 -17.07
C ASN B 104 -9.37 -15.19 -18.53
N GLN B 105 -8.65 -14.13 -18.88
CA GLN B 105 -8.05 -14.01 -20.21
C GLN B 105 -7.15 -15.21 -20.51
N HIS B 106 -6.37 -15.62 -19.52
CA HIS B 106 -5.47 -16.76 -19.64
C HIS B 106 -6.27 -18.05 -19.86
N THR B 107 -7.35 -18.23 -19.09
CA THR B 107 -8.21 -19.40 -19.21
C THR B 107 -8.93 -19.52 -20.55
N ILE B 108 -9.42 -18.40 -21.10
CA ILE B 108 -9.99 -18.42 -22.44
C ILE B 108 -8.91 -18.83 -23.46
N ASP B 109 -7.74 -18.21 -23.35
CA ASP B 109 -6.68 -18.44 -24.34
C ASP B 109 -6.10 -19.85 -24.32
N LEU B 110 -5.98 -20.47 -23.14
CA LEU B 110 -5.34 -21.79 -23.08
C LEU B 110 -6.28 -22.91 -23.49
N THR B 111 -7.57 -22.71 -23.27
CA THR B 111 -8.56 -23.71 -23.64
C THR B 111 -8.80 -23.64 -25.13
N ASP B 112 -8.77 -22.42 -25.67
CA ASP B 112 -8.81 -22.21 -27.11
C ASP B 112 -7.57 -22.81 -27.79
N ALA B 113 -6.42 -22.70 -27.12
CA ALA B 113 -5.18 -23.27 -27.64
C ALA B 113 -5.20 -24.80 -27.70
N GLU B 114 -5.80 -25.44 -26.71
CA GLU B 114 -5.87 -26.91 -26.64
C GLU B 114 -6.72 -27.50 -27.75
N MET B 115 -7.76 -26.76 -28.14
CA MET B 115 -8.62 -27.16 -29.24
C MET B 115 -7.84 -27.12 -30.56
N ASN B 116 -7.13 -26.02 -30.77
CA ASN B 116 -6.27 -25.85 -31.95
C ASN B 116 -5.15 -26.88 -31.99
N LYS B 117 -4.60 -27.20 -30.82
CA LYS B 117 -3.50 -28.16 -30.70
C LYS B 117 -3.93 -29.56 -31.11
N LEU B 118 -5.16 -29.94 -30.74
CA LEU B 118 -5.70 -31.25 -31.09
C LEU B 118 -6.06 -31.35 -32.58
N PHE B 119 -6.60 -30.27 -33.14
CA PHE B 119 -6.90 -30.23 -34.57
C PHE B 119 -5.62 -30.44 -35.36
N GLU B 120 -4.61 -29.63 -35.03
CA GLU B 120 -3.32 -29.66 -35.72
C GLU B 120 -2.68 -31.05 -35.64
N LYS B 121 -2.78 -31.68 -34.48
CA LYS B 121 -2.25 -33.01 -34.21
C LYS B 121 -2.87 -34.04 -35.16
N THR B 122 -4.19 -33.97 -35.29
CA THR B 122 -4.96 -34.83 -36.18
C THR B 122 -4.65 -34.56 -37.65
N ARG B 123 -4.57 -33.29 -38.01
CA ARG B 123 -4.20 -32.88 -39.37
C ARG B 123 -2.85 -33.45 -39.80
N ARG B 124 -1.87 -33.41 -38.90
CA ARG B 124 -0.51 -33.82 -39.21
C ARG B 124 -0.37 -35.34 -39.36
N GLN B 125 -1.32 -36.07 -38.78
CA GLN B 125 -1.36 -37.51 -38.92
C GLN B 125 -1.87 -37.93 -40.29
N LEU B 126 -2.97 -37.31 -40.70
CA LEU B 126 -3.68 -37.70 -41.92
C LEU B 126 -2.93 -37.36 -43.21
N ARG B 127 -2.00 -36.40 -43.15
CA ARG B 127 -1.17 -36.02 -44.29
C ARG B 127 -1.97 -35.71 -45.55
N GLU B 128 -1.64 -36.35 -46.67
CA GLU B 128 -2.33 -36.10 -47.94
C GLU B 128 -3.68 -36.82 -48.01
N ASN B 129 -3.85 -37.83 -47.16
CA ASN B 129 -5.05 -38.68 -47.18
C ASN B 129 -6.35 -37.98 -46.79
N ALA B 130 -6.25 -36.74 -46.32
CA ALA B 130 -7.43 -36.00 -45.86
C ALA B 130 -7.48 -34.54 -46.27
N GLU B 131 -8.64 -33.95 -46.04
CA GLU B 131 -8.97 -32.60 -46.48
C GLU B 131 -9.51 -31.85 -45.28
N ASP B 132 -9.04 -30.61 -45.10
CA ASP B 132 -9.56 -29.73 -44.05
C ASP B 132 -10.81 -29.07 -44.60
N MET B 133 -11.97 -29.49 -44.10
CA MET B 133 -13.25 -28.99 -44.61
C MET B 133 -13.60 -27.58 -44.13
N GLY B 134 -12.72 -26.99 -43.32
CA GLY B 134 -12.91 -25.64 -42.77
C GLY B 134 -13.94 -25.62 -41.66
N ASP B 135 -14.37 -26.81 -41.27
CA ASP B 135 -15.50 -27.03 -40.39
C ASP B 135 -15.03 -27.43 -38.99
N GLY B 136 -13.75 -27.76 -38.90
CA GLY B 136 -13.24 -28.54 -37.78
C GLY B 136 -13.36 -30.01 -38.11
N CYS B 137 -13.74 -30.31 -39.35
CA CYS B 137 -13.95 -31.68 -39.82
C CYS B 137 -12.96 -32.09 -40.91
N PHE B 138 -12.65 -33.39 -40.96
CA PHE B 138 -11.74 -33.93 -41.95
C PHE B 138 -12.47 -34.85 -42.91
N LYS B 139 -12.26 -34.61 -44.20
CA LYS B 139 -12.71 -35.53 -45.25
C LYS B 139 -11.58 -36.53 -45.52
N ILE B 140 -11.76 -37.75 -45.03
CA ILE B 140 -10.74 -38.80 -45.20
C ILE B 140 -11.05 -39.61 -46.46
N TYR B 141 -10.18 -39.50 -47.45
CA TYR B 141 -10.39 -40.10 -48.78
C TYR B 141 -10.17 -41.62 -48.87
N HIS B 142 -10.51 -42.35 -47.81
CA HIS B 142 -10.47 -43.81 -47.86
C HIS B 142 -11.45 -44.44 -46.89
N LYS B 143 -11.66 -45.75 -47.05
CA LYS B 143 -12.48 -46.54 -46.13
C LYS B 143 -11.77 -46.61 -44.79
N CYS B 144 -12.43 -46.09 -43.76
CA CYS B 144 -11.85 -46.06 -42.42
C CYS B 144 -12.88 -46.54 -41.40
N ASP B 145 -12.74 -47.80 -40.99
CA ASP B 145 -13.60 -48.41 -39.98
C ASP B 145 -13.24 -47.90 -38.58
N ASN B 146 -13.92 -48.41 -37.56
CA ASN B 146 -13.69 -47.96 -36.18
C ASN B 146 -12.26 -48.16 -35.67
N ALA B 147 -11.65 -49.30 -36.01
CA ALA B 147 -10.26 -49.57 -35.65
C ALA B 147 -9.30 -48.56 -36.29
N CYS B 148 -9.57 -48.24 -37.55
CA CYS B 148 -8.82 -47.24 -38.31
C CYS B 148 -8.95 -45.85 -37.67
N ILE B 149 -10.16 -45.51 -37.23
CA ILE B 149 -10.42 -44.24 -36.57
C ILE B 149 -9.77 -44.20 -35.18
N GLU B 150 -9.85 -45.30 -34.43
CA GLU B 150 -9.17 -45.36 -33.14
C GLU B 150 -7.67 -45.11 -33.28
N SER B 151 -7.07 -45.64 -34.35
CA SER B 151 -5.64 -45.44 -34.59
C SER B 151 -5.28 -43.96 -34.78
N ILE B 152 -6.24 -43.18 -35.29
CA ILE B 152 -6.09 -41.73 -35.39
C ILE B 152 -6.14 -41.09 -34.00
N ARG B 153 -7.01 -41.61 -33.15
CA ARG B 153 -7.20 -41.08 -31.79
C ARG B 153 -6.07 -41.48 -30.84
N THR B 154 -5.50 -42.65 -31.06
CA THR B 154 -4.37 -43.15 -30.28
C THR B 154 -3.04 -42.57 -30.82
N GLY B 155 -3.07 -42.10 -32.06
CA GLY B 155 -1.88 -41.59 -32.73
C GLY B 155 -0.97 -42.69 -33.25
N THR B 156 -1.57 -43.78 -33.72
CA THR B 156 -0.82 -44.92 -34.27
C THR B 156 -1.10 -45.12 -35.77
N TYR B 157 -1.93 -44.22 -36.32
CA TYR B 157 -2.36 -44.26 -37.71
C TYR B 157 -1.20 -44.10 -38.70
N ASP B 158 -1.04 -45.08 -39.59
CA ASP B 158 0.00 -45.06 -40.60
C ASP B 158 -0.57 -44.68 -41.97
N HIS B 159 -0.31 -43.45 -42.39
CA HIS B 159 -0.85 -42.90 -43.65
C HIS B 159 -0.35 -43.63 -44.91
N TYR B 160 0.85 -44.22 -44.83
CA TYR B 160 1.40 -44.98 -45.95
C TYR B 160 0.50 -46.14 -46.36
N ILE B 161 -0.02 -46.85 -45.36
CA ILE B 161 -0.92 -47.99 -45.58
C ILE B 161 -2.10 -47.61 -46.49
N TYR B 162 -2.60 -46.38 -46.33
CA TYR B 162 -3.81 -45.94 -47.03
C TYR B 162 -3.56 -44.97 -48.19
N ARG B 163 -2.30 -44.61 -48.41
CA ARG B 163 -1.94 -43.59 -49.40
C ARG B 163 -2.47 -43.89 -50.81
N ASP B 164 -2.17 -45.09 -51.31
CA ASP B 164 -2.58 -45.51 -52.64
C ASP B 164 -4.09 -45.40 -52.85
N GLU B 165 -4.85 -45.94 -51.90
CA GLU B 165 -6.30 -45.86 -51.91
C GLU B 165 -6.78 -44.41 -51.92
N ALA B 166 -6.10 -43.57 -51.14
CA ALA B 166 -6.47 -42.16 -51.01
C ALA B 166 -6.25 -41.38 -52.30
N LEU B 167 -5.17 -41.68 -53.00
CA LEU B 167 -4.83 -41.01 -54.26
C LEU B 167 -5.85 -41.30 -55.35
N ASN B 168 -6.32 -42.55 -55.40
CA ASN B 168 -7.39 -42.94 -56.31
C ASN B 168 -8.67 -42.15 -56.09
N ASN B 169 -9.23 -42.28 -54.88
CA ASN B 169 -10.47 -41.58 -54.51
C ASN B 169 -10.37 -40.07 -54.71
N ARG B 170 -9.21 -39.52 -54.38
CA ARG B 170 -8.96 -38.09 -54.50
C ARG B 170 -8.97 -37.61 -55.95
N PHE B 171 -8.24 -38.32 -56.82
CA PHE B 171 -8.05 -37.89 -58.20
C PHE B 171 -8.97 -38.61 -59.19
N GLN B 172 -10.14 -39.01 -58.73
CA GLN B 172 -11.20 -39.51 -59.60
C GLN B 172 -11.67 -38.45 -60.58
N SER B 173 -11.33 -37.18 -60.31
CA SER B 173 -11.97 -36.01 -60.96
C SER B 173 -11.07 -35.13 -61.87
N GLY B 174 -11.72 -34.24 -62.61
CA GLY B 174 -11.08 -33.37 -63.62
C GLY B 174 -11.98 -33.19 -64.83
N ARG B 175 -12.07 -31.96 -65.35
CA ARG B 175 -12.93 -31.66 -66.51
C ARG B 175 -12.13 -31.15 -67.70
N ASN C 7 -6.62 -12.83 -66.25
CA ASN C 7 -5.88 -14.05 -66.69
C ASN C 7 -6.70 -15.33 -66.42
N ASN C 8 -6.13 -16.49 -66.79
CA ASN C 8 -6.72 -17.80 -66.48
C ASN C 8 -6.70 -18.14 -64.97
N THR C 9 -6.01 -17.30 -64.19
CA THR C 9 -5.93 -17.47 -62.74
C THR C 9 -6.19 -16.13 -62.04
N ALA C 10 -6.11 -16.13 -60.70
CA ALA C 10 -6.29 -14.91 -59.91
C ALA C 10 -5.43 -14.91 -58.67
N THR C 11 -5.14 -13.72 -58.15
CA THR C 11 -4.37 -13.59 -56.90
C THR C 11 -5.15 -12.77 -55.88
N LEU C 12 -5.11 -13.21 -54.63
CA LEU C 12 -5.80 -12.53 -53.54
C LEU C 12 -4.85 -12.40 -52.35
N CYS C 13 -4.56 -11.16 -51.96
CA CYS C 13 -3.63 -10.91 -50.86
C CYS C 13 -4.32 -10.30 -49.66
N LEU C 14 -3.99 -10.80 -48.48
CA LEU C 14 -4.53 -10.29 -47.23
C LEU C 14 -3.57 -9.32 -46.60
N GLY C 15 -4.11 -8.37 -45.83
CA GLY C 15 -3.28 -7.35 -45.23
C GLY C 15 -4.01 -6.55 -44.16
N HIS C 16 -3.29 -5.58 -43.61
CA HIS C 16 -3.78 -4.71 -42.56
C HIS C 16 -3.33 -3.30 -42.87
N HIS C 17 -3.96 -2.30 -42.24
CA HIS C 17 -3.68 -0.90 -42.55
C HIS C 17 -2.45 -0.38 -41.82
N ALA C 18 -1.90 0.72 -42.31
CA ALA C 18 -0.84 1.45 -41.63
C ALA C 18 -1.12 2.96 -41.65
N VAL C 19 -0.40 3.70 -40.82
CA VAL C 19 -0.52 5.15 -40.79
C VAL C 19 0.85 5.80 -41.02
N ALA C 20 0.86 7.11 -41.25
CA ALA C 20 2.10 7.86 -41.41
C ALA C 20 2.55 8.46 -40.08
N ASN C 21 1.57 8.74 -39.22
CA ASN C 21 1.79 9.32 -37.89
C ASN C 21 1.86 8.27 -36.78
N GLY C 22 2.81 7.34 -36.91
CA GLY C 22 3.01 6.30 -35.89
C GLY C 22 3.57 6.83 -34.58
N THR C 23 3.32 6.10 -33.49
CA THR C 23 3.76 6.51 -32.16
C THR C 23 4.28 5.31 -31.33
N LEU C 24 5.33 5.54 -30.55
CA LEU C 24 6.01 4.48 -29.80
C LEU C 24 5.41 4.19 -28.42
N VAL C 25 5.18 2.92 -28.13
CA VAL C 25 4.73 2.48 -26.80
C VAL C 25 5.62 1.38 -26.23
N LYS C 26 5.41 1.07 -24.96
CA LYS C 26 6.18 0.06 -24.26
C LYS C 26 5.35 -1.20 -24.07
N THR C 27 5.92 -2.36 -24.37
CA THR C 27 5.27 -3.65 -24.11
C THR C 27 6.06 -4.48 -23.11
N MET C 28 5.68 -5.74 -22.93
CA MET C 28 6.48 -6.68 -22.14
C MET C 28 7.64 -7.23 -22.98
N SER C 29 7.52 -7.11 -24.30
CA SER C 29 8.48 -7.70 -25.23
C SER C 29 9.47 -6.68 -25.76
N ASP C 30 9.05 -5.43 -25.86
CA ASP C 30 9.88 -4.37 -26.40
C ASP C 30 9.84 -3.15 -25.51
N ASP C 31 10.95 -2.42 -25.47
CA ASP C 31 11.03 -1.15 -24.73
C ASP C 31 10.28 -0.09 -25.51
N GLN C 32 10.37 -0.17 -26.84
CA GLN C 32 9.75 0.77 -27.74
C GLN C 32 9.33 0.06 -29.02
N ILE C 33 8.05 0.15 -29.34
CA ILE C 33 7.51 -0.41 -30.56
C ILE C 33 6.45 0.56 -31.10
N GLU C 34 6.35 0.65 -32.42
CA GLU C 34 5.42 1.58 -33.05
C GLU C 34 4.04 0.95 -33.24
N VAL C 35 3.01 1.65 -32.79
CA VAL C 35 1.64 1.27 -33.04
C VAL C 35 0.96 2.37 -33.85
N THR C 36 -0.23 2.07 -34.39
CA THR C 36 -0.94 3.04 -35.22
C THR C 36 -1.53 4.19 -34.41
N ASN C 37 -1.75 3.95 -33.12
CA ASN C 37 -2.45 4.90 -32.26
C ASN C 37 -2.22 4.62 -30.78
N ALA C 38 -2.07 5.69 -29.99
CA ALA C 38 -1.96 5.56 -28.53
C ALA C 38 -2.62 6.75 -27.84
N THR C 39 -2.90 6.58 -26.55
CA THR C 39 -3.57 7.60 -25.74
C THR C 39 -2.81 7.83 -24.43
N GLU C 40 -2.73 9.08 -23.99
CA GLU C 40 -2.06 9.41 -22.72
C GLU C 40 -2.90 9.00 -21.54
N LEU C 41 -2.25 8.36 -20.58
CA LEU C 41 -2.92 7.89 -19.38
C LEU C 41 -2.60 8.72 -18.15
N VAL C 42 -1.68 9.67 -18.28
CA VAL C 42 -1.21 10.48 -17.17
C VAL C 42 -1.52 11.94 -17.44
N GLN C 43 -2.36 12.54 -16.61
CA GLN C 43 -2.61 13.98 -16.68
C GLN C 43 -1.45 14.73 -16.03
N SER C 44 -0.77 15.55 -16.82
CA SER C 44 0.34 16.34 -16.30
C SER C 44 0.09 17.86 -16.42
N ILE C 45 -0.89 18.23 -17.22
CA ILE C 45 -1.26 19.63 -17.41
C ILE C 45 -2.38 20.00 -16.44
N SER C 46 -2.18 21.11 -15.73
CA SER C 46 -3.19 21.69 -14.86
C SER C 46 -3.94 22.81 -15.60
N MET C 47 -5.10 23.19 -15.09
CA MET C 47 -5.86 24.30 -15.69
C MET C 47 -5.27 25.67 -15.35
N GLY C 48 -4.38 25.71 -14.35
CA GLY C 48 -3.70 26.93 -13.94
C GLY C 48 -4.50 27.79 -12.98
N LYS C 49 -5.72 27.35 -12.69
CA LYS C 49 -6.65 28.08 -11.83
C LYS C 49 -7.53 27.08 -11.08
N ILE C 50 -8.11 27.53 -9.96
CA ILE C 50 -9.11 26.73 -9.25
C ILE C 50 -10.50 27.13 -9.76
N CYS C 51 -11.27 26.15 -10.21
CA CYS C 51 -12.61 26.45 -10.75
C CYS C 51 -13.63 26.62 -9.64
N ASN C 52 -14.44 27.66 -9.74
CA ASN C 52 -15.44 27.94 -8.73
C ASN C 52 -16.61 26.95 -8.75
N LYS C 53 -16.78 26.26 -9.88
CA LYS C 53 -17.94 25.40 -10.04
C LYS C 53 -17.70 23.92 -9.89
N SER C 54 -18.83 23.25 -9.64
CA SER C 54 -18.96 21.91 -9.08
C SER C 54 -18.91 22.07 -7.56
N TYR C 55 -17.72 22.26 -6.99
CA TYR C 55 -17.56 22.34 -5.54
C TYR C 55 -17.62 23.78 -5.01
N ARG C 56 -18.01 23.92 -3.75
CA ARG C 56 -18.12 25.21 -3.11
C ARG C 56 -16.79 25.61 -2.52
N ILE C 57 -16.18 26.62 -3.12
CA ILE C 57 -14.81 27.01 -2.78
C ILE C 57 -14.85 28.31 -1.98
N LEU C 58 -14.15 28.31 -0.84
CA LEU C 58 -14.03 29.50 -0.02
C LEU C 58 -12.59 29.95 -0.05
N ASP C 59 -12.35 31.14 -0.60
CA ASP C 59 -11.04 31.76 -0.59
C ASP C 59 -10.80 32.34 0.80
N GLY C 60 -9.79 31.84 1.50
CA GLY C 60 -9.44 32.34 2.83
C GLY C 60 -8.81 33.72 2.83
N ARG C 61 -8.28 34.14 1.68
CA ARG C 61 -7.61 35.43 1.51
C ARG C 61 -6.56 35.73 2.57
N ASN C 62 -6.84 36.67 3.47
CA ASN C 62 -5.87 37.06 4.50
C ASN C 62 -5.99 36.24 5.78
N CYS C 63 -6.88 35.26 5.76
CA CYS C 63 -7.29 34.57 6.96
C CYS C 63 -6.98 33.08 6.94
N THR C 64 -6.41 32.58 8.02
CA THR C 64 -6.33 31.14 8.21
C THR C 64 -7.70 30.63 8.65
N LEU C 65 -7.94 29.34 8.41
CA LEU C 65 -9.16 28.70 8.88
C LEU C 65 -9.36 28.92 10.39
N ILE C 66 -8.30 28.72 11.16
CA ILE C 66 -8.34 28.87 12.64
C ILE C 66 -8.72 30.29 13.07
N ASP C 67 -8.07 31.30 12.48
CA ASP C 67 -8.37 32.70 12.78
C ASP C 67 -9.84 33.02 12.49
N ALA C 68 -10.34 32.47 11.39
CA ALA C 68 -11.70 32.71 10.93
C ALA C 68 -12.72 32.15 11.91
N MET C 69 -12.38 31.04 12.54
CA MET C 69 -13.33 30.46 13.47
C MET C 69 -13.20 31.06 14.86
N LEU C 70 -11.99 31.52 15.21
CA LEU C 70 -11.77 32.20 16.50
C LEU C 70 -12.44 33.56 16.52
N GLY C 71 -12.55 34.20 15.37
CA GLY C 71 -13.14 35.54 15.28
C GLY C 71 -12.14 36.68 15.32
N ASP C 72 -10.99 36.48 14.70
CA ASP C 72 -9.99 37.53 14.47
C ASP C 72 -10.66 38.64 13.63
N PRO C 73 -10.69 39.89 14.15
CA PRO C 73 -11.45 41.00 13.52
C PRO C 73 -11.34 41.10 12.00
N HIS C 74 -10.14 40.93 11.44
CA HIS C 74 -9.97 41.06 10.00
C HIS C 74 -10.50 39.84 9.24
N CYS C 75 -11.06 38.89 9.99
CA CYS C 75 -11.71 37.70 9.44
C CYS C 75 -13.21 37.69 9.69
N ASP C 76 -13.77 38.87 9.97
CA ASP C 76 -15.18 38.96 10.27
C ASP C 76 -16.06 38.51 9.12
N ALA C 77 -15.66 38.78 7.89
CA ALA C 77 -16.44 38.41 6.70
C ALA C 77 -16.72 36.90 6.57
N PHE C 78 -15.99 36.08 7.33
CA PHE C 78 -16.14 34.63 7.24
C PHE C 78 -17.13 34.11 8.27
N GLN C 79 -17.51 35.00 9.19
CA GLN C 79 -18.45 34.76 10.29
C GLN C 79 -19.53 33.69 10.05
N TYR C 80 -20.16 33.74 8.88
CA TYR C 80 -21.32 32.91 8.58
C TYR C 80 -21.05 31.88 7.47
N GLU C 81 -19.78 31.68 7.12
CA GLU C 81 -19.46 30.94 5.92
C GLU C 81 -19.38 29.42 6.07
N SER C 82 -19.79 28.73 5.01
CA SER C 82 -19.59 27.28 4.85
C SER C 82 -18.81 27.01 3.57
N TRP C 83 -18.26 25.80 3.47
CA TRP C 83 -17.49 25.43 2.29
C TRP C 83 -17.52 23.93 2.01
N ASP C 84 -17.24 23.57 0.75
CA ASP C 84 -16.79 22.23 0.42
C ASP C 84 -15.27 22.20 0.60
N LEU C 85 -14.58 23.21 0.09
CA LEU C 85 -13.13 23.32 0.24
C LEU C 85 -12.68 24.74 0.58
N PHE C 86 -11.94 24.86 1.67
CA PHE C 86 -11.42 26.13 2.15
C PHE C 86 -9.96 26.27 1.69
N ILE C 87 -9.70 27.35 0.95
CA ILE C 87 -8.39 27.62 0.38
C ILE C 87 -7.57 28.56 1.28
N GLU C 88 -6.54 28.01 1.91
CA GLU C 88 -5.64 28.82 2.73
C GLU C 88 -4.48 29.36 1.90
N ARG C 89 -4.36 30.68 1.88
CA ARG C 89 -3.31 31.37 1.15
C ARG C 89 -2.08 31.52 2.04
N SER C 90 -0.90 31.58 1.43
CA SER C 90 0.33 31.73 2.18
C SER C 90 0.55 33.14 2.71
N ASN C 91 -0.14 34.13 2.14
CA ASN C 91 -0.08 35.52 2.62
C ASN C 91 -0.77 35.69 3.97
N ALA C 92 -1.68 34.77 4.29
CA ALA C 92 -2.53 34.87 5.49
C ALA C 92 -1.73 35.19 6.74
N PHE C 93 -2.27 36.10 7.56
CA PHE C 93 -1.62 36.51 8.80
C PHE C 93 -2.61 36.61 9.95
N SER C 94 -2.10 36.40 11.16
CA SER C 94 -2.87 36.66 12.38
C SER C 94 -2.81 38.14 12.73
N ASN C 95 -3.83 38.63 13.44
CA ASN C 95 -3.91 40.04 13.74
C ASN C 95 -4.65 40.37 15.02
N CYS C 96 -4.85 39.37 15.86
CA CYS C 96 -5.56 39.56 17.10
C CYS C 96 -4.62 39.33 18.29
N TYR C 97 -5.17 38.86 19.40
C TYR C 97 -3.20 37.29 20.33
N PRO C 98 -1.89 37.45 20.52
CA PRO C 98 -0.95 36.36 20.25
C PRO C 98 -1.40 35.11 21.00
N TYR C 99 -1.53 34.01 20.28
CA TYR C 99 -2.07 32.79 20.88
C TYR C 99 -1.28 31.58 20.46
N ASP C 100 -1.50 30.48 21.16
CA ASP C 100 -1.06 29.17 20.68
C ASP C 100 -2.17 28.16 20.93
N ILE C 101 -2.15 27.08 20.16
CA ILE C 101 -3.09 25.98 20.36
C ILE C 101 -2.29 24.69 20.39
N PRO C 102 -2.18 24.06 21.58
CA PRO C 102 -1.61 22.71 21.55
C PRO C 102 -2.47 21.83 20.63
N ASP C 103 -1.82 21.04 19.78
CA ASP C 103 -2.51 20.23 18.77
C ASP C 103 -3.34 21.09 17.81
N TYR C 104 -2.72 22.18 17.37
CA TYR C 104 -3.28 23.10 16.36
C TYR C 104 -3.73 22.36 15.10
N ALA C 105 -2.87 21.48 14.60
CA ALA C 105 -3.16 20.70 13.40
C ALA C 105 -4.45 19.89 13.54
N SER C 106 -4.71 19.34 14.71
CA SER C 106 -5.92 18.58 14.92
C SER C 106 -7.18 19.46 14.89
N LEU C 107 -7.18 20.53 15.68
CA LEU C 107 -8.32 21.41 15.69
C LEU C 107 -8.63 21.90 14.27
N ARG C 108 -7.59 22.34 13.56
CA ARG C 108 -7.71 22.78 12.16
C ARG C 108 -8.38 21.68 11.31
N SER C 109 -7.88 20.45 11.46
CA SER C 109 -8.45 19.27 10.79
C SER C 109 -9.93 19.09 11.12
N ILE C 110 -10.26 19.04 12.41
CA ILE C 110 -11.65 18.93 12.88
C ILE C 110 -12.58 20.00 12.26
N VAL C 111 -12.12 21.26 12.23
CA VAL C 111 -12.93 22.34 11.68
C VAL C 111 -13.02 22.24 10.16
N ALA C 112 -11.88 21.95 9.52
CA ALA C 112 -11.83 21.79 8.06
C ALA C 112 -12.87 20.78 7.62
N SER C 113 -12.85 19.63 8.28
CA SER C 113 -13.77 18.53 7.98
C SER C 113 -15.24 18.87 8.23
N SER C 114 -15.49 19.65 9.27
CA SER C 114 -16.85 20.05 9.63
C SER C 114 -17.44 21.00 8.59
N GLY C 115 -16.60 21.82 7.99
CA GLY C 115 -16.99 22.61 6.83
C GLY C 115 -17.77 23.87 7.12
N THR C 116 -17.66 24.37 8.34
CA THR C 116 -18.35 25.61 8.74
C THR C 116 -17.70 26.28 9.96
N VAL C 117 -17.81 27.60 10.01
CA VAL C 117 -17.40 28.36 11.20
C VAL C 117 -18.61 29.12 11.74
N GLU C 118 -19.80 28.70 11.30
CA GLU C 118 -21.06 29.22 11.81
C GLU C 118 -21.19 28.91 13.30
N PHE C 119 -21.51 29.94 14.07
CA PHE C 119 -21.45 29.92 15.54
C PHE C 119 -22.84 30.10 16.11
N THR C 120 -23.12 29.44 17.23
CA THR C 120 -24.38 29.62 17.94
C THR C 120 -24.09 30.10 19.35
N ALA C 121 -24.53 31.33 19.63
CA ALA C 121 -24.34 31.95 20.93
C ALA C 121 -25.23 31.32 21.99
N GLU C 122 -24.67 31.08 23.17
CA GLU C 122 -25.44 30.61 24.31
C GLU C 122 -25.33 31.59 25.47
N GLY C 123 -26.33 31.57 26.35
CA GLY C 123 -26.38 32.47 27.48
C GLY C 123 -25.59 31.98 28.69
N PHE C 124 -24.26 32.08 28.61
CA PHE C 124 -23.42 31.82 29.77
C PHE C 124 -23.53 32.98 30.76
N THR C 125 -23.66 32.64 32.04
CA THR C 125 -23.73 33.63 33.11
C THR C 125 -22.48 33.57 33.96
N TRP C 126 -21.75 34.69 34.01
CA TRP C 126 -20.52 34.77 34.77
C TRP C 126 -20.68 35.77 35.90
N THR C 127 -21.06 35.24 37.06
CA THR C 127 -21.32 36.07 38.24
C THR C 127 -20.01 36.47 38.91
N GLY C 128 -19.88 37.77 39.17
CA GLY C 128 -18.79 38.30 40.00
C GLY C 128 -17.52 38.73 39.28
N VAL C 129 -17.50 38.58 37.96
CA VAL C 129 -16.33 38.98 37.17
C VAL C 129 -16.76 39.95 36.07
N THR C 130 -15.83 40.73 35.55
CA THR C 130 -16.14 41.65 34.44
C THR C 130 -15.80 41.02 33.09
N GLN C 131 -16.68 41.23 32.13
CA GLN C 131 -16.64 40.55 30.84
C GLN C 131 -16.06 41.43 29.74
N ASN C 132 -15.86 40.81 28.58
CA ASN C 132 -15.46 41.49 27.35
C ASN C 132 -14.11 42.19 27.38
N GLY C 133 -13.11 41.51 27.95
CA GLY C 133 -11.73 41.99 27.92
C GLY C 133 -11.28 42.34 26.51
N ARG C 134 -10.61 43.48 26.38
CA ARG C 134 -10.12 43.96 25.09
C ARG C 134 -8.61 44.14 25.13
N SER C 135 -8.00 44.36 23.96
CA SER C 135 -6.55 44.50 23.83
C SER C 135 -6.16 45.29 22.58
N GLY C 136 -5.12 46.11 22.72
CA GLY C 136 -4.56 46.88 21.60
C GLY C 136 -3.90 46.02 20.54
N ALA C 137 -3.71 44.75 20.87
CA ALA C 137 -3.16 43.76 19.93
C ALA C 137 -4.24 43.29 18.97
N CYS C 138 -5.49 43.50 19.35
CA CYS C 138 -6.63 43.05 18.57
C CYS C 138 -7.59 44.21 18.30
N LYS C 139 -7.40 44.89 17.18
CA LYS C 139 -8.22 46.06 16.83
C LYS C 139 -9.39 45.69 15.91
N ARG C 140 -10.61 46.05 16.33
CA ARG C 140 -11.78 45.93 15.46
C ARG C 140 -12.18 47.32 14.98
N GLY C 141 -12.00 47.55 13.68
CA GLY C 141 -12.14 48.88 13.12
C GLY C 141 -11.09 49.76 13.76
N SER C 142 -11.53 50.62 14.67
CA SER C 142 -10.69 51.64 15.28
C SER C 142 -10.24 51.32 16.71
N ALA C 143 -11.11 50.66 17.49
CA ALA C 143 -10.90 50.46 18.92
C ALA C 143 -10.36 49.10 19.31
N ASP C 144 -9.86 49.01 20.55
CA ASP C 144 -9.42 47.75 21.13
C ASP C 144 -10.56 46.74 21.13
N SER C 145 -10.23 45.51 20.78
CA SER C 145 -11.19 44.43 20.75
C SER C 145 -10.50 43.11 21.09
N PHE C 146 -11.14 42.00 20.70
CA PHE C 146 -10.71 40.66 21.07
C PHE C 146 -11.40 39.68 20.13
N PHE C 147 -10.91 38.43 20.08
CA PHE C 147 -11.60 37.36 19.35
C PHE C 147 -13.10 37.42 19.64
N SER C 148 -13.91 37.43 18.58
CA SER C 148 -15.36 37.58 18.72
C SER C 148 -16.07 36.38 19.34
N ARG C 149 -15.44 35.21 19.27
CA ARG C 149 -16.04 33.97 19.78
C ARG C 149 -15.58 33.64 21.21
N LEU C 150 -14.71 34.47 21.76
CA LEU C 150 -14.17 34.26 23.10
C LEU C 150 -14.43 35.47 24.00
N ASN C 151 -14.48 35.21 25.31
CA ASN C 151 -14.88 36.19 26.29
C ASN C 151 -13.83 36.28 27.42
N TRP C 152 -13.04 37.34 27.39
CA TRP C 152 -11.95 37.51 28.35
C TRP C 152 -12.48 38.04 29.68
N LEU C 153 -12.42 37.21 30.72
CA LEU C 153 -12.97 37.57 32.03
C LEU C 153 -11.88 38.07 32.97
N THR C 154 -12.19 39.14 33.71
CA THR C 154 -11.25 39.72 34.68
C THR C 154 -11.92 40.07 36.02
N LYS C 155 -11.10 40.49 36.98
CA LYS C 155 -11.54 40.98 38.29
C LYS C 155 -12.66 42.01 38.18
N SER C 156 -13.71 41.84 38.99
CA SER C 156 -14.73 42.88 39.15
C SER C 156 -14.68 43.44 40.56
N GLY C 157 -14.49 44.76 40.65
CA GLY C 157 -14.25 45.43 41.92
C GLY C 157 -12.92 44.99 42.51
N SER C 158 -12.99 44.21 43.59
CA SER C 158 -11.80 43.80 44.33
C SER C 158 -11.75 42.27 44.54
N SER C 159 -12.48 41.53 43.71
CA SER C 159 -12.57 40.07 43.85
C SER C 159 -12.79 39.35 42.52
N TYR C 160 -12.47 38.06 42.51
CA TYR C 160 -12.71 37.17 41.38
C TYR C 160 -13.13 35.81 41.95
N PRO C 161 -14.45 35.59 42.07
CA PRO C 161 -14.99 34.34 42.62
C PRO C 161 -14.57 33.13 41.82
N THR C 162 -14.02 32.12 42.50
C THR C 162 -16.30 30.23 41.10
N LEU C 163 -15.90 30.65 39.90
CA LEU C 163 -16.76 30.48 38.74
C LEU C 163 -17.11 29.01 38.56
N ASN C 164 -18.40 28.73 38.56
CA ASN C 164 -18.90 27.37 38.48
C ASN C 164 -20.17 27.35 37.62
N VAL C 165 -19.97 27.34 36.31
CA VAL C 165 -21.03 27.54 35.33
C VAL C 165 -21.30 26.27 34.51
N THR C 166 -22.57 25.98 34.29
CA THR C 166 -22.99 24.76 33.62
C THR C 166 -23.73 25.07 32.30
N MET C 167 -23.75 24.09 31.39
CA MET C 167 -24.44 24.22 30.11
C MET C 167 -24.71 22.85 29.51
N PRO C 168 -25.97 22.39 29.53
CA PRO C 168 -26.27 21.05 29.03
C PRO C 168 -26.43 20.98 27.51
N ASN C 169 -26.11 19.83 26.93
CA ASN C 169 -26.35 19.59 25.51
C ASN C 169 -27.65 18.80 25.31
N ASN C 170 -28.73 19.56 25.15
CA ASN C 170 -30.08 19.02 24.93
C ASN C 170 -30.36 18.66 23.47
N LYS C 171 -29.43 19.02 22.58
CA LYS C 171 -29.60 18.78 21.15
C LYS C 171 -29.28 17.34 20.81
N ASN C 172 -29.50 16.96 19.56
CA ASN C 172 -29.22 15.60 19.08
C ASN C 172 -27.89 15.46 18.32
N PHE C 173 -27.03 16.47 18.45
CA PHE C 173 -25.72 16.48 17.79
C PHE C 173 -24.62 16.87 18.76
N ASP C 174 -23.37 16.64 18.38
CA ASP C 174 -22.22 17.04 19.18
C ASP C 174 -22.03 18.56 19.12
N LYS C 175 -21.56 19.12 20.24
CA LYS C 175 -21.24 20.53 20.30
C LYS C 175 -19.74 20.64 20.48
N LEU C 176 -19.12 21.55 19.72
CA LEU C 176 -17.70 21.84 19.88
C LEU C 176 -17.53 23.20 20.58
N TYR C 177 -16.88 23.17 21.75
CA TYR C 177 -16.64 24.38 22.54
C TYR C 177 -15.18 24.78 22.52
N ILE C 178 -14.94 25.97 22.00
CA ILE C 178 -13.60 26.55 21.93
C ILE C 178 -13.45 27.49 23.12
N TRP C 179 -12.44 27.22 23.95
CA TRP C 179 -12.18 28.07 25.09
C TRP C 179 -10.69 28.27 25.23
N GLY C 180 -10.27 28.95 26.29
CA GLY C 180 -8.87 29.26 26.46
C GLY C 180 -8.47 29.64 27.87
N ILE C 181 -7.17 29.89 28.03
CA ILE C 181 -6.59 30.35 29.29
C ILE C 181 -5.59 31.46 28.93
N HIS C 182 -5.51 32.48 29.79
CA HIS C 182 -4.59 33.59 29.56
C HIS C 182 -3.32 33.44 30.41
N HIS C 183 -2.17 33.48 29.74
CA HIS C 183 -0.86 33.47 30.42
C HIS C 183 -0.33 34.90 30.53
N PRO C 184 -0.37 35.50 31.74
CA PRO C 184 0.12 36.86 31.89
C PRO C 184 1.65 36.94 31.91
N SER C 185 2.17 38.16 31.86
CA SER C 185 3.61 38.39 31.72
C SER C 185 4.40 38.45 33.04
N SER C 186 3.75 38.90 34.11
CA SER C 186 4.41 39.09 35.41
C SER C 186 3.46 38.81 36.57
N ASN C 187 4.02 38.38 37.70
CA ASN C 187 3.25 38.16 38.93
C ASN C 187 2.36 39.36 39.28
N GLN C 188 2.86 40.55 38.99
CA GLN C 188 2.15 41.80 39.20
C GLN C 188 0.85 41.85 38.39
N GLU C 189 0.90 41.31 37.18
CA GLU C 189 -0.24 41.35 36.25
C GLU C 189 -1.32 40.33 36.65
N GLN C 190 -0.89 39.14 37.05
CA GLN C 190 -1.81 38.10 37.51
C GLN C 190 -2.77 38.66 38.56
N THR C 191 -2.24 39.14 39.68
CA THR C 191 -3.05 39.62 40.80
C THR C 191 -3.88 40.86 40.47
N LYS C 192 -3.34 41.71 39.60
CA LYS C 192 -4.06 42.89 39.13
C LYS C 192 -5.31 42.52 38.34
N LEU C 193 -5.20 41.49 37.50
CA LEU C 193 -6.31 41.07 36.64
C LEU C 193 -7.22 40.04 37.28
N TYR C 194 -6.63 39.14 38.06
CA TYR C 194 -7.36 38.07 38.74
C TYR C 194 -6.74 37.94 40.12
N ILE C 195 -7.44 38.40 41.15
CA ILE C 195 -6.88 38.53 42.50
C ILE C 195 -5.89 37.42 42.89
N GLN C 196 -6.32 36.17 42.75
CA GLN C 196 -5.53 35.00 43.14
C GLN C 196 -4.17 34.96 42.43
N GLU C 197 -3.12 34.66 43.20
CA GLU C 197 -1.76 34.55 42.68
C GLU C 197 -1.64 33.41 41.66
N SER C 198 -2.39 32.34 41.91
CA SER C 198 -2.42 31.17 41.06
C SER C 198 -3.86 30.85 40.67
N GLY C 199 -4.13 30.88 39.37
CA GLY C 199 -5.46 30.54 38.84
C GLY C 199 -5.49 29.14 38.23
N ARG C 200 -6.67 28.73 37.76
CA ARG C 200 -6.83 27.46 37.04
C ARG C 200 -8.09 27.47 36.17
N VAL C 201 -8.17 26.53 35.24
CA VAL C 201 -9.37 26.29 34.46
C VAL C 201 -9.64 24.80 34.41
N THR C 202 -10.80 24.38 34.89
CA THR C 202 -11.20 22.99 34.82
C THR C 202 -12.49 22.87 34.01
N VAL C 203 -12.33 22.49 32.75
CA VAL C 203 -13.46 22.23 31.87
C VAL C 203 -13.69 20.73 31.81
N SER C 204 -14.90 20.32 32.18
CA SER C 204 -15.23 18.90 32.25
C SER C 204 -16.60 18.58 31.69
N THR C 205 -16.77 17.30 31.37
CA THR C 205 -18.09 16.73 31.13
C THR C 205 -18.24 15.52 32.05
N LYS C 206 -19.28 14.72 31.84
CA LYS C 206 -19.49 13.53 32.62
C LYS C 206 -18.44 12.47 32.29
N ARG C 207 -17.83 12.60 31.11
CA ARG C 207 -16.92 11.59 30.58
C ARG C 207 -15.47 12.02 30.42
N SER C 208 -15.19 13.32 30.55
CA SER C 208 -13.83 13.83 30.35
C SER C 208 -13.57 15.14 31.09
N GLN C 209 -12.29 15.48 31.21
CA GLN C 209 -11.87 16.70 31.89
C GLN C 209 -10.52 17.20 31.38
N GLN C 210 -10.28 18.50 31.54
CA GLN C 210 -9.00 19.09 31.23
C GLN C 210 -8.78 20.20 32.26
N THR C 211 -7.62 20.20 32.89
CA THR C 211 -7.23 21.35 33.72
C THR C 211 -5.93 21.95 33.22
N ILE C 212 -5.94 23.27 33.07
CA ILE C 212 -4.79 24.01 32.60
C ILE C 212 -4.42 25.04 33.67
N ILE C 213 -3.13 25.19 33.93
CA ILE C 213 -2.65 26.21 34.86
C ILE C 213 -1.97 27.31 34.04
N PRO C 214 -2.25 28.59 34.39
CA PRO C 214 -1.60 29.70 33.71
C PRO C 214 -0.11 29.78 34.05
N ASN C 215 0.71 29.92 33.01
CA ASN C 215 2.15 30.03 33.15
C ASN C 215 2.57 31.49 33.05
N ILE C 216 3.04 32.04 34.17
CA ILE C 216 3.47 33.43 34.21
C ILE C 216 4.88 33.57 33.64
N GLY C 217 5.13 34.67 32.94
CA GLY C 217 6.45 34.92 32.35
C GLY C 217 6.43 35.84 31.15
N SER C 218 7.55 36.50 30.90
CA SER C 218 7.67 37.42 29.76
C SER C 218 7.95 36.66 28.47
N ARG C 219 7.22 37.03 27.43
CA ARG C 219 7.42 36.50 26.09
C ARG C 219 7.76 37.64 25.15
N PRO C 220 8.24 37.33 23.92
CA PRO C 220 8.53 38.40 22.97
C PRO C 220 7.26 39.18 22.60
N LEU C 221 7.40 40.49 22.43
CA LEU C 221 6.29 41.34 22.04
C LEU C 221 5.70 40.94 20.69
N VAL C 222 4.41 40.63 20.71
CA VAL C 222 3.64 40.48 19.49
C VAL C 222 2.56 41.55 19.55
N ARG C 223 2.52 42.41 18.52
CA ARG C 223 1.57 43.51 18.48
C ARG C 223 1.49 44.23 19.83
N GLY C 224 2.66 44.60 20.35
CA GLY C 224 2.76 45.37 21.61
C GLY C 224 2.45 44.62 22.90
N GLN C 225 2.17 43.33 22.80
CA GLN C 225 1.84 42.53 23.98
C GLN C 225 2.80 41.38 24.24
N SER C 226 3.10 41.15 25.52
CA SER C 226 4.03 40.10 25.94
C SER C 226 3.29 38.92 26.57
N GLY C 227 2.00 39.08 26.80
CA GLY C 227 1.17 38.00 27.32
C GLY C 227 0.70 37.11 26.20
N ARG C 228 0.16 35.94 26.55
CA ARG C 228 -0.35 35.00 25.56
C ARG C 228 -1.66 34.40 26.03
N ILE C 229 -2.36 33.78 25.10
CA ILE C 229 -3.54 33.00 25.40
C ILE C 229 -3.38 31.65 24.71
N SER C 230 -3.54 30.57 25.48
CA SER C 230 -3.56 29.22 24.91
C SER C 230 -4.98 28.72 24.73
N ILE C 231 -5.24 28.08 23.60
CA ILE C 231 -6.59 27.65 23.25
C ILE C 231 -6.79 26.15 23.31
N TYR C 232 -7.98 25.75 23.75
CA TYR C 232 -8.35 24.35 23.90
C TYR C 232 -9.77 24.13 23.44
N TRP C 233 -10.12 22.88 23.14
CA TRP C 233 -11.50 22.54 22.78
C TRP C 233 -12.07 21.42 23.64
N THR C 234 -13.40 21.35 23.68
CA THR C 234 -14.14 20.25 24.30
C THR C 234 -15.35 19.92 23.46
N ILE C 235 -15.55 18.63 23.19
CA ILE C 235 -16.72 18.12 22.48
C ILE C 235 -17.72 17.62 23.52
N VAL C 236 -18.95 18.13 23.48
CA VAL C 236 -20.01 17.69 24.38
C VAL C 236 -21.01 16.84 23.61
N LYS C 237 -21.24 15.62 24.11
CA LYS C 237 -22.16 14.67 23.45
C LYS C 237 -23.61 14.90 23.87
N PRO C 238 -24.56 14.55 22.98
CA PRO C 238 -26.00 14.69 23.27
C PRO C 238 -26.37 14.03 24.60
N GLY C 239 -27.03 14.79 25.47
CA GLY C 239 -27.39 14.29 26.79
C GLY C 239 -26.35 14.58 27.87
N ASP C 240 -25.14 14.92 27.42
CA ASP C 240 -24.06 15.28 28.33
C ASP C 240 -24.14 16.78 28.67
N ILE C 241 -23.37 17.18 29.68
CA ILE C 241 -23.38 18.56 30.18
C ILE C 241 -21.96 19.13 30.18
N LEU C 242 -21.82 20.42 29.83
CA LEU C 242 -20.55 21.12 29.92
C LEU C 242 -20.44 21.86 31.24
N MET C 243 -19.34 21.65 31.96
CA MET C 243 -19.07 22.37 33.19
C MET C 243 -17.74 23.11 33.10
N ILE C 244 -17.73 24.35 33.57
CA ILE C 244 -16.53 25.18 33.57
C ILE C 244 -16.26 25.70 34.98
N ASN C 245 -15.16 25.25 35.56
CA ASN C 245 -14.71 25.70 36.88
C ASN C 245 -13.43 26.49 36.75
N SER C 246 -13.36 27.64 37.42
CA SER C 246 -12.19 28.52 37.34
C SER C 246 -12.14 29.54 38.47
N ASN C 247 -10.96 29.71 39.05
CA ASN C 247 -10.72 30.78 40.00
C ASN C 247 -9.68 31.77 39.48
N GLY C 248 -9.68 31.93 38.15
CA GLY C 248 -8.81 32.90 37.49
C GLY C 248 -8.35 32.49 36.10
N ASN C 249 -8.07 33.49 35.27
CA ASN C 249 -7.39 33.32 33.99
C ASN C 249 -8.22 32.77 32.81
N LEU C 250 -9.45 32.34 33.07
CA LEU C 250 -10.32 31.76 32.05
C LEU C 250 -10.61 32.70 30.88
N VAL C 251 -10.44 32.18 29.67
CA VAL C 251 -10.97 32.83 28.47
C VAL C 251 -12.20 32.01 28.09
N ALA C 252 -13.36 32.52 28.47
CA ALA C 252 -14.62 31.80 28.38
C ALA C 252 -15.15 31.68 26.96
N PRO C 253 -15.87 30.57 26.67
CA PRO C 253 -16.54 30.43 25.38
C PRO C 253 -17.82 31.26 25.35
N ARG C 254 -18.29 31.60 24.15
CA ARG C 254 -19.50 32.41 24.00
C ARG C 254 -20.66 31.57 23.50
N GLY C 255 -20.36 30.35 23.08
CA GLY C 255 -21.36 29.42 22.55
C GLY C 255 -20.67 28.19 21.99
N TYR C 256 -21.26 27.60 20.95
CA TYR C 256 -20.72 26.37 20.37
C TYR C 256 -20.72 26.34 18.85
N PHE C 257 -19.91 25.44 18.30
CA PHE C 257 -19.91 25.13 16.88
C PHE C 257 -20.55 23.77 16.67
N LYS C 258 -21.34 23.65 15.61
CA LYS C 258 -22.01 22.41 15.27
C LYS C 258 -21.08 21.51 14.43
N LEU C 259 -20.80 20.32 14.93
CA LEU C 259 -19.93 19.35 14.24
C LEU C 259 -20.66 18.57 13.15
N ASN C 260 -20.29 18.82 11.90
CA ASN C 260 -20.90 18.15 10.76
C ASN C 260 -20.04 17.01 10.23
N THR C 261 -20.69 16.04 9.61
CA THR C 261 -20.02 14.99 8.86
C THR C 261 -20.25 15.30 7.38
N GLY C 262 -19.19 15.75 6.72
CA GLY C 262 -19.32 16.17 5.34
C GLY C 262 -18.14 15.83 4.47
N LYS C 263 -18.20 16.32 3.24
CA LYS C 263 -17.15 16.19 2.25
C LYS C 263 -16.11 17.31 2.39
N SER C 264 -16.24 18.13 3.44
CA SER C 264 -15.43 19.33 3.57
C SER C 264 -13.98 19.08 3.96
N SER C 265 -13.11 19.94 3.43
CA SER C 265 -11.69 19.89 3.74
C SER C 265 -11.06 21.28 3.61
N VAL C 266 -9.74 21.32 3.71
CA VAL C 266 -8.96 22.55 3.57
C VAL C 266 -7.73 22.24 2.73
N MET C 267 -7.19 23.25 2.08
CA MET C 267 -6.05 23.08 1.19
C MET C 267 -5.26 24.38 1.11
N ARG C 268 -3.93 24.25 1.11
CA ARG C 268 -3.00 25.38 0.96
C ARG C 268 -2.73 25.61 -0.51
N SER C 269 -2.97 26.84 -0.98
CA SER C 269 -2.67 27.20 -2.36
C SER C 269 -2.65 28.70 -2.57
N ASP C 270 -1.87 29.13 -3.54
CA ASP C 270 -1.77 30.54 -3.91
C ASP C 270 -2.29 30.79 -5.32
N VAL C 271 -2.88 29.76 -5.91
CA VAL C 271 -3.47 29.82 -7.24
C VAL C 271 -4.83 30.55 -7.17
N PRO C 272 -5.16 31.38 -8.19
CA PRO C 272 -6.43 32.11 -8.21
C PRO C 272 -7.68 31.26 -8.47
N ILE C 273 -8.81 31.66 -7.86
CA ILE C 273 -10.11 31.07 -8.20
C ILE C 273 -10.65 31.77 -9.47
N ASP C 274 -11.32 31.01 -10.33
CA ASP C 274 -11.83 31.56 -11.57
C ASP C 274 -13.15 30.89 -11.98
N ILE C 275 -13.87 31.54 -12.89
CA ILE C 275 -15.14 31.03 -13.43
C ILE C 275 -14.86 29.87 -14.38
N CYS C 276 -15.20 28.67 -13.94
CA CYS C 276 -14.64 27.44 -14.51
C CYS C 276 -15.37 26.22 -13.92
N VAL C 277 -15.26 25.07 -14.57
CA VAL C 277 -15.88 23.84 -14.04
C VAL C 277 -14.96 22.60 -14.13
N SER C 278 -14.59 22.06 -12.97
CA SER C 278 -13.92 20.76 -12.92
C SER C 278 -14.27 20.02 -11.61
N GLU C 279 -13.97 18.72 -11.57
CA GLU C 279 -14.36 17.90 -10.44
C GLU C 279 -13.20 17.52 -9.51
N CYS C 280 -12.01 18.04 -9.78
CA CYS C 280 -10.80 17.70 -9.02
C CYS C 280 -9.92 18.93 -8.82
N ILE C 281 -9.48 19.15 -7.58
CA ILE C 281 -8.70 20.34 -7.23
C ILE C 281 -7.35 19.96 -6.63
N THR C 282 -6.29 20.62 -7.12
CA THR C 282 -4.94 20.51 -6.53
C THR C 282 -4.40 21.92 -6.21
N PRO C 283 -3.35 22.00 -5.35
CA PRO C 283 -2.70 23.29 -5.08
C PRO C 283 -2.24 23.99 -6.34
N ASN C 284 -2.15 23.26 -7.44
CA ASN C 284 -1.76 23.86 -8.71
C ASN C 284 -2.96 24.38 -9.48
N GLY C 285 -4.13 24.13 -8.93
CA GLY C 285 -5.38 24.47 -9.58
C GLY C 285 -6.16 23.21 -9.87
N SER C 286 -7.31 23.38 -10.51
CA SER C 286 -8.12 22.27 -10.95
C SER C 286 -7.39 21.50 -12.05
N ILE C 287 -7.69 20.21 -12.14
CA ILE C 287 -7.14 19.40 -13.22
C ILE C 287 -8.25 18.60 -13.87
N SER C 288 -8.03 18.25 -15.13
CA SER C 288 -8.95 17.44 -15.90
C SER C 288 -9.14 16.06 -15.26
N ASN C 289 -10.22 15.40 -15.64
CA ASN C 289 -10.75 14.25 -14.94
C ASN C 289 -10.70 12.95 -15.73
N ASP C 290 -10.49 13.06 -17.04
CA ASP C 290 -10.69 11.95 -17.96
C ASP C 290 -9.65 10.82 -17.89
N LYS C 291 -8.46 11.13 -17.35
CA LYS C 291 -7.35 10.18 -17.31
C LYS C 291 -7.28 9.44 -15.98
N PRO C 292 -6.89 8.15 -16.02
CA PRO C 292 -6.74 7.33 -14.81
C PRO C 292 -5.68 7.82 -13.82
N PHE C 293 -4.56 8.32 -14.34
CA PHE C 293 -3.44 8.72 -13.48
C PHE C 293 -3.11 10.18 -13.67
N GLN C 294 -2.32 10.72 -12.75
CA GLN C 294 -1.97 12.14 -12.79
C GLN C 294 -0.67 12.43 -12.06
N ASN C 295 0.09 13.38 -12.58
CA ASN C 295 1.43 13.71 -12.06
C ASN C 295 1.55 15.16 -11.56
N VAL C 296 0.41 15.84 -11.41
CA VAL C 296 0.40 17.26 -11.04
C VAL C 296 0.78 17.48 -9.57
N ASN C 297 0.15 16.73 -8.67
CA ASN C 297 0.32 16.91 -7.22
C ASN C 297 -0.32 15.78 -6.40
N LYS C 298 0.39 15.33 -5.36
CA LYS C 298 -0.14 14.30 -4.45
C LYS C 298 -1.27 14.81 -3.57
N VAL C 299 -1.40 16.13 -3.47
CA VAL C 299 -2.49 16.75 -2.71
C VAL C 299 -3.68 16.97 -3.65
N THR C 300 -4.77 16.26 -3.41
CA THR C 300 -5.97 16.40 -4.24
C THR C 300 -7.24 16.47 -3.41
N TYR C 301 -8.30 16.97 -4.03
CA TYR C 301 -9.63 16.97 -3.45
C TYR C 301 -10.63 16.78 -4.57
N GLY C 302 -11.62 15.92 -4.34
CA GLY C 302 -12.68 15.66 -5.31
C GLY C 302 -12.52 14.33 -5.99
N LYS C 303 -12.98 14.26 -7.25
CA LYS C 303 -12.94 13.05 -8.04
C LYS C 303 -11.68 13.09 -8.88
N CYS C 304 -10.57 12.63 -8.32
CA CYS C 304 -9.26 12.82 -8.91
C CYS C 304 -8.63 11.57 -9.48
N PRO C 305 -7.77 11.73 -10.52
CA PRO C 305 -6.96 10.60 -10.97
C PRO C 305 -5.93 10.25 -9.90
N LYS C 306 -5.43 9.02 -9.94
CA LYS C 306 -4.42 8.60 -8.98
C LYS C 306 -3.07 9.26 -9.27
N TYR C 307 -2.42 9.72 -8.22
CA TYR C 307 -1.13 10.39 -8.36
C TYR C 307 0.00 9.37 -8.43
N ILE C 308 0.83 9.50 -9.45
CA ILE C 308 1.97 8.59 -9.66
C ILE C 308 3.26 9.38 -10.03
N ARG C 309 4.41 8.69 -10.02
CA ARG C 309 5.70 9.35 -10.24
C ARG C 309 5.93 9.76 -11.70
N GLN C 310 5.54 8.89 -12.63
CA GLN C 310 5.86 9.11 -14.04
C GLN C 310 4.96 10.15 -14.71
N ASN C 311 5.52 10.94 -15.63
CA ASN C 311 4.77 12.04 -16.24
C ASN C 311 4.10 11.68 -17.56
N THR C 312 4.43 10.50 -18.07
CA THR C 312 3.86 10.04 -19.34
C THR C 312 3.73 8.53 -19.34
N LEU C 313 2.56 8.05 -19.77
CA LEU C 313 2.31 6.63 -20.03
C LEU C 313 1.43 6.50 -21.24
N LYS C 314 1.84 5.65 -22.18
CA LYS C 314 1.18 5.55 -23.47
C LYS C 314 0.48 4.22 -23.64
N LEU C 315 -0.85 4.26 -23.71
CA LEU C 315 -1.66 3.07 -23.93
C LEU C 315 -1.95 2.89 -25.42
N ALA C 316 -1.54 1.75 -25.96
CA ALA C 316 -1.74 1.43 -27.36
C ALA C 316 -3.23 1.22 -27.66
N THR C 317 -3.72 1.94 -28.67
CA THR C 317 -5.11 1.82 -29.09
C THR C 317 -5.19 1.45 -30.58
N GLY C 318 -4.17 0.72 -31.04
CA GLY C 318 -4.11 0.22 -32.40
C GLY C 318 -3.03 -0.84 -32.55
N MET C 319 -3.02 -1.50 -33.71
CA MET C 319 -2.05 -2.55 -33.98
C MET C 319 -0.64 -2.00 -34.19
N ARG C 320 0.33 -2.91 -34.28
CA ARG C 320 1.69 -2.57 -34.67
C ARG C 320 1.67 -1.88 -36.04
N ASN C 321 2.35 -0.74 -36.13
CA ASN C 321 2.42 0.03 -37.37
C ASN C 321 3.63 -0.37 -38.21
N VAL C 322 3.36 -0.91 -39.40
CA VAL C 322 4.43 -1.37 -40.28
C VAL C 322 4.34 -0.65 -41.64
N PRO C 323 5.00 0.52 -41.75
CA PRO C 323 5.09 1.17 -43.07
C PRO C 323 6.08 0.47 -43.99
N GLU C 324 6.03 0.82 -45.27
CA GLU C 324 6.85 0.18 -46.33
C GLU C 324 8.35 0.51 -46.21
N LYS C 325 9.19 -0.29 -46.86
CA LYS C 325 10.65 -0.10 -46.90
C LYS C 325 11.09 1.37 -46.87
N GLY D 1 3.99 -10.42 -34.19
CA GLY D 1 4.03 -10.89 -32.76
C GLY D 1 4.14 -12.39 -32.68
N ILE D 2 3.31 -12.99 -31.82
CA ILE D 2 3.36 -14.43 -31.58
C ILE D 2 2.91 -15.29 -32.77
N PHE D 3 2.02 -14.74 -33.58
CA PHE D 3 1.53 -15.43 -34.78
C PHE D 3 2.37 -15.12 -36.01
N GLY D 4 3.14 -14.03 -35.93
CA GLY D 4 4.05 -13.64 -37.02
C GLY D 4 3.34 -13.31 -38.32
N ALA D 5 2.17 -12.69 -38.21
CA ALA D 5 1.45 -12.20 -39.39
C ALA D 5 1.84 -10.75 -39.63
N ILE D 6 1.47 -9.87 -38.69
CA ILE D 6 1.85 -8.46 -38.75
C ILE D 6 3.36 -8.35 -38.50
N ALA D 7 4.04 -7.69 -39.43
CA ALA D 7 5.51 -7.61 -39.44
C ALA D 7 6.11 -9.02 -39.45
N GLY D 8 5.47 -9.91 -40.21
CA GLY D 8 5.88 -11.31 -40.31
C GLY D 8 5.83 -11.75 -41.76
N PHE D 9 4.91 -12.67 -42.08
CA PHE D 9 4.75 -13.09 -43.47
C PHE D 9 4.02 -12.05 -44.31
N ILE D 10 3.21 -11.22 -43.64
CA ILE D 10 2.68 -10.02 -44.27
C ILE D 10 3.70 -8.91 -44.05
N GLU D 11 4.32 -8.50 -45.16
CA GLU D 11 5.54 -7.70 -45.17
C GLU D 11 5.38 -6.31 -44.58
N ASN D 12 4.22 -5.70 -44.80
CA ASN D 12 3.92 -4.37 -44.26
C ASN D 12 2.43 -4.05 -44.32
N GLY D 13 2.05 -2.94 -43.69
CA GLY D 13 0.67 -2.46 -43.72
C GLY D 13 0.37 -1.64 -44.95
N TRP D 14 -0.92 -1.48 -45.24
CA TRP D 14 -1.37 -0.67 -46.37
C TRP D 14 -1.82 0.73 -45.90
N GLU D 15 -1.09 1.75 -46.34
CA GLU D 15 -1.40 3.13 -45.99
C GLU D 15 -2.66 3.61 -46.72
N GLY D 16 -2.97 2.97 -47.84
CA GLY D 16 -4.14 3.31 -48.65
C GLY D 16 -5.41 2.56 -48.28
N MET D 17 -5.38 1.82 -47.18
CA MET D 17 -6.61 1.24 -46.65
C MET D 17 -7.14 2.07 -45.49
N VAL D 18 -8.24 2.77 -45.75
CA VAL D 18 -8.85 3.68 -44.79
C VAL D 18 -10.27 3.25 -44.38
N ASP D 19 -10.81 2.25 -45.07
CA ASP D 19 -12.16 1.73 -44.77
C ASP D 19 -12.15 0.87 -43.53
N GLY D 20 -11.06 0.13 -43.33
CA GLY D 20 -10.97 -0.79 -42.20
C GLY D 20 -9.56 -1.04 -41.72
N TRP D 21 -9.42 -1.93 -40.75
CA TRP D 21 -8.13 -2.27 -40.16
C TRP D 21 -7.50 -3.46 -40.88
N TYR D 22 -8.36 -4.35 -41.38
CA TYR D 22 -7.94 -5.55 -42.08
C TYR D 22 -8.73 -5.68 -43.37
N GLY D 23 -8.17 -6.35 -44.37
CA GLY D 23 -8.84 -6.48 -45.65
C GLY D 23 -8.10 -7.21 -46.75
N PHE D 24 -8.54 -6.96 -47.98
CA PHE D 24 -8.10 -7.70 -49.16
C PHE D 24 -7.68 -6.78 -50.30
N ARG D 25 -6.64 -7.19 -51.00
CA ARG D 25 -6.33 -6.68 -52.33
C ARG D 25 -6.31 -7.85 -53.29
N TYR D 26 -6.77 -7.61 -54.52
CA TYR D 26 -6.87 -8.68 -55.50
C TYR D 26 -6.63 -8.22 -56.93
N GLN D 27 -6.09 -9.13 -57.73
CA GLN D 27 -5.92 -8.96 -59.15
C GLN D 27 -6.61 -10.12 -59.86
N ASN D 28 -7.49 -9.80 -60.80
CA ASN D 28 -8.23 -10.84 -61.53
C ASN D 28 -8.51 -10.44 -62.99
N SER D 29 -9.51 -11.10 -63.59
CA SER D 29 -9.92 -10.85 -64.96
C SER D 29 -10.55 -9.47 -65.17
N GLU D 30 -10.82 -8.76 -64.07
CA GLU D 30 -11.43 -7.43 -64.12
C GLU D 30 -10.48 -6.33 -63.63
N GLY D 31 -9.24 -6.71 -63.31
CA GLY D 31 -8.23 -5.75 -62.87
C GLY D 31 -7.87 -5.90 -61.41
N THR D 32 -7.51 -4.80 -60.77
CA THR D 32 -7.17 -4.81 -59.34
C THR D 32 -8.28 -4.18 -58.49
N GLY D 33 -8.32 -4.54 -57.22
CA GLY D 33 -9.36 -4.06 -56.31
C GLY D 33 -9.00 -4.17 -54.84
N GLN D 34 -9.69 -3.37 -54.02
CA GLN D 34 -9.47 -3.35 -52.58
C GLN D 34 -10.80 -3.35 -51.83
N ALA D 35 -10.85 -4.10 -50.72
CA ALA D 35 -12.04 -4.15 -49.87
C ALA D 35 -11.67 -4.51 -48.44
N ALA D 36 -12.19 -3.74 -47.49
CA ALA D 36 -11.94 -4.00 -46.08
C ALA D 36 -12.79 -5.17 -45.58
N ASP D 37 -12.31 -5.84 -44.53
CA ASP D 37 -13.10 -6.82 -43.81
C ASP D 37 -13.58 -6.17 -42.53
N LEU D 38 -14.89 -6.15 -42.34
CA LEU D 38 -15.48 -5.39 -41.25
C LEU D 38 -15.54 -6.16 -39.93
N LYS D 39 -15.80 -7.46 -40.00
CA LYS D 39 -15.88 -8.30 -38.81
C LYS D 39 -14.55 -8.34 -38.06
N SER D 40 -13.44 -8.49 -38.79
CA SER D 40 -12.10 -8.44 -38.20
C SER D 40 -11.82 -7.10 -37.55
N THR D 41 -12.00 -6.03 -38.32
CA THR D 41 -11.88 -4.66 -37.83
C THR D 41 -12.65 -4.48 -36.52
N GLN D 42 -13.93 -4.87 -36.52
CA GLN D 42 -14.78 -4.75 -35.35
C GLN D 42 -14.35 -5.68 -34.21
N ALA D 43 -13.98 -6.91 -34.55
CA ALA D 43 -13.50 -7.88 -33.56
C ALA D 43 -12.40 -7.28 -32.69
N ALA D 44 -11.43 -6.64 -33.35
CA ALA D 44 -10.31 -5.99 -32.68
C ALA D 44 -10.72 -4.71 -31.94
N ILE D 45 -11.47 -3.84 -32.61
CA ILE D 45 -11.90 -2.57 -32.03
C ILE D 45 -12.67 -2.79 -30.73
N ASP D 46 -13.57 -3.78 -30.73
CA ASP D 46 -14.36 -4.12 -29.53
C ASP D 46 -13.53 -4.58 -28.33
N GLN D 47 -12.33 -5.08 -28.59
CA GLN D 47 -11.43 -5.52 -27.51
C GLN D 47 -10.54 -4.38 -27.02
N ILE D 48 -10.27 -3.42 -27.90
CA ILE D 48 -9.48 -2.25 -27.52
C ILE D 48 -10.34 -1.17 -26.85
N ASN D 49 -11.60 -1.04 -27.26
CA ASN D 49 -12.53 -0.09 -26.65
C ASN D 49 -12.81 -0.39 -25.18
N GLY D 50 -12.59 0.62 -24.33
CA GLY D 50 -12.86 0.50 -22.90
C GLY D 50 -12.02 -0.56 -22.22
N LYS D 51 -10.84 -0.79 -22.78
CA LYS D 51 -9.88 -1.75 -22.29
C LYS D 51 -9.55 -1.50 -20.83
N LEU D 52 -9.31 -0.24 -20.51
CA LEU D 52 -8.85 0.14 -19.18
C LEU D 52 -9.96 0.05 -18.14
N ASN D 53 -11.20 0.32 -18.57
CA ASN D 53 -12.37 0.21 -17.71
C ASN D 53 -12.65 -1.20 -17.19
N ARG D 54 -12.05 -2.20 -17.82
CA ARG D 54 -12.19 -3.59 -17.38
C ARG D 54 -11.30 -3.90 -16.18
N VAL D 55 -10.34 -3.01 -15.90
CA VAL D 55 -9.36 -3.23 -14.84
C VAL D 55 -9.44 -2.17 -13.74
N ILE D 56 -9.56 -0.90 -14.14
CA ILE D 56 -9.62 0.21 -13.19
C ILE D 56 -11.03 0.75 -13.06
N GLU D 57 -11.55 0.70 -11.83
CA GLU D 57 -12.87 1.22 -11.52
C GLU D 57 -12.92 2.73 -11.76
N ARG D 58 -14.08 3.22 -12.21
CA ARG D 58 -14.26 4.65 -12.45
C ARG D 58 -13.82 5.47 -11.24
N THR D 59 -12.95 6.44 -11.48
CA THR D 59 -12.27 7.21 -10.42
C THR D 59 -13.24 7.71 -9.33
N ASN D 60 -12.80 7.60 -8.09
CA ASN D 60 -13.69 7.80 -6.96
C ASN D 60 -13.39 9.07 -6.17
N GLU D 61 -14.45 9.65 -5.60
CA GLU D 61 -14.35 10.86 -4.78
C GLU D 61 -13.66 10.61 -3.45
N LYS D 62 -12.58 11.34 -3.21
CA LYS D 62 -11.96 11.43 -1.90
C LYS D 62 -12.03 12.87 -1.43
N PHE D 63 -12.10 13.06 -0.11
CA PHE D 63 -12.29 14.39 0.46
C PHE D 63 -11.20 14.73 1.46
N HIS D 64 -11.56 14.97 2.72
CA HIS D 64 -10.53 15.23 3.70
C HIS D 64 -9.67 13.99 3.88
N GLN D 65 -8.38 14.16 3.67
CA GLN D 65 -7.39 13.10 3.82
C GLN D 65 -6.37 13.52 4.88
N ILE D 66 -5.09 13.21 4.65
CA ILE D 66 -4.03 13.62 5.58
C ILE D 66 -3.25 14.80 5.01
N GLU D 67 -2.35 15.35 5.81
CA GLU D 67 -1.47 16.40 5.35
C GLU D 67 -0.26 15.78 4.68
N LYS D 68 0.21 16.39 3.60
CA LYS D 68 1.30 15.83 2.82
C LYS D 68 2.50 16.77 2.65
N GLU D 69 2.30 18.05 2.92
CA GLU D 69 3.36 19.05 2.98
C GLU D 69 3.45 19.61 4.39
N PHE D 70 4.66 19.92 4.84
CA PHE D 70 4.86 20.43 6.20
C PHE D 70 5.85 21.58 6.22
N SER D 71 5.61 22.55 7.09
CA SER D 71 6.47 23.73 7.18
C SER D 71 7.17 23.81 8.54
N GLU D 72 7.15 22.70 9.27
CA GLU D 72 7.76 22.61 10.60
C GLU D 72 8.37 21.23 10.74
N VAL D 73 9.53 21.17 11.39
CA VAL D 73 10.15 19.90 11.74
C VAL D 73 9.47 19.36 13.01
N GLU D 74 9.07 18.08 12.99
CA GLU D 74 8.26 17.53 14.08
C GLU D 74 8.74 16.20 14.64
N GLY D 75 9.26 15.34 13.77
CA GLY D 75 9.69 14.01 14.21
C GLY D 75 8.63 12.95 14.01
N ARG D 76 8.48 12.10 15.01
CA ARG D 76 7.73 10.83 14.91
C ARG D 76 6.51 10.81 13.98
N ILE D 77 5.54 11.69 14.24
CA ILE D 77 4.26 11.65 13.53
C ILE D 77 4.42 12.03 12.07
N GLN D 78 5.26 13.03 11.82
CA GLN D 78 5.45 13.52 10.45
C GLN D 78 6.21 12.50 9.61
N ASP D 79 7.19 11.84 10.20
CA ASP D 79 7.87 10.73 9.55
C ASP D 79 6.84 9.73 9.04
N LEU D 80 5.93 9.36 9.94
CA LEU D 80 4.86 8.42 9.65
C LEU D 80 3.96 8.90 8.51
N GLU D 81 3.50 10.14 8.60
CA GLU D 81 2.65 10.71 7.56
C GLU D 81 3.36 10.74 6.21
N LYS D 82 4.66 10.99 6.21
CA LYS D 82 5.42 11.05 4.97
C LYS D 82 5.65 9.66 4.41
N TYR D 83 5.93 8.71 5.29
CA TYR D 83 6.18 7.33 4.88
C TYR D 83 4.94 6.72 4.27
N VAL D 84 3.80 6.91 4.94
CA VAL D 84 2.51 6.38 4.47
C VAL D 84 2.23 6.86 3.05
N GLU D 85 2.36 8.16 2.82
CA GLU D 85 2.11 8.75 1.49
C GLU D 85 3.12 8.25 0.45
N ASP D 86 4.36 8.06 0.87
CA ASP D 86 5.41 7.59 -0.03
C ASP D 86 5.18 6.13 -0.44
N THR D 87 4.88 5.30 0.55
CA THR D 87 4.46 3.93 0.33
C THR D 87 3.35 3.84 -0.70
N LYS D 88 2.30 4.66 -0.53
CA LYS D 88 1.15 4.67 -1.42
C LYS D 88 1.54 5.02 -2.86
N ILE D 89 2.24 6.14 -3.03
CA ILE D 89 2.59 6.63 -4.37
C ILE D 89 3.47 5.63 -5.14
N ASP D 90 4.34 4.93 -4.44
CA ASP D 90 5.22 3.97 -5.11
C ASP D 90 4.44 2.77 -5.59
N LEU D 91 3.45 2.34 -4.80
CA LEU D 91 2.64 1.19 -5.16
C LEU D 91 1.76 1.47 -6.39
N TRP D 92 1.09 2.61 -6.39
CA TRP D 92 0.30 3.00 -7.56
C TRP D 92 1.17 3.24 -8.79
N SER D 93 2.41 3.69 -8.56
CA SER D 93 3.35 3.91 -9.66
C SER D 93 3.70 2.58 -10.30
N TYR D 94 3.98 1.60 -9.45
CA TYR D 94 4.19 0.23 -9.94
C TYR D 94 2.99 -0.24 -10.74
N ASN D 95 1.80 -0.08 -10.16
CA ASN D 95 0.57 -0.50 -10.82
C ASN D 95 0.43 0.07 -12.22
N ALA D 96 0.58 1.39 -12.32
CA ALA D 96 0.42 2.07 -13.59
C ALA D 96 1.40 1.53 -14.63
N GLU D 97 2.64 1.25 -14.22
CA GLU D 97 3.67 0.81 -15.15
C GLU D 97 3.42 -0.62 -15.63
N LEU D 98 3.03 -1.50 -14.71
CA LEU D 98 2.73 -2.89 -15.02
C LEU D 98 1.52 -2.99 -15.93
N LEU D 99 0.47 -2.23 -15.62
CA LEU D 99 -0.79 -2.29 -16.36
C LEU D 99 -0.59 -1.92 -17.81
N VAL D 100 0.20 -0.87 -18.05
CA VAL D 100 0.44 -0.35 -19.39
C VAL D 100 1.21 -1.38 -20.23
N ALA D 101 2.20 -2.04 -19.62
CA ALA D 101 2.95 -3.08 -20.30
C ALA D 101 2.07 -4.29 -20.68
N LEU D 102 1.26 -4.75 -19.72
CA LEU D 102 0.31 -5.85 -19.92
C LEU D 102 -0.68 -5.57 -21.04
N GLU D 103 -1.35 -4.42 -20.95
CA GLU D 103 -2.41 -4.08 -21.89
C GLU D 103 -1.87 -3.90 -23.31
N ASN D 104 -0.71 -3.27 -23.42
CA ASN D 104 -0.05 -3.08 -24.72
C ASN D 104 0.41 -4.41 -25.32
N GLN D 105 0.91 -5.31 -24.49
CA GLN D 105 1.26 -6.66 -24.96
C GLN D 105 0.01 -7.35 -25.45
N HIS D 106 -1.07 -7.20 -24.70
CA HIS D 106 -2.35 -7.75 -25.11
C HIS D 106 -2.82 -7.17 -26.45
N THR D 107 -2.76 -5.85 -26.59
CA THR D 107 -3.18 -5.19 -27.83
C THR D 107 -2.41 -5.71 -29.05
N ILE D 108 -1.08 -5.74 -28.96
CA ILE D 108 -0.23 -6.27 -30.03
C ILE D 108 -0.56 -7.71 -30.39
N ASP D 109 -0.75 -8.56 -29.38
CA ASP D 109 -1.00 -9.96 -29.64
C ASP D 109 -2.38 -10.20 -30.26
N LEU D 110 -3.40 -9.52 -29.75
CA LEU D 110 -4.76 -9.75 -30.25
C LEU D 110 -4.96 -9.21 -31.66
N THR D 111 -4.26 -8.13 -32.01
CA THR D 111 -4.37 -7.55 -33.34
C THR D 111 -3.66 -8.42 -34.38
N ASP D 112 -2.52 -8.97 -33.98
CA ASP D 112 -1.80 -9.97 -34.78
C ASP D 112 -2.66 -11.22 -34.96
N ALA D 113 -3.32 -11.65 -33.89
CA ALA D 113 -4.24 -12.79 -33.93
C ALA D 113 -5.37 -12.60 -34.94
N GLU D 114 -5.96 -11.41 -34.96
CA GLU D 114 -7.05 -11.11 -35.88
C GLU D 114 -6.62 -11.24 -37.34
N MET D 115 -5.43 -10.74 -37.66
CA MET D 115 -4.86 -10.86 -39.00
C MET D 115 -4.70 -12.33 -39.38
N ASN D 116 -4.12 -13.10 -38.46
CA ASN D 116 -3.87 -14.51 -38.69
C ASN D 116 -5.16 -15.31 -38.87
N LYS D 117 -6.17 -14.99 -38.05
CA LYS D 117 -7.47 -15.65 -38.12
C LYS D 117 -8.13 -15.44 -39.48
N LEU D 118 -8.07 -14.20 -39.97
CA LEU D 118 -8.64 -13.87 -41.27
C LEU D 118 -7.94 -14.64 -42.39
N PHE D 119 -6.61 -14.75 -42.29
CA PHE D 119 -5.82 -15.51 -43.26
C PHE D 119 -6.29 -16.96 -43.30
N GLU D 120 -6.30 -17.62 -42.14
CA GLU D 120 -6.77 -18.99 -42.01
C GLU D 120 -8.21 -19.16 -42.51
N LYS D 121 -9.07 -18.22 -42.16
CA LYS D 121 -10.47 -18.22 -42.63
C LYS D 121 -10.51 -18.26 -44.15
N THR D 122 -9.78 -17.35 -44.79
CA THR D 122 -9.66 -17.29 -46.24
C THR D 122 -9.08 -18.59 -46.80
N ARG D 123 -8.02 -19.10 -46.18
CA ARG D 123 -7.37 -20.34 -46.65
C ARG D 123 -8.33 -21.52 -46.67
N ARG D 124 -9.07 -21.71 -45.59
CA ARG D 124 -9.96 -22.86 -45.42
C ARG D 124 -11.07 -22.94 -46.46
N GLN D 125 -11.44 -21.80 -47.05
CA GLN D 125 -12.45 -21.77 -48.09
C GLN D 125 -11.92 -22.23 -49.44
N LEU D 126 -10.70 -21.82 -49.75
CA LEU D 126 -10.08 -22.09 -51.04
C LEU D 126 -9.68 -23.56 -51.24
N ARG D 127 -9.39 -24.26 -50.14
CA ARG D 127 -9.05 -25.69 -50.17
C ARG D 127 -7.93 -25.96 -51.19
N GLU D 128 -8.09 -26.98 -52.03
CA GLU D 128 -7.07 -27.33 -53.04
C GLU D 128 -7.05 -26.37 -54.22
N ASN D 129 -8.09 -25.56 -54.37
CA ASN D 129 -8.20 -24.61 -55.48
C ASN D 129 -7.20 -23.45 -55.40
N ALA D 130 -6.44 -23.37 -54.31
CA ALA D 130 -5.46 -22.29 -54.15
C ALA D 130 -4.13 -22.71 -53.51
N GLU D 131 -3.21 -21.74 -53.48
CA GLU D 131 -1.84 -21.97 -53.09
C GLU D 131 -1.37 -20.80 -52.23
N ASP D 132 -0.99 -21.09 -50.97
CA ASP D 132 -0.35 -20.10 -50.10
C ASP D 132 0.96 -19.69 -50.77
N MET D 133 1.10 -18.41 -51.07
CA MET D 133 2.32 -17.92 -51.71
C MET D 133 3.38 -17.51 -50.70
N GLY D 134 3.05 -17.60 -49.41
CA GLY D 134 3.94 -17.23 -48.32
C GLY D 134 3.99 -15.73 -48.08
N ASP D 135 3.38 -14.99 -49.00
CA ASP D 135 3.42 -13.53 -49.01
C ASP D 135 2.24 -12.93 -48.23
N GLY D 136 1.38 -13.80 -47.72
CA GLY D 136 0.05 -13.42 -47.28
C GLY D 136 -0.90 -13.38 -48.47
N CYS D 137 -0.44 -13.97 -49.58
CA CYS D 137 -1.15 -13.97 -50.85
C CYS D 137 -1.59 -15.37 -51.25
N PHE D 138 -2.66 -15.44 -52.05
CA PHE D 138 -3.15 -16.71 -52.56
C PHE D 138 -3.15 -16.74 -54.08
N LYS D 139 -2.56 -17.80 -54.63
CA LYS D 139 -2.64 -18.07 -56.06
C LYS D 139 -3.88 -18.94 -56.28
N ILE D 140 -4.89 -18.38 -56.94
CA ILE D 140 -6.13 -19.10 -57.21
C ILE D 140 -6.09 -19.66 -58.63
N TYR D 141 -6.11 -20.99 -58.73
CA TYR D 141 -5.93 -21.69 -60.00
C TYR D 141 -7.20 -21.77 -60.86
N HIS D 142 -7.99 -20.70 -60.87
CA HIS D 142 -9.16 -20.62 -61.75
C HIS D 142 -9.59 -19.17 -61.97
N LYS D 143 -10.28 -18.93 -63.09
CA LYS D 143 -10.84 -17.61 -63.38
C LYS D 143 -11.83 -17.24 -62.30
N CYS D 144 -11.57 -16.11 -61.64
CA CYS D 144 -12.37 -15.67 -60.51
C CYS D 144 -12.66 -14.18 -60.66
N ASP D 145 -13.87 -13.86 -61.12
CA ASP D 145 -14.31 -12.48 -61.33
C ASP D 145 -14.58 -11.76 -60.00
N ASN D 146 -15.01 -10.50 -60.07
CA ASN D 146 -15.28 -9.72 -58.86
C ASN D 146 -16.33 -10.35 -57.97
N ALA D 147 -17.39 -10.90 -58.58
CA ALA D 147 -18.44 -11.61 -57.85
C ALA D 147 -17.91 -12.86 -57.13
N CYS D 148 -16.94 -13.51 -57.78
CA CYS D 148 -16.27 -14.70 -57.23
C CYS D 148 -15.34 -14.33 -56.07
N ILE D 149 -14.73 -13.15 -56.15
CA ILE D 149 -13.93 -12.61 -55.04
C ILE D 149 -14.84 -12.26 -53.85
N GLU D 150 -15.93 -11.54 -54.14
CA GLU D 150 -17.00 -11.27 -53.19
C GLU D 150 -17.48 -12.56 -52.50
N SER D 151 -17.58 -13.64 -53.28
CA SER D 151 -17.95 -14.97 -52.80
C SER D 151 -17.02 -15.46 -51.68
N ILE D 152 -15.73 -15.16 -51.81
CA ILE D 152 -14.72 -15.59 -50.85
C ILE D 152 -14.78 -14.77 -49.56
N ARG D 153 -14.84 -13.45 -49.69
CA ARG D 153 -14.86 -12.58 -48.52
C ARG D 153 -16.21 -12.44 -47.82
N THR D 154 -17.26 -13.01 -48.42
CA THR D 154 -18.56 -13.13 -47.77
C THR D 154 -18.67 -14.52 -47.12
N GLY D 155 -17.78 -15.42 -47.53
CA GLY D 155 -17.79 -16.79 -47.04
C GLY D 155 -18.87 -17.67 -47.64
N THR D 156 -19.30 -17.35 -48.86
CA THR D 156 -20.30 -18.13 -49.59
C THR D 156 -19.68 -18.92 -50.76
N TYR D 157 -18.36 -18.87 -50.84
CA TYR D 157 -17.57 -19.52 -51.89
C TYR D 157 -17.71 -21.04 -51.88
N ASP D 158 -18.00 -21.61 -53.04
CA ASP D 158 -18.14 -23.05 -53.20
C ASP D 158 -16.99 -23.60 -54.03
N HIS D 159 -16.05 -24.27 -53.35
CA HIS D 159 -14.85 -24.78 -53.98
C HIS D 159 -15.11 -25.94 -54.95
N TYR D 160 -16.16 -26.71 -54.70
CA TYR D 160 -16.53 -27.84 -55.56
C TYR D 160 -16.84 -27.37 -56.99
N ILE D 161 -17.47 -26.20 -57.09
CA ILE D 161 -17.83 -25.58 -58.37
C ILE D 161 -16.62 -25.35 -59.28
N TYR D 162 -15.50 -24.94 -58.67
CA TYR D 162 -14.28 -24.60 -59.41
C TYR D 162 -13.20 -25.69 -59.35
N ARG D 163 -13.48 -26.78 -58.64
CA ARG D 163 -12.49 -27.84 -58.38
C ARG D 163 -11.85 -28.42 -59.65
N ASP D 164 -12.69 -28.72 -60.63
CA ASP D 164 -12.22 -29.34 -61.86
C ASP D 164 -11.39 -28.40 -62.73
N GLU D 165 -11.83 -27.13 -62.80
CA GLU D 165 -11.06 -26.09 -63.48
C GLU D 165 -9.71 -25.88 -62.77
N ALA D 166 -9.75 -25.85 -61.43
CA ALA D 166 -8.57 -25.67 -60.60
C ALA D 166 -7.53 -26.76 -60.78
N LEU D 167 -7.98 -28.02 -60.82
CA LEU D 167 -7.11 -29.17 -61.03
C LEU D 167 -6.42 -29.11 -62.40
N ASN D 168 -7.19 -28.75 -63.42
CA ASN D 168 -6.68 -28.64 -64.78
C ASN D 168 -5.54 -27.63 -64.87
N ASN D 169 -5.74 -26.45 -64.30
CA ASN D 169 -4.72 -25.40 -64.28
C ASN D 169 -3.50 -25.77 -63.44
N ARG D 170 -3.76 -26.36 -62.28
CA ARG D 170 -2.71 -26.77 -61.35
C ARG D 170 -1.78 -27.79 -61.98
N PHE D 171 -2.36 -28.88 -62.49
CA PHE D 171 -1.57 -29.99 -63.00
C PHE D 171 -1.25 -29.92 -64.48
N GLN D 172 -1.23 -28.70 -65.02
CA GLN D 172 -0.74 -28.45 -66.37
C GLN D 172 0.72 -28.88 -66.53
N SER D 173 1.52 -28.65 -65.51
CA SER D 173 2.98 -28.80 -65.56
C SER D 173 3.52 -30.15 -65.03
N GLY D 174 4.85 -30.23 -64.89
CA GLY D 174 5.55 -31.46 -64.54
C GLY D 174 6.37 -31.95 -65.73
N ARG D 175 7.69 -32.04 -65.57
CA ARG D 175 8.59 -32.47 -66.64
C ARG D 175 9.81 -33.21 -66.11
N ASN E 7 19.61 -39.74 -51.70
CA ASN E 7 18.45 -40.42 -52.36
C ASN E 7 18.07 -39.72 -53.67
N ASN E 8 16.79 -39.35 -53.79
CA ASN E 8 16.30 -38.39 -54.78
C ASN E 8 15.44 -37.39 -54.01
N THR E 9 15.53 -37.47 -52.69
CA THR E 9 14.76 -36.62 -51.79
C THR E 9 15.65 -36.14 -50.64
N ALA E 10 15.16 -35.17 -49.88
CA ALA E 10 15.86 -34.66 -48.71
C ALA E 10 14.92 -34.56 -47.52
N THR E 11 15.48 -34.61 -46.30
CA THR E 11 14.67 -34.44 -45.09
C THR E 11 15.25 -33.33 -44.21
N LEU E 12 14.46 -32.29 -43.99
CA LEU E 12 14.89 -31.13 -43.22
C LEU E 12 14.07 -30.99 -41.95
N CYS E 13 14.74 -31.13 -40.80
CA CYS E 13 14.07 -31.09 -39.50
C CYS E 13 14.36 -29.82 -38.75
N LEU E 14 13.33 -29.26 -38.13
CA LEU E 14 13.48 -28.07 -37.32
C LEU E 14 13.49 -28.43 -35.84
N GLY E 15 14.19 -27.62 -35.05
CA GLY E 15 14.33 -27.89 -33.64
C GLY E 15 14.81 -26.71 -32.82
N HIS E 16 15.06 -26.99 -31.54
CA HIS E 16 15.49 -25.99 -30.58
C HIS E 16 16.52 -26.64 -29.65
N HIS E 17 17.20 -25.83 -28.84
CA HIS E 17 18.25 -26.35 -27.97
C HIS E 17 17.72 -26.83 -26.63
N ALA E 18 18.60 -27.50 -25.88
CA ALA E 18 18.33 -27.99 -24.54
C ALA E 18 19.65 -28.08 -23.79
N VAL E 19 19.58 -28.02 -22.46
CA VAL E 19 20.77 -28.09 -21.62
C VAL E 19 20.72 -29.33 -20.75
N ALA E 20 21.89 -29.76 -20.24
CA ALA E 20 21.98 -30.97 -19.41
C ALA E 20 21.18 -30.80 -18.12
N ASN E 21 21.62 -29.88 -17.27
CA ASN E 21 20.94 -29.62 -16.01
C ASN E 21 20.18 -28.30 -16.07
N GLY E 22 18.85 -28.40 -16.18
CA GLY E 22 17.97 -27.23 -16.22
C GLY E 22 17.37 -26.91 -14.86
N THR E 23 16.53 -25.87 -14.81
CA THR E 23 16.02 -25.35 -13.54
C THR E 23 14.50 -25.12 -13.53
N LEU E 24 13.89 -25.24 -12.35
CA LEU E 24 12.43 -25.15 -12.21
C LEU E 24 11.91 -23.73 -11.92
N VAL E 25 10.87 -23.33 -12.65
CA VAL E 25 10.22 -22.04 -12.41
C VAL E 25 8.72 -22.23 -12.33
N LYS E 26 8.03 -21.17 -11.93
CA LYS E 26 6.59 -21.19 -11.82
C LYS E 26 5.98 -20.23 -12.84
N THR E 27 4.89 -20.66 -13.45
CA THR E 27 4.16 -19.81 -14.39
C THR E 27 2.72 -19.68 -13.92
N MET E 28 1.85 -19.22 -14.81
CA MET E 28 0.44 -19.15 -14.50
C MET E 28 -0.24 -20.50 -14.75
N SER E 29 0.44 -21.34 -15.54
CA SER E 29 -0.10 -22.62 -15.98
C SER E 29 0.40 -23.78 -15.13
N ASP E 30 1.64 -23.70 -14.65
CA ASP E 30 2.25 -24.80 -13.91
C ASP E 30 2.85 -24.33 -12.59
N ASP E 31 2.78 -25.18 -11.57
CA ASP E 31 3.44 -24.94 -10.29
C ASP E 31 4.95 -25.03 -10.48
N GLN E 32 5.38 -26.02 -11.27
CA GLN E 32 6.79 -26.25 -11.53
C GLN E 32 6.96 -26.64 -12.99
N ILE E 33 7.90 -25.97 -13.66
CA ILE E 33 8.22 -26.29 -15.05
C ILE E 33 9.70 -26.05 -15.32
N GLU E 34 10.35 -26.98 -16.01
CA GLU E 34 11.78 -26.90 -16.29
C GLU E 34 12.08 -25.96 -17.46
N VAL E 35 12.92 -24.96 -17.21
CA VAL E 35 13.44 -24.10 -18.26
C VAL E 35 14.95 -24.27 -18.39
N THR E 36 15.52 -23.75 -19.46
CA THR E 36 16.96 -23.91 -19.72
C THR E 36 17.84 -23.09 -18.78
N ASN E 37 17.31 -21.96 -18.33
CA ASN E 37 18.08 -21.00 -17.53
C ASN E 37 17.16 -20.01 -16.81
N ALA E 38 17.50 -19.70 -15.58
CA ALA E 38 16.77 -18.72 -14.79
C ALA E 38 17.70 -17.91 -13.90
N THR E 39 17.18 -16.86 -13.28
CA THR E 39 17.95 -16.05 -12.34
C THR E 39 17.16 -15.74 -11.09
N GLU E 40 17.86 -15.71 -9.95
CA GLU E 40 17.28 -15.29 -8.68
C GLU E 40 16.94 -13.81 -8.69
N LEU E 41 15.78 -13.50 -8.10
CA LEU E 41 15.27 -12.13 -8.03
C LEU E 41 15.14 -11.61 -6.60
N VAL E 42 15.57 -12.42 -5.64
CA VAL E 42 15.48 -12.08 -4.22
C VAL E 42 16.86 -12.19 -3.61
N GLN E 43 17.36 -11.07 -3.06
CA GLN E 43 18.63 -11.08 -2.35
C GLN E 43 18.39 -11.57 -0.91
N SER E 44 19.02 -12.68 -0.55
CA SER E 44 18.83 -13.26 0.76
C SER E 44 20.12 -13.29 1.59
N ILE E 45 21.26 -13.19 0.91
CA ILE E 45 22.57 -13.16 1.56
C ILE E 45 23.00 -11.69 1.77
N SER E 46 23.45 -11.37 2.99
CA SER E 46 24.09 -10.07 3.20
C SER E 46 25.62 -10.22 3.14
N MET E 47 26.32 -9.11 3.26
CA MET E 47 27.78 -9.11 3.21
C MET E 47 28.42 -9.35 4.57
N GLY E 48 27.61 -9.47 5.62
CA GLY E 48 28.11 -9.77 6.96
C GLY E 48 28.69 -8.58 7.71
N LYS E 49 29.08 -7.54 6.96
CA LYS E 49 29.57 -6.28 7.55
C LYS E 49 28.90 -5.06 6.92
N ILE E 50 29.08 -3.90 7.54
CA ILE E 50 28.65 -2.62 6.96
C ILE E 50 29.83 -2.01 6.20
N CYS E 51 29.64 -1.83 4.89
CA CYS E 51 30.66 -1.23 4.03
C CYS E 51 30.84 0.27 4.33
N ASN E 52 32.08 0.67 4.59
CA ASN E 52 32.40 2.06 4.92
C ASN E 52 32.30 3.02 3.74
N LYS E 53 32.14 2.47 2.53
CA LYS E 53 32.16 3.28 1.32
C LYS E 53 30.89 3.32 0.49
N SER E 54 30.84 4.41 -0.28
CA SER E 54 29.67 5.01 -0.90
C SER E 54 29.09 6.04 0.09
N TYR E 55 28.32 5.56 1.08
CA TYR E 55 27.80 6.45 2.12
C TYR E 55 28.81 6.69 3.24
N ARG E 56 28.57 7.76 3.99
CA ARG E 56 29.42 8.16 5.09
C ARG E 56 28.86 7.58 6.40
N ILE E 57 29.61 6.64 6.99
CA ILE E 57 29.16 5.92 8.16
C ILE E 57 29.89 6.40 9.40
N LEU E 58 29.14 6.76 10.44
CA LEU E 58 29.70 7.11 11.72
C LEU E 58 29.34 6.03 12.76
N ASP E 59 30.35 5.34 13.26
CA ASP E 59 30.16 4.32 14.28
C ASP E 59 29.87 4.97 15.62
N GLY E 60 28.68 4.75 16.16
CA GLY E 60 28.30 5.32 17.45
C GLY E 60 29.09 4.81 18.65
N ARG E 61 29.66 3.60 18.51
CA ARG E 61 30.44 2.95 19.58
C ARG E 61 29.70 2.88 20.92
N ASN E 62 30.22 3.55 21.95
CA ASN E 62 29.57 3.54 23.26
C ASN E 62 28.44 4.56 23.41
N CYS E 63 28.18 5.32 22.36
CA CYS E 63 27.28 6.49 22.43
C CYS E 63 26.00 6.40 21.60
N THR E 64 24.87 6.74 22.25
CA THR E 64 23.62 7.00 21.54
C THR E 64 23.75 8.36 20.89
N LEU E 65 23.05 8.53 19.77
CA LEU E 65 23.00 9.80 19.08
C LEU E 65 22.67 10.96 20.03
N ILE E 66 21.63 10.76 20.85
CA ILE E 66 21.19 11.79 21.80
C ILE E 66 22.32 12.21 22.74
N ASP E 67 23.06 11.24 23.27
CA ASP E 67 24.19 11.54 24.14
C ASP E 67 25.32 12.28 23.43
N ALA E 68 25.61 11.88 22.20
CA ALA E 68 26.58 12.59 21.36
C ALA E 68 26.15 14.03 21.09
N MET E 69 24.86 14.30 21.07
CA MET E 69 24.43 15.67 20.85
C MET E 69 24.29 16.49 22.15
N LEU E 70 23.93 15.83 23.26
CA LEU E 70 23.86 16.51 24.56
C LEU E 70 25.24 16.91 25.10
N GLY E 71 26.26 16.14 24.74
CA GLY E 71 27.62 16.40 25.20
C GLY E 71 28.00 15.60 26.42
N ASP E 72 27.61 14.32 26.42
CA ASP E 72 27.99 13.35 27.45
C ASP E 72 29.51 13.18 27.37
N PRO E 73 30.22 13.28 28.50
CA PRO E 73 31.69 13.30 28.46
C PRO E 73 32.33 12.18 27.65
N HIS E 74 31.81 10.96 27.77
CA HIS E 74 32.41 9.84 27.04
C HIS E 74 32.06 9.89 25.54
N CYS E 75 31.32 10.92 25.14
CA CYS E 75 30.94 11.12 23.74
C CYS E 75 31.61 12.35 23.12
N ASP E 76 32.60 12.89 23.81
CA ASP E 76 33.32 14.09 23.34
C ASP E 76 33.94 13.96 21.96
N ALA E 77 34.34 12.74 21.58
CA ALA E 77 34.92 12.48 20.26
C ALA E 77 33.93 12.71 19.08
N PHE E 78 32.64 12.81 19.39
CA PHE E 78 31.64 12.99 18.34
C PHE E 78 31.33 14.47 18.12
N GLN E 79 31.97 15.31 18.92
CA GLN E 79 31.73 16.75 18.98
C GLN E 79 31.59 17.51 17.64
N TYR E 80 32.45 17.18 16.68
CA TYR E 80 32.47 17.89 15.39
C TYR E 80 31.93 17.05 14.23
N GLU E 81 31.22 15.97 14.55
CA GLU E 81 30.89 14.97 13.55
C GLU E 81 29.59 15.18 12.76
N SER E 82 29.64 14.82 11.48
CA SER E 82 28.43 14.64 10.65
C SER E 82 28.45 13.28 9.93
N TRP E 83 27.29 12.84 9.44
CA TRP E 83 27.15 11.48 8.89
C TRP E 83 26.06 11.41 7.84
N ASP E 84 26.17 10.42 6.94
CA ASP E 84 25.02 9.99 6.14
C ASP E 84 24.19 9.02 6.98
N LEU E 85 24.86 8.06 7.62
CA LEU E 85 24.19 7.13 8.51
C LEU E 85 24.95 6.98 9.83
N PHE E 86 24.24 7.22 10.92
CA PHE E 86 24.78 7.02 12.26
C PHE E 86 24.39 5.63 12.75
N ILE E 87 25.40 4.81 13.10
CA ILE E 87 25.16 3.47 13.63
C ILE E 87 25.08 3.47 15.16
N GLU E 88 23.90 3.19 15.72
CA GLU E 88 23.76 2.99 17.17
C GLU E 88 23.95 1.52 17.57
N ARG E 89 24.90 1.27 18.44
CA ARG E 89 25.19 -0.07 18.94
C ARG E 89 24.34 -0.36 20.16
N SER E 90 24.01 -1.64 20.36
CA SER E 90 23.12 -2.03 21.46
C SER E 90 23.80 -2.02 22.83
N ASN E 91 25.13 -1.95 22.84
CA ASN E 91 25.83 -1.84 24.12
C ASN E 91 26.28 -0.42 24.45
N ALA E 92 25.64 0.55 23.80
CA ALA E 92 25.84 1.96 24.14
C ALA E 92 25.20 2.23 25.50
N PHE E 93 25.69 3.24 26.19
CA PHE E 93 25.16 3.60 27.50
C PHE E 93 25.33 5.08 27.79
N SER E 94 24.51 5.61 28.68
CA SER E 94 24.64 6.98 29.17
C SER E 94 25.59 6.99 30.36
N ASN E 95 26.40 8.04 30.46
CA ASN E 95 27.34 8.15 31.57
C ASN E 95 27.43 9.56 32.16
N CYS E 96 26.34 10.32 32.00
CA CYS E 96 26.28 11.66 32.56
C CYS E 96 25.13 11.72 33.57
N TYR E 97 24.63 12.92 33.87
CA TYR E 97 23.53 13.10 34.81
C TYR E 97 22.30 12.35 34.33
N PRO E 98 21.59 11.66 35.24
CA PRO E 98 20.38 10.93 34.85
C PRO E 98 19.32 11.87 34.31
N TYR E 99 18.81 11.59 33.11
CA TYR E 99 17.83 12.46 32.47
C TYR E 99 16.66 11.69 31.85
N ASP E 100 15.62 12.42 31.44
CA ASP E 100 14.58 11.87 30.56
C ASP E 100 14.19 12.94 29.55
N ILE E 101 13.91 12.53 28.32
CA ILE E 101 13.40 13.44 27.31
C ILE E 101 11.97 13.02 26.92
N PRO E 102 10.95 13.82 27.33
CA PRO E 102 9.61 13.58 26.82
C PRO E 102 9.62 13.71 25.30
N ASP E 103 9.21 12.64 24.61
CA ASP E 103 9.25 12.60 23.14
C ASP E 103 10.67 12.36 22.60
N TYR E 104 11.45 11.62 23.38
CA TYR E 104 12.80 11.15 23.01
C TYR E 104 12.86 10.69 21.54
N ALA E 105 11.92 9.83 21.17
CA ALA E 105 11.85 9.30 19.81
C ALA E 105 11.85 10.39 18.72
N SER E 106 11.14 11.49 18.94
CA SER E 106 11.04 12.53 17.92
C SER E 106 12.31 13.35 17.78
N LEU E 107 12.95 13.65 18.91
CA LEU E 107 14.17 14.45 18.87
C LEU E 107 15.31 13.64 18.25
N ARG E 108 15.32 12.34 18.55
CA ARG E 108 16.27 11.43 17.93
C ARG E 108 16.09 11.42 16.40
N SER E 109 14.84 11.41 15.96
CA SER E 109 14.53 11.47 14.54
C SER E 109 14.97 12.81 13.90
N ILE E 110 14.76 13.92 14.61
CA ILE E 110 15.10 15.24 14.09
C ILE E 110 16.62 15.36 13.93
N VAL E 111 17.35 15.07 15.00
CA VAL E 111 18.81 15.10 14.99
C VAL E 111 19.34 14.18 13.89
N ALA E 112 18.84 12.94 13.87
CA ALA E 112 19.29 11.97 12.87
C ALA E 112 19.15 12.50 11.45
N SER E 113 18.01 13.11 11.16
CA SER E 113 17.70 13.58 9.82
C SER E 113 18.56 14.78 9.42
N SER E 114 18.91 15.61 10.41
CA SER E 114 19.77 16.76 10.19
C SER E 114 21.19 16.31 9.84
N GLY E 115 21.64 15.25 10.49
CA GLY E 115 22.88 14.59 10.11
C GLY E 115 24.15 15.13 10.73
N THR E 116 24.01 15.89 11.81
CA THR E 116 25.16 16.50 12.47
C THR E 116 24.90 16.79 13.95
N VAL E 117 25.92 16.67 14.79
CA VAL E 117 25.84 17.18 16.17
C VAL E 117 26.75 18.41 16.37
N GLU E 118 27.20 19.00 15.26
CA GLU E 118 28.01 20.20 15.30
C GLU E 118 27.23 21.32 15.98
N PHE E 119 27.92 22.05 16.86
CA PHE E 119 27.29 22.98 17.80
C PHE E 119 27.86 24.38 17.65
N THR E 120 27.02 25.39 17.85
CA THR E 120 27.48 26.78 17.73
C THR E 120 27.20 27.56 19.01
N ALA E 121 28.27 27.92 19.71
CA ALA E 121 28.18 28.68 20.96
C ALA E 121 27.62 30.09 20.76
N GLU E 122 26.77 30.51 21.70
CA GLU E 122 26.21 31.85 21.72
C GLU E 122 26.40 32.49 23.09
N GLY E 123 26.64 33.80 23.09
CA GLY E 123 26.94 34.55 24.31
C GLY E 123 25.74 34.89 25.16
N PHE E 124 25.14 33.87 25.78
CA PHE E 124 24.09 34.09 26.77
C PHE E 124 24.66 34.71 28.04
N THR E 125 24.02 35.77 28.52
CA THR E 125 24.39 36.41 29.78
C THR E 125 23.42 36.00 30.89
N TRP E 126 23.97 35.45 31.96
CA TRP E 126 23.15 35.01 33.09
C TRP E 126 23.50 35.77 34.35
N THR E 127 22.90 36.95 34.50
CA THR E 127 23.24 37.87 35.58
C THR E 127 22.57 37.45 36.87
N GLY E 128 23.37 37.34 37.92
CA GLY E 128 22.87 37.09 39.28
C GLY E 128 22.88 35.64 39.70
N VAL E 129 23.21 34.74 38.75
CA VAL E 129 23.32 33.31 39.03
C VAL E 129 24.74 32.80 38.74
N THR E 130 25.11 31.71 39.40
CA THR E 130 26.38 31.03 39.08
C THR E 130 26.17 29.94 38.03
N GLN E 131 27.17 29.78 37.16
CA GLN E 131 27.08 28.90 36.00
C GLN E 131 27.93 27.63 36.16
N ASN E 132 27.94 26.82 35.11
CA ASN E 132 28.78 25.61 35.04
C ASN E 132 28.62 24.68 36.22
N GLY E 133 27.37 24.38 36.57
CA GLY E 133 27.06 23.44 37.63
C GLY E 133 27.54 22.04 37.27
N ARG E 134 28.14 21.36 38.25
CA ARG E 134 28.79 20.06 38.00
C ARG E 134 28.18 18.97 38.86
N SER E 135 28.46 17.72 38.51
CA SER E 135 27.90 16.56 39.23
C SER E 135 28.85 15.37 39.23
N GLY E 136 28.83 14.62 40.33
CA GLY E 136 29.59 13.38 40.45
C GLY E 136 29.07 12.24 39.58
N ALA E 137 27.84 12.39 39.09
CA ALA E 137 27.22 11.43 38.19
C ALA E 137 27.78 11.53 36.78
N CYS E 138 28.36 12.69 36.46
CA CYS E 138 28.82 12.99 35.11
C CYS E 138 30.32 13.34 35.10
N LYS E 139 31.18 12.32 35.27
CA LYS E 139 32.62 12.53 35.36
C LYS E 139 33.29 12.79 34.01
N ARG E 140 34.00 13.92 33.92
CA ARG E 140 34.86 14.20 32.77
C ARG E 140 36.25 13.63 33.06
N GLY E 141 36.39 12.33 32.79
CA GLY E 141 37.66 11.62 32.97
C GLY E 141 38.03 11.37 34.42
N SER E 142 37.83 12.38 35.26
CA SER E 142 38.34 12.36 36.64
C SER E 142 37.55 13.30 37.57
N ALA E 143 37.27 14.53 37.10
CA ALA E 143 36.56 15.53 37.89
C ALA E 143 35.05 15.52 37.63
N ASP E 144 34.29 16.13 38.56
CA ASP E 144 32.85 16.33 38.39
C ASP E 144 32.63 17.28 37.25
N SER E 145 31.59 17.00 36.45
CA SER E 145 31.34 17.73 35.23
C SER E 145 29.84 17.67 34.91
N PHE E 146 29.50 17.93 33.64
CA PHE E 146 28.12 18.04 33.18
C PHE E 146 28.13 18.03 31.65
N PHE E 147 26.94 17.87 31.05
CA PHE E 147 26.80 17.93 29.58
C PHE E 147 27.48 19.19 29.06
N SER E 148 28.32 19.03 28.05
CA SER E 148 29.04 20.17 27.49
C SER E 148 28.10 21.17 26.81
N ARG E 149 27.02 20.70 26.20
CA ARG E 149 26.09 21.59 25.51
C ARG E 149 25.03 22.19 26.44
N LEU E 150 25.11 21.84 27.72
CA LEU E 150 24.14 22.35 28.69
C LEU E 150 24.82 23.06 29.87
N ASN E 151 24.18 24.13 30.33
CA ASN E 151 24.73 25.00 31.35
C ASN E 151 23.82 24.99 32.57
N TRP E 152 24.29 24.36 33.65
CA TRP E 152 23.49 24.19 34.86
C TRP E 152 23.68 25.37 35.81
N LEU E 153 22.60 26.13 36.01
CA LEU E 153 22.69 27.37 36.80
C LEU E 153 22.19 27.16 38.21
N THR E 154 22.87 27.79 39.17
CA THR E 154 22.51 27.75 40.59
C THR E 154 22.57 29.16 41.21
N LYS E 155 21.96 29.31 42.38
CA LYS E 155 21.96 30.59 43.10
C LYS E 155 23.38 31.12 43.34
N SER E 156 23.57 32.43 43.14
CA SER E 156 24.87 33.06 43.39
C SER E 156 24.86 33.78 44.74
N GLY E 157 25.80 33.39 45.59
CA GLY E 157 25.88 33.90 46.96
C GLY E 157 24.62 33.56 47.72
N SER E 158 23.59 34.39 47.55
CA SER E 158 22.31 34.22 48.22
C SER E 158 21.17 34.86 47.42
N SER E 159 21.18 34.63 46.10
CA SER E 159 20.16 35.17 45.20
C SER E 159 19.93 34.31 43.98
N TYR E 160 18.69 34.29 43.51
CA TYR E 160 18.38 33.75 42.18
C TYR E 160 17.35 34.67 41.52
N PRO E 161 17.82 35.73 40.85
CA PRO E 161 16.92 36.70 40.23
C PRO E 161 16.19 36.10 39.05
N THR E 162 14.97 36.56 38.79
CA THR E 162 14.19 36.09 37.66
C THR E 162 14.98 36.37 36.38
N LEU E 163 15.52 35.30 35.81
CA LEU E 163 16.32 35.41 34.60
C LEU E 163 15.44 35.77 33.44
N ASN E 164 15.84 36.80 32.70
CA ASN E 164 15.10 37.24 31.52
C ASN E 164 16.10 37.56 30.41
N VAL E 165 16.42 36.53 29.63
CA VAL E 165 17.46 36.58 28.61
C VAL E 165 16.82 36.45 27.22
N THR E 166 17.46 37.05 26.22
CA THR E 166 16.95 37.01 24.85
C THR E 166 18.03 36.62 23.85
N MET E 167 17.62 36.16 22.66
CA MET E 167 18.57 35.73 21.63
C MET E 167 17.92 35.68 20.24
N PRO E 168 18.21 36.69 19.40
CA PRO E 168 17.61 36.77 18.06
C PRO E 168 18.21 35.78 17.06
N ASN E 169 17.41 35.39 16.08
CA ASN E 169 17.88 34.53 14.97
C ASN E 169 17.98 35.33 13.68
N ASN E 170 19.16 35.92 13.45
CA ASN E 170 19.42 36.79 12.30
C ASN E 170 19.91 36.04 11.06
N LYS E 171 20.01 34.72 11.19
CA LYS E 171 20.47 33.87 10.11
C LYS E 171 19.30 33.50 9.20
N ASN E 172 19.59 33.15 7.96
CA ASN E 172 18.55 32.63 7.05
C ASN E 172 18.32 31.12 7.20
N PHE E 173 18.51 30.62 8.41
C PHE E 173 17.04 29.03 10.21
N ASP E 174 16.75 27.77 10.44
CA ASP E 174 16.16 27.33 11.70
C ASP E 174 17.24 26.86 12.68
N LYS E 175 17.28 27.48 13.86
CA LYS E 175 18.16 27.03 14.94
C LYS E 175 17.39 26.10 15.85
N LEU E 176 18.03 25.01 16.27
CA LEU E 176 17.45 24.11 17.24
C LEU E 176 18.14 24.34 18.57
N TYR E 177 17.37 24.70 19.59
CA TYR E 177 17.91 24.86 20.94
C TYR E 177 17.54 23.69 21.85
N ILE E 178 18.55 23.14 22.51
CA ILE E 178 18.34 22.10 23.51
C ILE E 178 18.51 22.73 24.89
N TRP E 179 17.55 22.47 25.78
CA TRP E 179 17.59 23.00 27.14
C TRP E 179 16.84 22.07 28.09
N GLY E 180 16.84 22.40 29.38
CA GLY E 180 16.21 21.54 30.37
C GLY E 180 15.81 22.18 31.69
N ILE E 181 15.24 21.36 32.55
CA ILE E 181 14.89 21.77 33.90
C ILE E 181 15.35 20.68 34.86
N HIS E 182 15.84 21.08 36.03
CA HIS E 182 16.32 20.14 37.03
C HIS E 182 15.27 19.86 38.10
N HIS E 183 14.95 18.59 38.31
CA HIS E 183 14.05 18.17 39.37
C HIS E 183 14.87 17.77 40.59
N PRO E 184 14.81 18.55 41.67
CA PRO E 184 15.57 18.22 42.88
C PRO E 184 14.91 17.11 43.69
N SER E 185 15.65 16.53 44.63
CA SER E 185 15.20 15.37 45.41
C SER E 185 14.37 15.71 46.65
N SER E 186 14.73 16.80 47.32
CA SER E 186 14.02 17.25 48.52
C SER E 186 13.81 18.77 48.50
N ASN E 187 12.86 19.24 49.29
CA ASN E 187 12.60 20.68 49.43
C ASN E 187 13.83 21.44 49.92
N GLN E 188 14.53 20.83 50.89
CA GLN E 188 15.79 21.36 51.39
C GLN E 188 16.79 21.62 50.26
N GLU E 189 16.86 20.70 49.30
CA GLU E 189 17.75 20.82 48.15
C GLU E 189 17.30 21.92 47.18
N GLN E 190 15.99 21.98 46.95
CA GLN E 190 15.38 22.96 46.05
C GLN E 190 15.71 24.40 46.43
N THR E 191 15.57 24.72 47.72
CA THR E 191 15.84 26.07 48.23
C THR E 191 17.35 26.34 48.30
N LYS E 192 18.12 25.32 48.64
CA LYS E 192 19.57 25.39 48.75
C LYS E 192 20.24 25.76 47.43
N LEU E 193 19.67 25.28 46.32
CA LEU E 193 20.25 25.49 44.99
C LEU E 193 19.67 26.69 44.25
N TYR E 194 18.35 26.88 44.37
CA TYR E 194 17.67 28.00 43.73
C TYR E 194 16.67 28.55 44.73
N ILE E 195 17.05 29.62 45.42
CA ILE E 195 16.31 30.14 46.57
C ILE E 195 14.81 29.80 46.64
N GLN E 196 14.07 30.14 45.58
CA GLN E 196 12.61 29.97 45.55
C GLN E 196 12.19 28.54 45.82
N GLU E 197 11.14 28.38 46.62
CA GLU E 197 10.64 27.05 46.98
C GLU E 197 9.98 26.35 45.79
N SER E 198 9.50 27.14 44.83
CA SER E 198 8.95 26.62 43.59
C SER E 198 9.62 27.29 42.38
N GLY E 199 10.19 26.46 41.51
CA GLY E 199 10.86 26.95 40.29
C GLY E 199 9.95 26.92 39.07
N ARG E 200 10.47 27.43 37.95
CA ARG E 200 9.73 27.52 36.70
C ARG E 200 10.66 27.92 35.56
N VAL E 201 10.45 27.32 34.38
CA VAL E 201 11.19 27.71 33.18
C VAL E 201 10.23 27.93 32.02
N THR E 202 10.21 29.16 31.51
CA THR E 202 9.39 29.51 30.36
C THR E 202 10.28 29.86 29.16
N VAL E 203 10.25 29.01 28.15
CA VAL E 203 10.99 29.26 26.91
C VAL E 203 9.98 29.59 25.80
N SER E 204 10.15 30.75 25.19
CA SER E 204 9.16 31.24 24.24
C SER E 204 9.79 31.80 22.97
N THR E 205 8.96 31.99 21.96
CA THR E 205 9.27 32.81 20.80
C THR E 205 8.02 33.61 20.43
N LYS E 206 8.04 34.24 19.27
CA LYS E 206 6.88 34.99 18.77
C LYS E 206 5.69 34.06 18.51
N ARG E 207 5.98 32.82 18.12
CA ARG E 207 4.96 31.91 17.63
C ARG E 207 4.63 30.74 18.56
N SER E 208 5.50 30.46 19.53
CA SER E 208 5.30 29.33 20.42
C SER E 208 5.85 29.59 21.81
N GLN E 209 5.44 28.76 22.76
CA GLN E 209 5.94 28.85 24.13
C GLN E 209 5.82 27.51 24.86
N GLN E 210 6.67 27.32 25.87
CA GLN E 210 6.62 26.14 26.69
C GLN E 210 6.96 26.53 28.12
N THR E 211 6.19 26.04 29.07
CA THR E 211 6.51 26.24 30.47
C THR E 211 6.53 24.90 31.20
N ILE E 212 7.61 24.66 31.93
CA ILE E 212 7.77 23.43 32.69
C ILE E 212 8.01 23.77 34.15
N ILE E 213 7.21 23.17 35.03
CA ILE E 213 7.40 23.31 36.48
C ILE E 213 8.18 22.08 36.98
N PRO E 214 9.22 22.31 37.80
CA PRO E 214 10.00 21.18 38.34
C PRO E 214 9.22 20.39 39.40
N ASN E 215 9.47 19.09 39.46
CA ASN E 215 8.80 18.19 40.39
C ASN E 215 9.79 17.63 41.42
N ILE E 216 9.58 18.02 42.68
CA ILE E 216 10.48 17.63 43.75
C ILE E 216 10.12 16.24 44.28
N GLY E 217 11.13 15.42 44.54
CA GLY E 217 10.92 14.07 45.05
C GLY E 217 12.08 13.13 44.84
N SER E 218 12.11 12.06 45.63
CA SER E 218 13.12 11.02 45.49
C SER E 218 12.85 10.18 44.25
N ARG E 219 13.93 9.82 43.57
CA ARG E 219 13.87 8.91 42.43
C ARG E 219 15.04 7.93 42.58
N PRO E 220 14.92 6.72 41.99
CA PRO E 220 16.00 5.75 42.20
C PRO E 220 17.38 6.32 41.87
N LEU E 221 18.35 6.02 42.74
CA LEU E 221 19.72 6.48 42.55
C LEU E 221 20.29 6.02 41.22
N VAL E 222 20.80 6.97 40.45
CA VAL E 222 21.52 6.66 39.21
C VAL E 222 22.86 7.36 39.31
N ARG E 223 23.93 6.56 39.27
CA ARG E 223 25.29 7.04 39.52
C ARG E 223 25.30 7.94 40.75
N GLY E 224 24.69 7.44 41.83
CA GLY E 224 24.65 8.13 43.11
C GLY E 224 23.76 9.37 43.22
N GLN E 225 22.93 9.63 42.20
CA GLN E 225 22.05 10.80 42.21
C GLN E 225 20.56 10.46 42.10
N SER E 226 19.74 11.19 42.83
CA SER E 226 18.30 10.97 42.88
C SER E 226 17.52 12.09 42.19
N GLY E 227 18.21 13.18 41.84
CA GLY E 227 17.62 14.24 41.03
C GLY E 227 17.59 13.84 39.57
N ARG E 228 16.85 14.59 38.77
CA ARG E 228 16.76 14.31 37.35
C ARG E 228 16.73 15.59 36.54
N ILE E 229 17.17 15.50 35.29
CA ILE E 229 17.05 16.60 34.35
C ILE E 229 16.01 16.18 33.32
N SER E 230 15.17 17.12 32.92
CA SER E 230 14.25 16.89 31.81
C SER E 230 14.65 17.80 30.65
N ILE E 231 14.76 17.21 29.47
CA ILE E 231 15.28 17.95 28.31
C ILE E 231 14.19 18.26 27.28
N TYR E 232 14.07 19.55 26.94
CA TYR E 232 13.11 20.01 25.95
C TYR E 232 13.82 20.74 24.84
N TRP E 233 13.20 20.79 23.66
CA TRP E 233 13.78 21.55 22.56
C TRP E 233 12.83 22.59 21.99
N THR E 234 13.43 23.60 21.36
CA THR E 234 12.70 24.68 20.72
C THR E 234 13.34 24.96 19.37
N ILE E 235 12.51 25.22 18.36
CA ILE E 235 13.01 25.62 17.04
C ILE E 235 12.70 27.10 16.78
N VAL E 236 13.76 27.89 16.65
CA VAL E 236 13.64 29.32 16.35
C VAL E 236 13.78 29.55 14.85
N LYS E 237 12.77 30.17 14.25
CA LYS E 237 12.77 30.44 12.81
C LYS E 237 13.59 31.71 12.48
N PRO E 238 13.98 31.89 11.19
CA PRO E 238 14.66 33.11 10.80
C PRO E 238 13.78 34.33 11.03
N GLY E 239 14.35 35.39 11.61
CA GLY E 239 13.59 36.59 11.91
C GLY E 239 12.89 36.54 13.25
N ASP E 240 12.77 35.34 13.82
CA ASP E 240 12.16 35.16 15.13
C ASP E 240 13.21 35.39 16.23
N ILE E 241 12.81 35.21 17.48
CA ILE E 241 13.68 35.52 18.62
C ILE E 241 13.40 34.59 19.81
N LEU E 242 14.44 33.92 20.30
CA LEU E 242 14.34 33.07 21.48
C LEU E 242 14.34 33.91 22.75
N MET E 243 13.38 33.63 23.64
CA MET E 243 13.34 34.23 24.97
C MET E 243 13.25 33.16 26.06
N ILE E 244 14.03 33.33 27.11
CA ILE E 244 14.04 32.40 28.24
C ILE E 244 13.78 33.13 29.55
N ASN E 245 12.67 32.80 30.20
CA ASN E 245 12.32 33.33 31.50
C ASN E 245 12.34 32.23 32.57
N SER E 246 13.06 32.46 33.66
CA SER E 246 13.17 31.46 34.74
C SER E 246 13.52 32.05 36.10
N ASN E 247 12.81 31.58 37.13
CA ASN E 247 13.06 31.99 38.51
C ASN E 247 13.65 30.85 39.34
N GLY E 248 14.13 29.81 38.65
CA GLY E 248 14.78 28.67 39.28
C GLY E 248 14.73 27.43 38.43
N ASN E 249 15.73 26.56 38.62
CA ASN E 249 15.76 25.20 38.06
C ASN E 249 16.16 25.08 36.59
N LEU E 250 16.54 26.19 35.97
CA LEU E 250 16.88 26.18 34.54
C LEU E 250 18.19 25.45 34.24
N VAL E 251 18.12 24.49 33.31
CA VAL E 251 19.32 23.94 32.69
C VAL E 251 19.39 24.61 31.32
N ALA E 252 20.31 25.55 31.21
CA ALA E 252 20.30 26.54 30.12
C ALA E 252 21.05 26.07 28.86
N PRO E 253 20.61 26.55 27.68
CA PRO E 253 21.33 26.24 26.46
C PRO E 253 22.65 27.01 26.40
N ARG E 254 23.63 26.50 25.66
CA ARG E 254 24.91 27.18 25.50
C ARG E 254 25.05 27.76 24.09
N GLY E 255 24.12 27.40 23.22
CA GLY E 255 24.13 27.80 21.80
C GLY E 255 23.05 27.03 21.06
N TYR E 256 23.26 26.82 19.75
CA TYR E 256 22.25 26.14 18.93
C TYR E 256 22.84 25.08 18.00
N PHE E 257 21.98 24.19 17.51
CA PHE E 257 22.30 23.26 16.44
C PHE E 257 21.64 23.74 15.15
N LYS E 258 22.38 23.69 14.06
CA LYS E 258 21.84 24.03 12.75
C LYS E 258 21.02 22.87 12.22
N LEU E 259 19.84 23.17 11.69
CA LEU E 259 18.94 22.16 11.15
C LEU E 259 19.06 22.02 9.63
N ASN E 260 19.46 20.83 9.19
CA ASN E 260 19.63 20.55 7.77
C ASN E 260 18.52 19.65 7.23
N THR E 261 18.09 19.94 6.01
CA THR E 261 17.29 19.02 5.22
C THR E 261 18.32 18.08 4.59
N GLY E 262 18.27 16.81 4.94
CA GLY E 262 19.34 15.92 4.53
C GLY E 262 18.90 14.51 4.17
N LYS E 263 19.86 13.77 3.61
CA LYS E 263 19.70 12.35 3.34
C LYS E 263 20.08 11.52 4.56
N SER E 264 20.22 12.16 5.71
CA SER E 264 20.75 11.50 6.91
C SER E 264 19.74 10.69 7.73
N SER E 265 20.22 9.60 8.31
CA SER E 265 19.42 8.78 9.21
C SER E 265 20.26 8.13 10.31
N VAL E 266 19.61 7.28 11.10
CA VAL E 266 20.24 6.52 12.17
C VAL E 266 19.79 5.05 12.08
N MET E 267 20.71 4.13 12.33
CA MET E 267 20.38 2.72 12.31
C MET E 267 20.91 1.96 13.53
N ARG E 268 20.11 1.03 14.04
CA ARG E 268 20.51 0.14 15.12
C ARG E 268 21.12 -1.15 14.54
N SER E 269 22.37 -1.42 14.89
CA SER E 269 23.07 -2.60 14.40
C SER E 269 24.28 -2.91 15.27
N ASP E 270 24.68 -4.17 15.28
CA ASP E 270 25.85 -4.62 16.04
C ASP E 270 26.90 -5.22 15.12
N VAL E 271 26.56 -5.26 13.85
CA VAL E 271 27.44 -5.73 12.77
C VAL E 271 28.64 -4.78 12.63
N PRO E 272 29.86 -5.35 12.43
CA PRO E 272 31.05 -4.51 12.31
C PRO E 272 31.10 -3.68 11.02
N ILE E 273 31.89 -2.60 11.05
CA ILE E 273 32.10 -1.75 9.88
C ILE E 273 33.41 -2.15 9.21
N ASP E 274 33.37 -2.35 7.90
CA ASP E 274 34.52 -2.89 7.18
C ASP E 274 34.80 -2.14 5.87
N ILE E 275 35.95 -2.44 5.26
CA ILE E 275 36.38 -1.84 3.99
C ILE E 275 35.82 -2.61 2.78
N CYS E 276 34.73 -2.07 2.22
CA CYS E 276 34.12 -2.58 0.98
C CYS E 276 33.21 -1.50 0.42
N VAL E 277 32.59 -1.77 -0.72
CA VAL E 277 31.67 -0.81 -1.36
C VAL E 277 30.26 -1.40 -1.51
N SER E 278 29.25 -0.66 -1.05
CA SER E 278 27.86 -1.03 -1.31
C SER E 278 26.95 0.20 -1.23
N GLU E 279 25.75 0.08 -1.79
CA GLU E 279 24.83 1.20 -1.83
C GLU E 279 23.58 1.02 -0.97
N CYS E 280 23.52 -0.07 -0.20
CA CYS E 280 22.35 -0.39 0.62
C CYS E 280 22.78 -1.00 1.95
N ILE E 281 22.24 -0.47 3.04
CA ILE E 281 22.60 -0.90 4.39
C ILE E 281 21.38 -1.41 5.14
N THR E 282 21.55 -2.54 5.83
CA THR E 282 20.54 -3.11 6.73
C THR E 282 21.20 -3.40 8.08
N PRO E 283 20.39 -3.61 9.14
CA PRO E 283 20.95 -4.03 10.44
C PRO E 283 21.88 -5.24 10.36
N ASN E 284 21.77 -6.02 9.30
CA ASN E 284 22.61 -7.22 9.14
C ASN E 284 23.88 -6.90 8.38
N GLY E 285 24.10 -5.62 8.11
CA GLY E 285 25.19 -5.20 7.26
C GLY E 285 24.71 -4.93 5.85
N SER E 286 25.65 -4.65 4.97
CA SER E 286 25.36 -4.21 3.63
C SER E 286 24.83 -5.35 2.79
N ILE E 287 24.02 -5.03 1.79
CA ILE E 287 23.58 -6.03 0.83
C ILE E 287 23.90 -5.61 -0.61
N SER E 288 24.04 -6.62 -1.46
CA SER E 288 24.12 -6.43 -2.89
C SER E 288 22.84 -5.80 -3.45
N ASN E 289 22.97 -5.19 -4.62
CA ASN E 289 22.04 -4.21 -5.14
C ASN E 289 21.34 -4.63 -6.42
N ASP E 290 21.84 -5.70 -7.04
CA ASP E 290 21.50 -6.09 -8.41
C ASP E 290 20.12 -6.73 -8.62
N LYS E 291 19.43 -7.09 -7.54
CA LYS E 291 18.13 -7.76 -7.65
C LYS E 291 17.00 -6.80 -7.30
N PRO E 292 15.79 -7.06 -7.80
CA PRO E 292 14.73 -6.09 -7.47
C PRO E 292 14.19 -6.27 -6.06
N PHE E 293 14.26 -7.49 -5.53
CA PHE E 293 13.68 -7.77 -4.22
C PHE E 293 14.72 -8.31 -3.25
N GLN E 294 14.36 -8.32 -1.97
CA GLN E 294 15.29 -8.71 -0.92
C GLN E 294 14.55 -9.24 0.29
N ASN E 295 15.20 -10.18 0.99
CA ASN E 295 14.60 -10.82 2.15
C ASN E 295 15.48 -10.71 3.40
N VAL E 296 16.39 -9.75 3.39
CA VAL E 296 17.37 -9.64 4.47
C VAL E 296 16.79 -8.92 5.69
N ASN E 297 16.25 -7.72 5.48
CA ASN E 297 15.68 -6.92 6.55
C ASN E 297 14.76 -5.84 6.03
N LYS E 298 13.67 -5.58 6.73
CA LYS E 298 12.74 -4.52 6.33
C LYS E 298 13.34 -3.14 6.62
N VAL E 299 14.31 -3.11 7.53
CA VAL E 299 15.01 -1.89 7.86
C VAL E 299 16.17 -1.71 6.88
N THR E 300 16.06 -0.69 6.02
CA THR E 300 17.10 -0.43 5.03
C THR E 300 17.43 1.06 4.88
N TYR E 301 18.66 1.34 4.42
CA TYR E 301 19.07 2.70 4.09
C TYR E 301 19.84 2.71 2.76
N GLY E 302 19.49 3.63 1.87
CA GLY E 302 20.19 3.79 0.60
C GLY E 302 19.40 3.30 -0.60
N LYS E 303 20.15 2.82 -1.60
CA LYS E 303 19.61 2.32 -2.85
C LYS E 303 19.27 0.84 -2.67
N CYS E 304 18.06 0.55 -2.21
CA CYS E 304 17.75 -0.81 -1.74
C CYS E 304 16.66 -1.51 -2.54
N PRO E 305 16.83 -2.83 -2.77
CA PRO E 305 15.78 -3.70 -3.29
C PRO E 305 14.59 -3.72 -2.35
N LYS E 306 13.38 -3.86 -2.89
CA LYS E 306 12.18 -3.89 -2.06
C LYS E 306 12.14 -5.14 -1.18
N TYR E 307 11.85 -4.94 0.11
CA TYR E 307 11.79 -6.07 1.02
C TYR E 307 10.47 -6.83 0.85
N ILE E 308 10.58 -8.16 0.78
CA ILE E 308 9.42 -9.06 0.62
C ILE E 308 9.52 -10.32 1.51
N ARG E 309 8.39 -10.99 1.76
CA ARG E 309 8.36 -12.17 2.62
C ARG E 309 9.06 -13.41 2.05
N GLN E 310 9.05 -13.55 0.73
CA GLN E 310 9.59 -14.77 0.13
C GLN E 310 11.11 -14.74 -0.04
N ASN E 311 11.75 -15.89 0.18
CA ASN E 311 13.21 -15.96 0.21
C ASN E 311 13.82 -16.34 -1.14
N THR E 312 12.98 -16.77 -2.07
CA THR E 312 13.42 -17.17 -3.41
C THR E 312 12.33 -16.88 -4.45
N LEU E 313 12.73 -16.36 -5.60
CA LEU E 313 11.84 -16.19 -6.76
C LEU E 313 12.66 -16.28 -8.04
N LYS E 314 12.30 -17.22 -8.92
CA LYS E 314 13.11 -17.48 -10.10
C LYS E 314 12.45 -16.97 -11.38
N LEU E 315 13.16 -16.08 -12.08
CA LEU E 315 12.69 -15.54 -13.34
C LEU E 315 13.32 -16.34 -14.48
N ALA E 316 12.48 -16.97 -15.29
CA ALA E 316 12.95 -17.77 -16.42
C ALA E 316 13.62 -16.87 -17.45
N THR E 317 14.80 -17.29 -17.92
CA THR E 317 15.53 -16.56 -18.95
C THR E 317 15.82 -17.45 -20.17
N GLY E 318 15.17 -18.60 -20.22
CA GLY E 318 15.26 -19.47 -21.38
C GLY E 318 13.95 -20.18 -21.64
N MET E 319 13.84 -20.79 -22.82
CA MET E 319 12.67 -21.61 -23.17
C MET E 319 12.53 -22.82 -22.27
N ARG E 320 11.39 -23.51 -22.38
CA ARG E 320 11.22 -24.77 -21.69
C ARG E 320 12.35 -25.72 -22.10
N ASN E 321 12.86 -26.46 -21.13
CA ASN E 321 13.93 -27.42 -21.38
C ASN E 321 13.37 -28.81 -21.58
N VAL E 322 13.49 -29.34 -22.80
CA VAL E 322 12.94 -30.66 -23.10
C VAL E 322 14.06 -31.65 -23.42
N PRO E 323 14.52 -32.40 -22.41
CA PRO E 323 15.65 -33.33 -22.59
C PRO E 323 15.30 -34.49 -23.52
N GLU E 324 16.32 -35.22 -23.95
CA GLU E 324 16.15 -36.39 -24.81
C GLU E 324 15.15 -37.37 -24.21
N LYS E 325 14.21 -37.82 -25.04
CA LYS E 325 13.15 -38.78 -24.67
C LYS E 325 12.46 -38.48 -23.34
N GLY F 1 3.32 -25.35 -24.17
CA GLY F 1 3.04 -24.00 -24.73
C GLY F 1 1.78 -23.97 -25.58
N ILE F 2 1.28 -22.76 -25.83
CA ILE F 2 0.02 -22.55 -26.53
C ILE F 2 0.07 -22.87 -28.03
N PHE F 3 1.26 -22.95 -28.60
CA PHE F 3 1.40 -23.28 -30.00
C PHE F 3 1.62 -24.77 -30.23
N GLY F 4 2.03 -25.47 -29.18
CA GLY F 4 2.24 -26.91 -29.23
C GLY F 4 3.45 -27.32 -30.05
N ALA F 5 4.44 -26.45 -30.14
CA ALA F 5 5.66 -26.75 -30.86
C ALA F 5 6.68 -27.37 -29.91
N ILE F 6 7.19 -26.56 -28.97
CA ILE F 6 8.12 -27.02 -27.94
C ILE F 6 7.39 -27.96 -26.99
N ALA F 7 7.89 -29.18 -26.86
CA ALA F 7 7.23 -30.23 -26.08
C ALA F 7 5.84 -30.54 -26.65
N GLY F 8 5.69 -30.28 -27.95
CA GLY F 8 4.49 -30.61 -28.70
C GLY F 8 4.89 -31.43 -29.91
N PHE F 9 4.66 -30.90 -31.11
CA PHE F 9 5.00 -31.64 -32.33
C PHE F 9 6.50 -31.81 -32.55
N ILE F 10 7.29 -30.92 -31.97
CA ILE F 10 8.72 -31.16 -31.88
C ILE F 10 9.01 -31.88 -30.57
N GLU F 11 9.41 -33.14 -30.71
CA GLU F 11 9.48 -34.11 -29.63
C GLU F 11 10.35 -33.68 -28.45
N ASN F 12 11.57 -33.23 -28.77
CA ASN F 12 12.54 -32.82 -27.76
C ASN F 12 13.54 -31.79 -28.29
N GLY F 13 14.38 -31.26 -27.39
CA GLY F 13 15.42 -30.32 -27.76
C GLY F 13 16.70 -31.00 -28.22
N TRP F 14 17.63 -30.21 -28.76
CA TRP F 14 18.91 -30.71 -29.21
C TRP F 14 20.04 -30.18 -28.30
N GLU F 15 20.60 -31.06 -27.48
CA GLU F 15 21.69 -30.68 -26.58
C GLU F 15 22.97 -30.37 -27.34
N GLY F 16 23.11 -30.98 -28.51
CA GLY F 16 24.28 -30.77 -29.38
C GLY F 16 24.23 -29.50 -30.21
N MET F 17 23.16 -28.72 -30.07
CA MET F 17 23.12 -27.41 -30.68
C MET F 17 23.51 -26.33 -29.69
N VAL F 18 24.70 -25.76 -29.89
CA VAL F 18 25.24 -24.76 -28.99
C VAL F 18 25.49 -23.41 -29.66
N ASP F 19 25.29 -23.34 -30.96
CA ASP F 19 25.49 -22.11 -31.73
C ASP F 19 24.31 -21.16 -31.60
N GLY F 20 23.16 -21.70 -31.20
CA GLY F 20 21.93 -20.93 -31.16
C GLY F 20 20.79 -21.63 -30.43
N TRP F 21 19.64 -20.95 -30.37
CA TRP F 21 18.45 -21.44 -29.68
C TRP F 21 17.50 -22.23 -30.58
N TYR F 22 17.41 -21.82 -31.84
CA TYR F 22 16.60 -22.51 -32.84
C TYR F 22 17.45 -22.76 -34.07
N GLY F 23 17.19 -23.86 -34.76
CA GLY F 23 18.02 -24.24 -35.90
C GLY F 23 17.53 -25.42 -36.71
N PHE F 24 18.47 -26.04 -37.43
CA PHE F 24 18.15 -27.05 -38.43
C PHE F 24 19.05 -28.28 -38.35
N ARG F 25 18.47 -29.44 -38.66
CA ARG F 25 19.22 -30.66 -38.96
C ARG F 25 18.67 -31.24 -40.25
N TYR F 26 19.55 -31.78 -41.07
CA TYR F 26 19.16 -32.25 -42.39
C TYR F 26 19.97 -33.44 -42.88
N GLN F 27 19.33 -34.26 -43.72
CA GLN F 27 20.00 -35.36 -44.40
C GLN F 27 19.78 -35.22 -45.90
N ASN F 28 20.86 -35.32 -46.67
CA ASN F 28 20.80 -35.24 -48.12
C ASN F 28 21.90 -36.06 -48.79
N SER F 29 22.16 -35.76 -50.07
CA SER F 29 23.16 -36.49 -50.85
C SER F 29 24.61 -36.23 -50.39
N GLU F 30 24.79 -35.23 -49.51
CA GLU F 30 26.10 -34.90 -48.97
C GLU F 30 26.20 -35.24 -47.47
N GLY F 31 25.36 -36.16 -47.00
CA GLY F 31 25.37 -36.61 -45.61
C GLY F 31 24.37 -35.86 -44.75
N THR F 32 24.67 -35.76 -43.46
CA THR F 32 23.84 -35.00 -42.53
C THR F 32 24.55 -33.72 -42.08
N GLY F 33 23.76 -32.76 -41.60
CA GLY F 33 24.30 -31.49 -41.14
C GLY F 33 23.41 -30.77 -40.14
N GLN F 34 23.98 -29.79 -39.45
CA GLN F 34 23.27 -28.99 -38.48
C GLN F 34 23.65 -27.51 -38.62
N ALA F 35 22.66 -26.63 -38.47
CA ALA F 35 22.90 -25.20 -38.53
C ALA F 35 21.91 -24.47 -37.64
N ALA F 36 22.40 -23.45 -36.97
CA ALA F 36 21.56 -22.61 -36.12
C ALA F 36 20.85 -21.57 -36.98
N ASP F 37 19.70 -21.10 -36.51
CA ASP F 37 19.03 -19.95 -37.14
C ASP F 37 19.15 -18.75 -36.22
N LEU F 38 20.04 -17.82 -36.57
CA LEU F 38 20.38 -16.71 -35.71
C LEU F 38 19.26 -15.67 -35.55
N LYS F 39 18.48 -15.47 -36.62
CA LYS F 39 17.37 -14.50 -36.59
C LYS F 39 16.29 -14.88 -35.59
N SER F 40 15.96 -16.16 -35.49
CA SER F 40 15.01 -16.65 -34.49
C SER F 40 15.56 -16.57 -33.07
N THR F 41 16.80 -17.02 -32.91
CA THR F 41 17.53 -16.95 -31.64
C THR F 41 17.56 -15.51 -31.08
N GLN F 42 17.88 -14.56 -31.95
CA GLN F 42 17.96 -13.14 -31.57
C GLN F 42 16.59 -12.59 -31.17
N ALA F 43 15.56 -12.95 -31.92
CA ALA F 43 14.19 -12.49 -31.64
C ALA F 43 13.68 -12.93 -30.27
N ALA F 44 14.10 -14.10 -29.82
CA ALA F 44 13.76 -14.59 -28.49
C ALA F 44 14.52 -13.81 -27.41
N ILE F 45 15.85 -13.82 -27.53
CA ILE F 45 16.76 -13.18 -26.57
C ILE F 45 16.47 -11.69 -26.35
N ASP F 46 16.22 -10.96 -27.43
CA ASP F 46 15.89 -9.53 -27.36
C ASP F 46 14.65 -9.25 -26.49
N GLN F 47 13.68 -10.16 -26.53
CA GLN F 47 12.48 -10.04 -25.70
C GLN F 47 12.78 -10.40 -24.25
N ILE F 48 13.68 -11.35 -24.05
CA ILE F 48 13.99 -11.84 -22.70
C ILE F 48 14.90 -10.89 -21.93
N ASN F 49 15.91 -10.35 -22.59
CA ASN F 49 16.80 -9.35 -22.00
C ASN F 49 16.08 -8.08 -21.58
N GLY F 50 16.41 -7.59 -20.39
CA GLY F 50 15.79 -6.38 -19.84
C GLY F 50 14.31 -6.52 -19.56
N LYS F 51 13.82 -7.74 -19.66
CA LYS F 51 12.42 -8.07 -19.38
C LYS F 51 11.86 -7.30 -18.19
N LEU F 52 12.63 -7.32 -17.09
CA LEU F 52 12.20 -6.76 -15.82
C LEU F 52 12.26 -5.23 -15.77
N ASN F 53 13.19 -4.64 -16.52
CA ASN F 53 13.35 -3.18 -16.58
C ASN F 53 12.17 -2.46 -17.23
N ARG F 54 11.36 -3.20 -17.98
CA ARG F 54 10.13 -2.64 -18.56
C ARG F 54 9.04 -2.42 -17.51
N VAL F 55 9.08 -3.22 -16.44
CA VAL F 55 8.09 -3.12 -15.38
C VAL F 55 8.63 -2.39 -14.14
N ILE F 56 9.79 -2.82 -13.66
CA ILE F 56 10.35 -2.25 -12.44
C ILE F 56 11.44 -1.23 -12.73
N GLU F 57 11.19 0.01 -12.31
CA GLU F 57 12.14 1.11 -12.43
C GLU F 57 13.40 0.86 -11.58
N ARG F 58 14.54 1.42 -12.01
CA ARG F 58 15.80 1.25 -11.29
C ARG F 58 15.66 1.52 -9.79
N THR F 59 16.11 0.55 -8.98
CA THR F 59 15.97 0.57 -7.52
C THR F 59 15.98 1.97 -6.90
N ASN F 60 14.97 2.24 -6.07
CA ASN F 60 14.75 3.56 -5.48
C ASN F 60 15.70 3.89 -4.33
N GLU F 61 16.21 5.12 -4.33
CA GLU F 61 16.99 5.61 -3.20
C GLU F 61 16.01 6.06 -2.11
N LYS F 62 16.25 5.57 -0.89
CA LYS F 62 15.43 5.94 0.27
C LYS F 62 16.32 6.15 1.47
N PHE F 63 16.02 7.17 2.26
CA PHE F 63 16.87 7.54 3.39
C PHE F 63 16.17 7.38 4.73
N HIS F 64 15.97 8.47 5.46
CA HIS F 64 15.27 8.39 6.74
C HIS F 64 13.82 8.03 6.50
N GLN F 65 13.31 7.14 7.34
CA GLN F 65 11.96 6.63 7.20
C GLN F 65 11.34 6.56 8.59
N ILE F 66 10.72 5.43 8.90
CA ILE F 66 10.11 5.22 10.20
C ILE F 66 10.82 4.11 10.95
N GLU F 67 10.63 4.06 12.26
CA GLU F 67 11.17 2.97 13.07
C GLU F 67 10.32 1.71 12.87
N LYS F 68 10.98 0.58 12.73
CA LYS F 68 10.31 -0.67 12.36
C LYS F 68 10.52 -1.76 13.41
N GLU F 69 11.38 -1.48 14.40
CA GLU F 69 11.64 -2.39 15.51
C GLU F 69 11.52 -1.61 16.81
N PHE F 70 10.90 -2.23 17.81
CA PHE F 70 10.59 -1.54 19.06
C PHE F 70 11.01 -2.32 20.30
N SER F 71 11.54 -1.60 21.28
CA SER F 71 11.96 -2.21 22.54
C SER F 71 10.93 -2.03 23.65
N GLU F 72 10.15 -0.94 23.59
CA GLU F 72 9.11 -0.69 24.60
C GLU F 72 7.71 -0.89 24.02
N VAL F 73 6.75 -1.13 24.90
CA VAL F 73 5.34 -1.22 24.51
C VAL F 73 4.70 0.15 24.73
N GLU F 74 4.07 0.68 23.68
CA GLU F 74 3.61 2.08 23.68
C GLU F 74 2.13 2.24 23.41
N GLY F 75 1.54 1.22 22.80
CA GLY F 75 0.14 1.31 22.40
C GLY F 75 -0.03 1.92 21.02
N ARG F 76 -0.94 2.89 20.94
CA ARG F 76 -1.52 3.39 19.68
C ARG F 76 -0.57 3.73 18.52
N ILE F 77 0.46 4.53 18.74
CA ILE F 77 1.33 4.94 17.62
C ILE F 77 2.18 3.79 17.11
N GLN F 78 2.60 2.91 18.01
CA GLN F 78 3.40 1.76 17.63
C GLN F 78 2.54 0.80 16.79
N ASP F 79 1.30 0.58 17.21
CA ASP F 79 0.35 -0.19 16.43
C ASP F 79 0.28 0.30 14.98
N LEU F 80 0.12 1.60 14.81
CA LEU F 80 0.07 2.23 13.48
C LEU F 80 1.33 2.00 12.65
N GLU F 81 2.50 2.30 13.23
CA GLU F 81 3.79 2.11 12.55
C GLU F 81 3.94 0.65 12.13
N LYS F 82 3.60 -0.27 13.01
CA LYS F 82 3.67 -1.70 12.70
C LYS F 82 2.76 -2.07 11.54
N TYR F 83 1.50 -1.64 11.60
CA TYR F 83 0.49 -1.96 10.59
C TYR F 83 0.86 -1.45 9.20
N VAL F 84 1.38 -0.23 9.13
CA VAL F 84 1.83 0.39 7.88
C VAL F 84 2.91 -0.45 7.19
N GLU F 85 3.94 -0.87 7.94
CA GLU F 85 4.99 -1.71 7.39
C GLU F 85 4.45 -3.07 6.95
N ASP F 86 3.58 -3.65 7.78
CA ASP F 86 2.94 -4.91 7.47
C ASP F 86 2.20 -4.85 6.15
N THR F 87 1.43 -3.78 5.98
CA THR F 87 0.66 -3.55 4.77
C THR F 87 1.56 -3.41 3.55
N LYS F 88 2.66 -2.68 3.71
CA LYS F 88 3.58 -2.42 2.61
C LYS F 88 4.27 -3.70 2.17
N ILE F 89 4.85 -4.43 3.12
CA ILE F 89 5.54 -5.67 2.80
C ILE F 89 4.62 -6.67 2.09
N ASP F 90 3.36 -6.79 2.55
CA ASP F 90 2.43 -7.76 1.99
C ASP F 90 2.02 -7.40 0.57
N LEU F 91 1.83 -6.11 0.30
CA LEU F 91 1.49 -5.65 -1.04
C LEU F 91 2.63 -5.86 -2.04
N TRP F 92 3.87 -5.52 -1.63
CA TRP F 92 5.02 -5.83 -2.48
C TRP F 92 5.23 -7.33 -2.64
N SER F 93 5.08 -8.08 -1.56
CA SER F 93 5.20 -9.54 -1.65
C SER F 93 4.24 -10.09 -2.72
N TYR F 94 3.02 -9.55 -2.76
CA TYR F 94 2.05 -9.94 -3.78
C TYR F 94 2.54 -9.58 -5.18
N ASN F 95 2.95 -8.32 -5.34
CA ASN F 95 3.48 -7.82 -6.61
C ASN F 95 4.55 -8.72 -7.18
N ALA F 96 5.46 -9.16 -6.31
CA ALA F 96 6.62 -9.91 -6.73
C ALA F 96 6.17 -11.27 -7.23
N GLU F 97 5.26 -11.88 -6.49
CA GLU F 97 4.75 -13.20 -6.83
C GLU F 97 4.05 -13.15 -8.18
N LEU F 98 3.12 -12.21 -8.34
CA LEU F 98 2.37 -12.05 -9.58
C LEU F 98 3.30 -11.81 -10.76
N LEU F 99 4.27 -10.91 -10.56
CA LEU F 99 5.17 -10.50 -11.63
C LEU F 99 5.98 -11.68 -12.14
N VAL F 100 6.49 -12.49 -11.22
CA VAL F 100 7.29 -13.65 -11.60
C VAL F 100 6.47 -14.60 -12.46
N ALA F 101 5.25 -14.92 -12.02
CA ALA F 101 4.37 -15.86 -12.72
C ALA F 101 3.96 -15.33 -14.09
N LEU F 102 3.69 -14.03 -14.14
CA LEU F 102 3.25 -13.33 -15.33
C LEU F 102 4.33 -13.36 -16.42
N GLU F 103 5.55 -12.98 -16.01
CA GLU F 103 6.69 -12.90 -16.92
C GLU F 103 7.16 -14.29 -17.36
N ASN F 104 7.20 -15.24 -16.43
CA ASN F 104 7.55 -16.62 -16.77
C ASN F 104 6.61 -17.20 -17.81
N GLN F 105 5.30 -16.99 -17.61
CA GLN F 105 4.30 -17.39 -18.58
C GLN F 105 4.60 -16.80 -19.95
N HIS F 106 4.87 -15.50 -19.96
CA HIS F 106 5.21 -14.78 -21.18
C HIS F 106 6.42 -15.40 -21.85
N THR F 107 7.45 -15.72 -21.06
CA THR F 107 8.67 -16.33 -21.59
C THR F 107 8.38 -17.67 -22.26
N ILE F 108 7.76 -18.59 -21.54
CA ILE F 108 7.40 -19.89 -22.11
C ILE F 108 6.64 -19.69 -23.41
N ASP F 109 5.67 -18.78 -23.41
CA ASP F 109 4.81 -18.56 -24.56
C ASP F 109 5.51 -17.94 -25.79
N LEU F 110 6.47 -17.04 -25.57
CA LEU F 110 7.14 -16.41 -26.72
C LEU F 110 8.23 -17.26 -27.33
N THR F 111 8.88 -18.07 -26.49
CA THR F 111 9.89 -18.99 -26.99
C THR F 111 9.23 -20.07 -27.84
N ASP F 112 8.12 -20.60 -27.34
CA ASP F 112 7.28 -21.55 -28.10
C ASP F 112 6.81 -20.92 -29.42
N ALA F 113 6.43 -19.65 -29.38
CA ALA F 113 5.96 -18.93 -30.55
C ALA F 113 7.03 -18.85 -31.65
N GLU F 114 8.26 -18.56 -31.26
CA GLU F 114 9.37 -18.44 -32.22
C GLU F 114 9.67 -19.75 -32.93
N MET F 115 9.55 -20.87 -32.21
CA MET F 115 9.74 -22.19 -32.79
C MET F 115 8.72 -22.42 -33.90
N ASN F 116 7.46 -22.10 -33.61
CA ASN F 116 6.39 -22.25 -34.55
C ASN F 116 6.55 -21.36 -35.78
N LYS F 117 7.01 -20.12 -35.55
CA LYS F 117 7.17 -19.15 -36.63
C LYS F 117 8.22 -19.59 -37.62
N LEU F 118 9.34 -20.12 -37.11
CA LEU F 118 10.40 -20.62 -37.96
C LEU F 118 9.93 -21.82 -38.78
N PHE F 119 9.15 -22.69 -38.13
CA PHE F 119 8.56 -23.83 -38.82
C PHE F 119 7.66 -23.38 -39.96
N GLU F 120 6.77 -22.44 -39.66
CA GLU F 120 5.81 -21.91 -40.62
C GLU F 120 6.52 -21.21 -41.78
N LYS F 121 7.54 -20.42 -41.46
CA LYS F 121 8.38 -19.72 -42.43
C LYS F 121 8.97 -20.72 -43.42
N THR F 122 9.51 -21.81 -42.89
CA THR F 122 10.10 -22.86 -43.72
C THR F 122 9.06 -23.55 -44.58
N ARG F 123 7.90 -23.85 -44.00
CA ARG F 123 6.81 -24.54 -44.72
C ARG F 123 6.33 -23.75 -45.92
N ARG F 124 6.21 -22.44 -45.75
CA ARG F 124 5.69 -21.56 -46.81
C ARG F 124 6.65 -21.43 -47.99
N GLN F 125 7.94 -21.62 -47.72
CA GLN F 125 8.96 -21.59 -48.78
C GLN F 125 8.86 -22.82 -49.66
N LEU F 126 8.71 -23.97 -49.00
CA LEU F 126 8.73 -25.27 -49.66
C LEU F 126 7.53 -25.52 -50.56
N ARG F 127 6.43 -24.81 -50.32
CA ARG F 127 5.21 -24.91 -51.12
C ARG F 127 4.77 -26.37 -51.38
N GLU F 128 4.54 -26.72 -52.63
CA GLU F 128 4.09 -28.07 -53.00
C GLU F 128 5.20 -29.12 -52.94
N ASN F 129 6.45 -28.66 -52.94
CA ASN F 129 7.62 -29.53 -53.06
C ASN F 129 7.97 -30.37 -51.83
N ALA F 130 7.34 -30.06 -50.69
CA ALA F 130 7.65 -30.76 -49.43
C ALA F 130 6.43 -31.33 -48.71
N GLU F 131 6.72 -32.08 -47.66
CA GLU F 131 5.72 -32.84 -46.92
C GLU F 131 5.97 -32.67 -45.43
N ASP F 132 4.96 -32.20 -44.70
CA ASP F 132 5.04 -32.06 -43.25
C ASP F 132 4.85 -33.45 -42.64
N MET F 133 5.85 -33.91 -41.91
CA MET F 133 5.84 -35.26 -41.35
C MET F 133 5.24 -35.33 -39.95
N GLY F 134 5.05 -34.17 -39.31
CA GLY F 134 4.53 -34.12 -37.95
C GLY F 134 5.60 -34.24 -36.87
N ASP F 135 6.80 -34.64 -37.29
CA ASP F 135 7.97 -34.75 -36.42
C ASP F 135 8.60 -33.38 -36.19
N GLY F 136 8.06 -32.36 -36.86
CA GLY F 136 8.76 -31.10 -37.03
C GLY F 136 9.71 -31.19 -38.23
N CYS F 137 9.60 -32.30 -38.98
CA CYS F 137 10.43 -32.55 -40.16
C CYS F 137 9.69 -32.38 -41.48
N PHE F 138 10.42 -31.95 -42.50
CA PHE F 138 9.91 -31.84 -43.86
C PHE F 138 10.55 -32.91 -44.74
N LYS F 139 9.74 -33.60 -45.54
CA LYS F 139 10.28 -34.46 -46.60
C LYS F 139 10.23 -33.72 -47.93
N ILE F 140 11.41 -33.40 -48.44
CA ILE F 140 11.56 -32.66 -49.69
C ILE F 140 11.67 -33.66 -50.85
N TYR F 141 10.85 -33.46 -51.88
CA TYR F 141 10.71 -34.42 -52.98
C TYR F 141 11.64 -34.16 -54.17
N HIS F 142 12.86 -33.72 -53.90
CA HIS F 142 13.86 -33.52 -54.94
C HIS F 142 15.26 -33.54 -54.36
N LYS F 143 16.26 -33.77 -55.22
CA LYS F 143 17.65 -33.71 -54.80
C LYS F 143 17.96 -32.29 -54.34
N CYS F 144 18.47 -32.18 -53.12
CA CYS F 144 18.69 -30.89 -52.51
C CYS F 144 20.01 -30.93 -51.76
N ASP F 145 21.06 -30.40 -52.39
CA ASP F 145 22.39 -30.40 -51.79
C ASP F 145 22.54 -29.36 -50.67
N ASN F 146 23.76 -29.18 -50.17
CA ASN F 146 24.00 -28.23 -49.10
C ASN F 146 23.82 -26.78 -49.53
N ALA F 147 24.01 -26.52 -50.82
CA ALA F 147 23.74 -25.20 -51.39
C ALA F 147 22.24 -24.96 -51.46
N CYS F 148 21.49 -26.03 -51.70
CA CYS F 148 20.03 -26.00 -51.80
C CYS F 148 19.40 -25.80 -50.43
N ILE F 149 19.85 -26.58 -49.45
CA ILE F 149 19.38 -26.44 -48.06
C ILE F 149 19.74 -25.06 -47.51
N GLU F 150 20.99 -24.65 -47.73
CA GLU F 150 21.43 -23.29 -47.42
C GLU F 150 20.43 -22.24 -47.91
N SER F 151 19.95 -22.38 -49.14
CA SER F 151 19.04 -21.39 -49.73
C SER F 151 17.69 -21.33 -49.02
N ILE F 152 17.25 -22.46 -48.47
CA ILE F 152 16.04 -22.50 -47.64
C ILE F 152 16.27 -21.72 -46.34
N ARG F 153 17.42 -21.97 -45.70
CA ARG F 153 17.76 -21.35 -44.43
C ARG F 153 17.94 -19.83 -44.51
N THR F 154 18.33 -19.32 -45.68
CA THR F 154 18.46 -17.88 -45.90
C THR F 154 17.15 -17.28 -46.36
N GLY F 155 16.36 -18.06 -47.08
CA GLY F 155 15.09 -17.59 -47.64
C GLY F 155 15.22 -17.14 -49.09
N THR F 156 16.05 -17.84 -49.84
CA THR F 156 16.26 -17.54 -51.27
C THR F 156 15.81 -18.71 -52.15
N TYR F 157 15.40 -19.81 -51.51
CA TYR F 157 14.93 -21.01 -52.20
C TYR F 157 13.78 -20.71 -53.16
N ASP F 158 14.04 -20.90 -54.45
CA ASP F 158 13.01 -20.75 -55.48
C ASP F 158 12.39 -22.13 -55.75
N HIS F 159 11.10 -22.24 -55.46
CA HIS F 159 10.41 -23.53 -55.51
C HIS F 159 10.04 -23.95 -56.94
N TYR F 160 9.91 -22.99 -57.86
CA TYR F 160 9.54 -23.27 -59.25
C TYR F 160 10.58 -24.10 -59.99
N ILE F 161 11.85 -23.95 -59.61
CA ILE F 161 12.97 -24.67 -60.22
C ILE F 161 12.90 -26.18 -59.98
N TYR F 162 12.35 -26.58 -58.84
CA TYR F 162 12.28 -28.00 -58.48
C TYR F 162 10.88 -28.58 -58.61
N ARG F 163 9.88 -27.73 -58.89
CA ARG F 163 8.48 -28.14 -58.89
C ARG F 163 8.24 -29.37 -59.75
N ASP F 164 8.72 -29.34 -61.00
CA ASP F 164 8.57 -30.46 -61.93
C ASP F 164 9.19 -31.74 -61.40
N GLU F 165 10.43 -31.63 -60.92
CA GLU F 165 11.13 -32.75 -60.31
C GLU F 165 10.36 -33.29 -59.10
N ALA F 166 9.78 -32.38 -58.33
CA ALA F 166 9.03 -32.74 -57.12
C ALA F 166 7.71 -33.43 -57.42
N LEU F 167 7.06 -33.01 -58.51
CA LEU F 167 5.81 -33.61 -58.96
C LEU F 167 6.03 -35.04 -59.47
N ASN F 168 7.13 -35.24 -60.18
CA ASN F 168 7.52 -36.57 -60.67
C ASN F 168 7.69 -37.53 -59.51
N ASN F 169 8.51 -37.12 -58.54
CA ASN F 169 8.84 -37.95 -57.39
C ASN F 169 7.64 -38.23 -56.49
N ARG F 170 6.80 -37.22 -56.30
CA ARG F 170 5.63 -37.33 -55.46
C ARG F 170 4.57 -38.26 -56.05
N PHE F 171 4.27 -38.06 -57.34
CA PHE F 171 3.18 -38.76 -58.01
C PHE F 171 3.58 -40.06 -58.67
N GLN F 172 4.77 -40.56 -58.34
CA GLN F 172 5.18 -41.89 -58.76
C GLN F 172 4.12 -42.95 -58.46
N SER F 173 3.18 -42.63 -57.56
CA SER F 173 2.28 -43.64 -56.96
C SER F 173 0.80 -43.66 -57.40
N GLY F 174 0.09 -44.70 -56.94
CA GLY F 174 -1.31 -44.97 -57.28
C GLY F 174 -1.57 -46.49 -57.27
N ARG F 175 -2.71 -46.90 -56.71
CA ARG F 175 -3.01 -48.34 -56.54
C ARG F 175 -3.45 -49.00 -57.83
#